data_7KWO
#
_entry.id   7KWO
#
_cell.length_a   1.00
_cell.length_b   1.00
_cell.length_c   1.00
_cell.angle_alpha   90.00
_cell.angle_beta   90.00
_cell.angle_gamma   90.00
#
_symmetry.space_group_name_H-M   'P 1'
#
loop_
_entity.id
_entity.type
_entity.pdbx_description
1 polymer 'Coagulation factor FVIII-Fc-XTEN'
2 polymer 'von Willebrand factor-XTEN-Fc'
3 branched beta-D-mannopyranose-(1-4)-2-acetamido-2-deoxy-beta-D-glucopyranose-(1-4)-2-acetamido-2-deoxy-beta-D-glucopyranose
4 non-polymer 2-acetamido-2-deoxy-beta-D-glucopyranose
5 non-polymer 'CALCIUM ION'
6 non-polymer 'ZINC ION'
7 non-polymer 'COPPER (II) ION'
#
loop_
_entity_poly.entity_id
_entity_poly.type
_entity_poly.pdbx_seq_one_letter_code
_entity_poly.pdbx_strand_id
1 'polypeptide(L)'
;MQIELSTCFFLCLLRFCFSATRRYYLGAVELSWDYMQSDLGELPVDARFPPRVPKSFPFNTSVVYKKTLFVEFTDHLFNI
AKPRPPWMGLLGPTIQAEVYDTVVITLKNMASHPVSLHAVGVSYWKASEGAEYDDQTSQREKEDDKVFPGGSHTYVWQVL
KENGPMASDPLCLTYSYLSHVDLVKDLNSGLIGALLVCREGSLAKEKTQTLHKFILLFAVFDEGKSWHSETKNSLMQDRD
AASARAWPKMHTVNGYVNRSLPGLIGCHRKSVYWHVIGMGTTPEVHSIFLEGHTFLVRNHRQASLEISPITFLTAQTLLM
DLGQFLLFCHISSHQHDGMEAYVKVDSCPEEPQLRMKNNEEAEDYDDDLTDSEMDVVRFDDDNSPSFIQIRSVAKKHPKT
WVHYIAAEEEDWDYAPLVLAPDDRSYKSQYLNNGPQRIGRKYKKVRFMAYTDETFKTREAIQHESGILGPLLYGEVGDTL
LIIFKNQASRPYNIYPHGITDVRPLYSRRLPKGVKHLKDFPILPGEIFKYKWTVTVEDGPTKSDPRCLTRYYSSFVNMER
DLASGLIGPLLICYKESVDQRGNQIMSDKRNVILFSVFDENRSWYLTENIQRFLPNPAGVQLEDPEFQASNIMHSINGYV
FDSLQLSVCLHEVAYWYILSIGAQTDFLSVFFSGYTFKHKMVYEDTLTLFPFSGETVFMSMENPGLWILGCHNSDFRNRG
MTALLKVSSCDKNTGDYYEDSYEDISAYLLSKNNAIEPRSFSQNGTSESATPESGPGSEPATSGSETPGTSESATPESGP
GSEPATSGSETPGTSESATPESGPGTSTEPSEGSAPGSPAGSPTSTEEGTSESATPESGPGSEPATSGSETPGTSESATP
ESGPGSPAGSPTSTEEGSPAGSPTSTEEGTSTEPSEGSAPGTSESATPESGPGTSESATPESGPGTSESATPESGPGSEP
ATSGSETPGSEPATSGSETPGSPAGSPTSTEEGTSTEPSEGSAPGTSTEPSEGSAPGSEPATSGSETPGTSESATPESGP
GTSTEPSEGSAPASSEITRTTLQSDQEEIDYDDTISVEMKKEDFDI(TYS)DEDENQSPRSFQKKTRHYFIAAVERLWDY
GMSSSPHVLRNRAQSGSVPQFKKVVFQEFTDGSFTQPLYRGELNEHLGLLGPYIRAEVEDNIMVTFRNQASRPYSFYSSL
ISYEEDQRQGAEPRKNFVKPNETKTYFWKVQHHMAPTKDEFDCKAWAYFSDVDLEKDVHSGLIGPLLVCHTNTLNPAHGR
QVTVQEFALFFTIFDETKSWYFTENMERNCRAPCNIQMEDPTFKENYRFHAINGYIMDTLPGLVMAQDQRIRWYLLSMGS
NENIHSIHFSGHVFTVRKKEEYKMALYNLYPGVFETVEMLPSKAGIWRVECLIGEHLHAGMSTLFLVYSNKCQTPLGMAS
GHIRDFQITASGQYGQWAPKLARLHYSGSINAWSTKEPFSWIKVDLLAPMIIHGIKTQGARQKFSSLYISQFIIMYSLDG
KKWQTYRGNSTGTLMVFFGNVDSSGIKHNIFNPPIIARYIRLHPTHYSIRSTLRMELMGCDLNSCSMPLGMESKAISDAQ
ITASSYFTNMFATWSPSKARLHLQGRSNAWRPQVNNPKEWLQVDFQKTMKVTGVTTQGVKSLLTSMYVKEFLISSSQDGH
QWTLFFQNGKVKVFQGNQDSFTPVVNSLDPPLLTRYLRIHPQSWVHQIALRMEVLGCEAQDLYDKTHTCPPCPAPELLGG
PSVFLFPPKPKDTLMISRTPEVTCVVVDVSHEDPEVKFNWYVDGVEVHNAKTKPREEQYNSTYRVVSVLTVLHQDWLNGK
EYKCKVSNKALPAPIEKTISKAKGQPREPQVYTLPPSRDELTKNQVSLTCLVKGFYPSDIAVEWESNGQPENNYKTTPPV
LDSDGSFFLYSKLTVDKSRWQQGNVFSCSVMHEALHNHYTQKSLSLSPG
;
A
2 'polypeptide(L)'
;MIPARFAGVLLALALILPGTLCAEGTRGRSSTARCSLFGSDFVNTFDGSMYSFAGYCSYLLAGGCQKRSFSIIGDFQNGK
RVSLSVYLGEFFDIHLFVNGTVTQGDQRVSMPYASKGLYLETEAGYYKLSGEAYGFVARIDGSGNFQVLLSDRYFNKTCG
LCGNFNIFAEDDFMTQEGTLTSDPYDFANSWALSSGEQWCERASPPSSSCNISSGEMQKGLWEQCQLLKSTSVFARCHPL
VDPEPFVALCEKTLCECAGGLECACPALLEYARTCAQEGMVLYGWTDHSACSPVCPAGMEYRQCVSPCARTCQSLHINEM
CQERCVDGCSCPEGQLLDEGLCVESTECPCVHSGKRYPPGTSLSRDCNTCICRNSQWICSNEECPGECLVTGQSHFKSFD
NRYFTFSGICQYLLARDCQDHSFSIVIETVQCADDRDAVCTRSVTVRLPGLHNSLVKLKHGAGVAMDGQDIQLPLLKGDL
RIQHTVTASVRLSYGEDLQMDWDGRGRLLVKLSPVYAGKTCGLCGNYNGNQGDDFLTPSGLAEPRVEDFGNAWKLHGDCQ
DLQKQHSDPCALNPRMTRFSEEACAVLTSPTFEACHRAVSPLPYLRNCRYDVCSCSDGRECLCGALASYAAACAGRGVRV
AWREPGRCELNCPKGQVYLQCGTPCNLTCRSLSYPDEECNEACLEGCFCPPGLYMDERGDCVPKAQCPCYYDGEIFQPED
IFSDHHTMCYCEDGFMHCTMSGVPGSLLPDAVLSSPLSHRSKRSLSCRPPMVKLVCPADNLRAEGLECTKTCQNYDLECM
SMGCVSGCLCPPGMVRHENRCVALERCPCFHQGKEYAPGETVKIGCNTCVCRDRKWNCTDHVCDATCSTIGMAHYLTFDG
LKYLFPGECQYVLVQDYCGSNPGTFRILVGNKGCSHPSVKCKKRVTILVEGGEIELFDGEVNVKRPMKDETHFEVVESGR
YIILLLGKALSVVWDRHLSISVVLKQTYQEKVCGLCGNFDGIQNNDLTSSNLQVEEDPVDFGNSWKVSSQCADTRKVPLD
SSPATCHNNIMKQTMVDSSCRILTSDVFQDCNKLVDPEPYLDVCIYDTCSCESIGDCAAFCDTIAAYAHVCAQHGKVVTW
RTATLCPQSCEERNLRENGYEAEWRYNSCAPACQVTCQHPEPLACPVQCVEGCHAHCPPGKILDELLQTCVDPEDCPVCE
VAGRRFASGKKVTLNPSDPEHCQICHCDVVNLTCEACQEPGTSESATPESGPGSEPATSGSETPGTSESATPESGPGSEP
ATSGSETPGTSESATPESGPGTSTEPSEGSAPGSPAGSPTSTEEGTSESATPESGPGSEPATSGSETPGTSESATPESGP
GSPAGSPTSTEEGSPAGSPTSTEEGASSDKNTGDYYEDSYEDISAYLLSKNNAIEPRSFSDKTHTCPPCPAPELLGGPSV
FLFPPKPKDTLMISRTPEVTCVVVDVSHEDPEVKFNWYVDGVEVHNAKTKPREEQYNSTYRVVSVLTVLHQDWLNGKEYK
CKVSNKALPAPIEKTISKAKGQPREPQVYTLPPSRDELTKNQVSLTCLVKGFYPSDIAVEWESNGQPENNYKTTPPVLDS
DGSFFLYSKLTVDKSRWQQGNVFSCSVMHEALHNHYTQKSLSLSPG
;
V
#
loop_
_chem_comp.id
_chem_comp.type
_chem_comp.name
_chem_comp.formula
BMA D-saccharide, beta linking beta-D-mannopyranose 'C6 H12 O6'
CA non-polymer 'CALCIUM ION' 'Ca 2'
CU non-polymer 'COPPER (II) ION' 'Cu 2'
NAG D-saccharide, beta linking 2-acetamido-2-deoxy-beta-D-glucopyranose 'C8 H15 N O6'
ZN non-polymer 'ZINC ION' 'Zn 2'
#
# COMPACT_ATOMS: atom_id res chain seq x y z
N ALA A 20 31.68 -4.57 -4.04
CA ALA A 20 32.56 -3.78 -4.87
C ALA A 20 31.79 -3.08 -5.99
N THR A 21 32.51 -2.30 -6.79
CA THR A 21 31.93 -1.61 -7.94
C THR A 21 32.61 -2.10 -9.20
N ARG A 22 31.81 -2.49 -10.20
CA ARG A 22 32.32 -3.05 -11.45
C ARG A 22 31.85 -2.18 -12.60
N ARG A 23 32.79 -1.74 -13.44
CA ARG A 23 32.52 -0.87 -14.56
C ARG A 23 32.54 -1.67 -15.85
N TYR A 24 31.50 -1.51 -16.67
CA TYR A 24 31.42 -2.15 -17.97
C TYR A 24 31.06 -1.11 -19.02
N TYR A 25 31.73 -1.18 -20.16
CA TYR A 25 31.50 -0.26 -21.27
C TYR A 25 30.85 -1.06 -22.40
N LEU A 26 29.54 -0.88 -22.55
CA LEU A 26 28.77 -1.61 -23.55
C LEU A 26 28.44 -0.70 -24.72
N GLY A 27 28.54 -1.25 -25.93
CA GLY A 27 28.12 -0.53 -27.12
C GLY A 27 27.29 -1.41 -28.03
N ALA A 28 26.19 -0.88 -28.55
CA ALA A 28 25.34 -1.63 -29.46
C ALA A 28 25.89 -1.55 -30.89
N VAL A 29 26.96 -2.32 -31.12
CA VAL A 29 27.64 -2.26 -32.41
C VAL A 29 26.85 -3.04 -33.44
N GLU A 30 26.63 -2.43 -34.59
CA GLU A 30 25.88 -3.04 -35.68
C GLU A 30 26.85 -3.68 -36.66
N LEU A 31 26.82 -5.01 -36.76
CA LEU A 31 27.80 -5.78 -37.51
C LEU A 31 27.08 -6.71 -38.48
N SER A 32 27.88 -7.39 -39.29
CA SER A 32 27.41 -8.41 -40.23
C SER A 32 27.82 -9.77 -39.69
N TRP A 33 26.85 -10.65 -39.51
CA TRP A 33 27.04 -11.95 -38.87
C TRP A 33 26.63 -13.07 -39.83
N ASP A 34 27.45 -14.12 -39.88
CA ASP A 34 27.12 -15.34 -40.60
C ASP A 34 27.09 -16.48 -39.58
N TYR A 35 26.02 -17.28 -39.62
CA TYR A 35 25.83 -18.30 -38.60
C TYR A 35 26.85 -19.42 -38.74
N MET A 36 27.23 -19.76 -39.97
CA MET A 36 28.21 -20.82 -40.21
C MET A 36 29.60 -20.39 -39.78
N VAL A 64 25.00 -13.99 -44.76
CA VAL A 64 25.48 -12.91 -43.89
C VAL A 64 24.39 -11.87 -43.68
N TYR A 65 23.80 -11.89 -42.49
CA TYR A 65 22.76 -10.94 -42.13
C TYR A 65 23.36 -9.81 -41.30
N LYS A 66 22.52 -8.84 -40.97
CA LYS A 66 22.94 -7.67 -40.21
C LYS A 66 22.32 -7.72 -38.83
N LYS A 67 23.16 -7.64 -37.79
CA LYS A 67 22.72 -7.81 -36.41
C LYS A 67 23.36 -6.75 -35.53
N THR A 68 22.59 -6.28 -34.55
CA THR A 68 23.10 -5.36 -33.54
C THR A 68 23.45 -6.14 -32.28
N LEU A 69 24.70 -6.05 -31.85
CA LEU A 69 25.21 -6.84 -30.75
C LEU A 69 25.80 -5.96 -29.67
N PHE A 70 25.55 -6.33 -28.42
CA PHE A 70 26.26 -5.72 -27.29
C PHE A 70 27.73 -6.12 -27.35
N VAL A 71 28.61 -5.12 -27.31
CA VAL A 71 30.05 -5.34 -27.39
C VAL A 71 30.71 -4.64 -26.21
N GLU A 72 31.63 -5.32 -25.55
CA GLU A 72 32.37 -4.76 -24.43
C GLU A 72 33.63 -4.05 -24.95
N PHE A 73 33.86 -2.84 -24.46
CA PHE A 73 35.03 -2.06 -24.80
C PHE A 73 35.97 -1.98 -23.59
N THR A 74 37.07 -1.25 -23.76
CA THR A 74 38.08 -1.14 -22.71
C THR A 74 38.06 0.20 -21.99
N ASP A 75 37.77 1.29 -22.69
CA ASP A 75 37.81 2.62 -22.12
C ASP A 75 36.45 3.29 -22.27
N HIS A 76 36.30 4.43 -21.59
CA HIS A 76 35.08 5.22 -21.69
C HIS A 76 34.93 5.89 -23.05
N LEU A 77 35.97 5.86 -23.88
CA LEU A 77 35.91 6.44 -25.22
C LEU A 77 35.19 5.55 -26.22
N PHE A 78 34.95 4.29 -25.87
CA PHE A 78 34.27 3.34 -26.76
C PHE A 78 34.98 3.20 -28.10
N ASN A 79 36.32 3.19 -28.06
CA ASN A 79 37.12 3.11 -29.28
C ASN A 79 37.76 1.75 -29.50
N ILE A 80 38.14 1.05 -28.43
CA ILE A 80 38.81 -0.25 -28.52
C ILE A 80 37.87 -1.31 -27.97
N ALA A 81 37.61 -2.33 -28.77
CA ALA A 81 36.74 -3.42 -28.34
C ALA A 81 37.52 -4.48 -27.59
N LYS A 82 36.97 -4.95 -26.48
CA LYS A 82 37.62 -5.97 -25.68
C LYS A 82 37.48 -7.33 -26.35
N PRO A 83 38.55 -8.14 -26.38
CA PRO A 83 38.46 -9.45 -27.03
C PRO A 83 37.42 -10.35 -26.35
N ARG A 84 36.80 -11.21 -27.16
CA ARG A 84 35.79 -12.15 -26.69
C ARG A 84 36.15 -13.52 -27.24
N PRO A 85 36.03 -14.57 -26.42
CA PRO A 85 36.38 -15.91 -26.90
C PRO A 85 35.43 -16.34 -28.00
N PRO A 86 35.91 -17.16 -28.94
CA PRO A 86 35.09 -17.52 -30.11
C PRO A 86 33.82 -18.28 -29.76
N TRP A 87 33.79 -18.97 -28.62
CA TRP A 87 32.63 -19.80 -28.29
C TRP A 87 31.41 -19.00 -27.87
N MET A 88 31.53 -17.68 -27.70
CA MET A 88 30.41 -16.88 -27.24
C MET A 88 29.50 -16.43 -28.38
N GLY A 89 30.07 -16.10 -29.53
CA GLY A 89 29.26 -15.74 -30.68
C GLY A 89 28.43 -14.49 -30.46
N LEU A 90 27.15 -14.57 -30.81
CA LEU A 90 26.25 -13.44 -30.72
C LEU A 90 26.03 -12.95 -29.30
N LEU A 91 26.38 -13.75 -28.30
CA LEU A 91 26.20 -13.33 -26.92
C LEU A 91 27.10 -12.15 -26.59
N GLY A 92 26.55 -11.19 -25.84
CA GLY A 92 27.33 -10.08 -25.35
C GLY A 92 28.27 -10.54 -24.25
N PRO A 93 28.99 -9.60 -23.64
CA PRO A 93 29.90 -9.97 -22.55
C PRO A 93 29.13 -10.46 -21.33
N THR A 94 29.78 -11.36 -20.60
CA THR A 94 29.22 -11.89 -19.36
C THR A 94 29.44 -10.88 -18.24
N ILE A 95 28.36 -10.47 -17.59
CA ILE A 95 28.42 -9.54 -16.47
C ILE A 95 28.29 -10.36 -15.20
N GLN A 96 29.37 -10.49 -14.45
CA GLN A 96 29.40 -11.28 -13.23
C GLN A 96 29.41 -10.36 -12.02
N ALA A 97 28.48 -10.57 -11.09
CA ALA A 97 28.39 -9.73 -9.90
C ALA A 97 28.14 -10.61 -8.68
N GLU A 98 28.83 -10.30 -7.58
CA GLU A 98 28.60 -10.99 -6.33
C GLU A 98 27.38 -10.41 -5.61
N VAL A 99 27.00 -11.06 -4.51
CA VAL A 99 25.78 -10.68 -3.81
C VAL A 99 25.89 -9.31 -3.16
N TYR A 100 27.10 -8.84 -2.86
CA TYR A 100 27.25 -7.52 -2.27
C TYR A 100 28.09 -6.62 -3.15
N ASP A 101 27.81 -6.63 -4.45
CA ASP A 101 28.45 -5.76 -5.42
C ASP A 101 27.43 -4.79 -6.00
N THR A 102 27.91 -3.87 -6.83
CA THR A 102 27.06 -2.93 -7.58
C THR A 102 27.65 -2.86 -8.99
N VAL A 103 26.79 -2.93 -10.01
CA VAL A 103 27.29 -2.91 -11.39
C VAL A 103 26.97 -1.58 -12.08
N VAL A 104 28.01 -0.97 -12.65
CA VAL A 104 27.86 0.28 -13.37
C VAL A 104 28.22 0.00 -14.84
N ILE A 105 27.23 0.13 -15.71
CA ILE A 105 27.43 -0.15 -17.13
C ILE A 105 27.16 1.12 -17.91
N THR A 106 28.10 1.50 -18.77
CA THR A 106 27.93 2.64 -19.67
C THR A 106 27.57 2.12 -21.05
N LEU A 107 26.32 2.33 -21.45
CA LEU A 107 25.81 1.86 -22.73
C LEU A 107 25.84 3.00 -23.73
N LYS A 108 26.58 2.82 -24.82
CA LYS A 108 26.64 3.77 -25.91
C LYS A 108 25.99 3.15 -27.14
N ASN A 109 24.99 3.84 -27.68
CA ASN A 109 24.25 3.34 -28.84
C ASN A 109 25.02 3.68 -30.10
N MET A 110 25.70 2.69 -30.66
CA MET A 110 26.44 2.85 -31.90
C MET A 110 25.69 2.27 -33.10
N ALA A 111 24.41 1.97 -32.93
CA ALA A 111 23.57 1.40 -33.97
C ALA A 111 22.71 2.50 -34.61
N SER A 112 21.78 2.09 -35.46
CA SER A 112 20.85 3.02 -36.10
C SER A 112 19.46 2.99 -35.46
N HIS A 113 19.30 2.31 -34.33
CA HIS A 113 18.03 2.18 -33.66
C HIS A 113 18.25 2.33 -32.16
N PRO A 114 17.23 2.76 -31.41
CA PRO A 114 17.39 2.87 -29.97
C PRO A 114 17.58 1.52 -29.30
N VAL A 115 18.37 1.51 -28.23
CA VAL A 115 18.65 0.31 -27.45
C VAL A 115 18.41 0.62 -25.97
N SER A 116 18.67 -0.36 -25.13
CA SER A 116 18.57 -0.18 -23.68
C SER A 116 19.30 -1.34 -23.00
N LEU A 117 19.26 -1.33 -21.67
CA LEU A 117 19.83 -2.40 -20.84
C LEU A 117 18.82 -2.72 -19.74
N HIS A 118 17.91 -3.64 -20.03
CA HIS A 118 16.97 -4.13 -19.04
C HIS A 118 17.51 -5.42 -18.46
N ALA A 119 17.78 -5.43 -17.17
CA ALA A 119 18.40 -6.56 -16.50
C ALA A 119 17.35 -7.38 -15.75
N VAL A 120 17.64 -8.67 -15.64
CA VAL A 120 16.80 -9.62 -14.90
C VAL A 120 17.64 -10.14 -13.74
N GLY A 121 17.05 -10.20 -12.56
CA GLY A 121 17.74 -10.78 -11.41
C GLY A 121 18.30 -9.78 -10.42
N VAL A 122 18.88 -8.68 -10.91
CA VAL A 122 19.44 -7.65 -10.06
C VAL A 122 18.38 -6.62 -9.73
N SER A 123 18.66 -5.77 -8.74
CA SER A 123 17.79 -4.66 -8.37
C SER A 123 18.38 -3.35 -8.87
N TYR A 124 17.49 -2.40 -9.16
CA TYR A 124 17.90 -1.10 -9.67
C TYR A 124 16.77 -0.11 -9.41
N TRP A 125 17.09 1.17 -9.54
CA TRP A 125 16.09 2.22 -9.47
C TRP A 125 15.41 2.38 -10.83
N LYS A 126 14.35 3.18 -10.84
CA LYS A 126 13.65 3.45 -12.10
C LYS A 126 14.52 4.17 -13.10
N ALA A 127 15.65 4.73 -12.68
CA ALA A 127 16.59 5.40 -13.57
C ALA A 127 17.53 4.43 -14.25
N SER A 128 17.47 3.14 -13.93
CA SER A 128 18.31 2.14 -14.58
C SER A 128 17.52 0.94 -15.06
N GLU A 129 16.18 1.00 -15.04
CA GLU A 129 15.38 -0.15 -15.44
C GLU A 129 15.56 -0.48 -16.92
N GLY A 130 15.62 0.53 -17.77
CA GLY A 130 15.84 0.29 -19.18
C GLY A 130 14.61 -0.10 -19.96
N ALA A 131 13.42 0.06 -19.39
CA ALA A 131 12.17 -0.28 -20.04
C ALA A 131 11.23 0.92 -19.95
N GLU A 132 10.39 1.08 -20.98
CA GLU A 132 9.52 2.24 -21.10
C GLU A 132 8.07 1.81 -20.94
N TYR A 133 7.38 2.41 -19.98
CA TYR A 133 5.95 2.20 -19.76
C TYR A 133 5.44 3.29 -18.84
N ASP A 134 4.16 3.21 -18.50
CA ASP A 134 3.48 4.29 -17.77
C ASP A 134 3.77 4.16 -16.27
N ASP A 135 5.00 4.49 -15.90
CA ASP A 135 5.45 4.41 -14.52
C ASP A 135 5.42 5.76 -13.81
N GLN A 136 4.95 6.81 -14.48
CA GLN A 136 4.74 8.12 -13.88
C GLN A 136 6.02 8.71 -13.28
N THR A 137 7.16 8.42 -13.88
CA THR A 137 8.42 8.98 -13.40
C THR A 137 8.77 10.26 -14.16
N SER A 138 9.72 10.99 -13.63
CA SER A 138 10.18 12.22 -14.27
C SER A 138 11.04 11.91 -15.49
N GLN A 139 11.19 12.92 -16.35
CA GLN A 139 11.97 12.73 -17.56
C GLN A 139 13.43 12.42 -17.27
N ARG A 140 13.92 12.76 -16.08
CA ARG A 140 15.26 12.35 -15.68
C ARG A 140 15.35 10.85 -15.44
N GLU A 141 14.24 10.24 -15.02
CA GLU A 141 14.15 8.80 -14.84
C GLU A 141 13.65 8.08 -16.08
N LYS A 142 13.46 8.80 -17.18
CA LYS A 142 13.07 8.21 -18.45
C LYS A 142 14.23 8.14 -19.44
N GLU A 143 15.42 8.62 -19.07
CA GLU A 143 16.56 8.56 -19.97
C GLU A 143 17.05 7.13 -20.17
N ASP A 144 16.75 6.22 -19.23
CA ASP A 144 17.14 4.83 -19.37
C ASP A 144 16.27 4.09 -20.38
N ASP A 145 15.04 4.54 -20.58
CA ASP A 145 14.07 3.77 -21.35
C ASP A 145 14.54 3.59 -22.80
N LYS A 146 15.00 4.66 -23.44
CA LYS A 146 15.53 4.58 -24.79
C LYS A 146 16.85 5.34 -24.87
N VAL A 147 17.81 4.76 -25.57
CA VAL A 147 19.09 5.40 -25.84
C VAL A 147 19.19 5.54 -27.35
N PHE A 148 18.85 6.73 -27.85
CA PHE A 148 18.79 6.94 -29.29
C PHE A 148 20.19 6.90 -29.88
N PRO A 149 20.31 6.60 -31.18
CA PRO A 149 21.64 6.41 -31.78
C PRO A 149 22.55 7.62 -31.58
N GLY A 150 23.80 7.34 -31.27
CA GLY A 150 24.77 8.36 -30.91
C GLY A 150 24.75 8.78 -29.47
N GLY A 151 23.71 8.42 -28.72
CA GLY A 151 23.61 8.78 -27.33
C GLY A 151 24.37 7.84 -26.42
N SER A 152 24.18 8.03 -25.12
CA SER A 152 24.82 7.19 -24.11
C SER A 152 24.00 7.28 -22.84
N HIS A 153 24.18 6.28 -21.98
CA HIS A 153 23.50 6.25 -20.69
C HIS A 153 24.32 5.40 -19.74
N THR A 154 24.05 5.55 -18.46
CA THR A 154 24.73 4.79 -17.42
C THR A 154 23.70 4.12 -16.53
N TYR A 155 23.78 2.81 -16.43
CA TYR A 155 22.89 2.01 -15.60
C TYR A 155 23.63 1.51 -14.38
N VAL A 156 23.01 1.63 -13.21
CA VAL A 156 23.56 1.15 -11.95
C VAL A 156 22.63 0.05 -11.43
N TRP A 157 23.17 -1.16 -11.31
CA TRP A 157 22.43 -2.30 -10.80
C TRP A 157 23.00 -2.71 -9.46
N GLN A 158 22.14 -2.82 -8.45
CA GLN A 158 22.53 -3.21 -7.11
C GLN A 158 22.14 -4.67 -6.90
N VAL A 159 23.11 -5.48 -6.49
CA VAL A 159 22.87 -6.86 -6.08
C VAL A 159 22.71 -6.83 -4.57
N LEU A 160 21.53 -7.19 -4.08
CA LEU A 160 21.24 -7.14 -2.66
C LEU A 160 21.23 -8.56 -2.09
N LYS A 161 20.93 -8.67 -0.78
CA LYS A 161 20.76 -9.99 -0.20
C LYS A 161 19.50 -10.66 -0.72
N GLU A 162 18.50 -9.85 -1.11
CA GLU A 162 17.30 -10.36 -1.76
C GLU A 162 17.60 -10.98 -3.12
N ASN A 163 18.68 -10.56 -3.77
CA ASN A 163 19.02 -11.01 -5.11
C ASN A 163 20.09 -12.09 -5.14
N GLY A 164 20.47 -12.61 -3.97
CA GLY A 164 21.49 -13.63 -3.91
C GLY A 164 20.92 -15.03 -3.90
N PRO A 165 21.70 -16.00 -4.37
CA PRO A 165 21.25 -17.39 -4.36
C PRO A 165 21.01 -17.88 -2.94
N MET A 166 20.00 -18.73 -2.79
CA MET A 166 19.61 -19.26 -1.49
C MET A 166 20.61 -20.33 -1.05
N ALA A 167 20.28 -21.04 0.03
CA ALA A 167 21.15 -22.11 0.51
C ALA A 167 21.20 -23.28 -0.46
N SER A 168 20.10 -23.53 -1.17
CA SER A 168 20.02 -24.67 -2.09
C SER A 168 20.43 -24.29 -3.51
N ASP A 169 20.29 -23.02 -3.87
CA ASP A 169 20.67 -22.57 -5.20
C ASP A 169 22.17 -22.75 -5.42
N PRO A 170 22.61 -22.93 -6.66
CA PRO A 170 24.04 -23.15 -6.92
C PRO A 170 24.90 -21.93 -6.63
N LEU A 171 26.20 -22.04 -6.93
CA LEU A 171 27.12 -20.96 -6.63
C LEU A 171 26.76 -19.67 -7.34
N CYS A 172 26.35 -19.75 -8.61
CA CYS A 172 25.96 -18.58 -9.37
C CYS A 172 24.59 -18.80 -10.02
N LEU A 173 23.68 -17.87 -9.78
CA LEU A 173 22.41 -17.83 -10.49
C LEU A 173 22.61 -17.24 -11.88
N THR A 174 21.76 -17.68 -12.81
CA THR A 174 21.85 -17.32 -14.21
C THR A 174 20.72 -16.37 -14.59
N TYR A 175 21.06 -15.27 -15.25
CA TYR A 175 20.06 -14.36 -15.78
C TYR A 175 20.62 -13.76 -17.07
N SER A 176 19.86 -12.84 -17.65
CA SER A 176 20.33 -12.14 -18.84
C SER A 176 19.92 -10.68 -18.79
N TYR A 177 20.75 -9.85 -19.41
CA TYR A 177 20.36 -8.50 -19.78
C TYR A 177 20.05 -8.46 -21.27
N LEU A 178 19.18 -7.52 -21.65
CA LEU A 178 18.70 -7.48 -23.02
C LEU A 178 18.20 -6.08 -23.33
N SER A 179 18.29 -5.70 -24.60
CA SER A 179 17.65 -4.48 -25.06
C SER A 179 16.13 -4.64 -25.00
N HIS A 180 15.45 -3.61 -24.53
CA HIS A 180 14.03 -3.72 -24.24
C HIS A 180 13.23 -2.60 -24.89
N VAL A 181 13.79 -1.92 -25.90
CA VAL A 181 13.05 -0.86 -26.59
C VAL A 181 11.88 -1.46 -27.36
N ASP A 182 12.14 -2.51 -28.13
CA ASP A 182 11.10 -3.29 -28.83
C ASP A 182 11.53 -4.74 -28.69
N LEU A 183 10.80 -5.51 -27.88
CA LEU A 183 11.29 -6.80 -27.44
C LEU A 183 11.52 -7.76 -28.61
N VAL A 184 10.59 -7.81 -29.57
CA VAL A 184 10.73 -8.76 -30.67
C VAL A 184 11.95 -8.43 -31.53
N LYS A 185 12.07 -7.16 -31.95
CA LYS A 185 13.18 -6.77 -32.80
C LYS A 185 14.50 -6.83 -32.05
N ASP A 186 14.52 -6.40 -30.79
CA ASP A 186 15.74 -6.43 -30.01
C ASP A 186 16.23 -7.86 -29.80
N LEU A 187 15.31 -8.77 -29.50
CA LEU A 187 15.71 -10.17 -29.30
C LEU A 187 16.17 -10.81 -30.61
N ASN A 188 15.44 -10.56 -31.71
CA ASN A 188 15.81 -11.18 -32.98
C ASN A 188 17.04 -10.53 -33.61
N SER A 189 17.45 -9.35 -33.14
CA SER A 189 18.63 -8.67 -33.67
C SER A 189 19.92 -9.13 -33.02
N GLY A 190 19.86 -9.80 -31.88
CA GLY A 190 21.03 -10.28 -31.20
C GLY A 190 21.46 -9.49 -29.97
N LEU A 191 20.56 -8.73 -29.34
CA LEU A 191 20.89 -7.92 -28.18
C LEU A 191 20.49 -8.70 -26.93
N ILE A 192 21.43 -9.53 -26.45
CA ILE A 192 21.21 -10.40 -25.30
C ILE A 192 22.57 -10.74 -24.71
N GLY A 193 22.63 -10.84 -23.39
CA GLY A 193 23.88 -11.17 -22.74
C GLY A 193 23.65 -11.78 -21.38
N ALA A 194 24.67 -12.47 -20.88
CA ALA A 194 24.57 -13.23 -19.65
C ALA A 194 24.90 -12.39 -18.42
N LEU A 195 24.19 -12.67 -17.32
CA LEU A 195 24.35 -11.97 -16.05
C LEU A 195 24.40 -13.02 -14.95
N LEU A 196 25.58 -13.21 -14.36
CA LEU A 196 25.81 -14.26 -13.38
C LEU A 196 25.87 -13.64 -11.99
N VAL A 197 24.88 -13.96 -11.16
CA VAL A 197 24.80 -13.42 -9.80
C VAL A 197 25.35 -14.50 -8.87
N CYS A 198 26.57 -14.31 -8.39
CA CYS A 198 27.24 -15.32 -7.58
C CYS A 198 27.20 -14.96 -6.10
N ARG A 199 27.54 -15.94 -5.27
CA ARG A 199 27.67 -15.71 -3.84
C ARG A 199 28.93 -14.89 -3.54
N GLU A 200 28.93 -14.25 -2.37
CA GLU A 200 30.08 -13.46 -1.96
C GLU A 200 31.30 -14.35 -1.80
N GLY A 201 32.42 -13.91 -2.37
CA GLY A 201 33.64 -14.68 -2.38
C GLY A 201 33.77 -15.65 -3.53
N SER A 202 32.74 -15.80 -4.36
CA SER A 202 32.81 -16.71 -5.49
C SER A 202 33.84 -16.24 -6.51
N LEU A 203 33.88 -14.94 -6.77
CA LEU A 203 34.82 -14.38 -7.74
C LEU A 203 36.15 -14.04 -7.06
N HIS A 212 35.59 -24.56 -17.87
CA HIS A 212 35.10 -24.46 -16.50
C HIS A 212 33.59 -24.26 -16.49
N LYS A 213 33.16 -23.04 -16.81
CA LYS A 213 31.75 -22.69 -16.90
C LYS A 213 31.49 -22.03 -18.25
N PHE A 214 30.37 -22.37 -18.87
CA PHE A 214 30.02 -21.85 -20.19
C PHE A 214 28.60 -21.35 -20.20
N ILE A 215 28.38 -20.28 -20.98
CA ILE A 215 27.04 -19.77 -21.26
C ILE A 215 26.60 -20.34 -22.60
N LEU A 216 25.41 -20.92 -22.64
CA LEU A 216 24.87 -21.51 -23.86
C LEU A 216 23.56 -20.81 -24.19
N LEU A 217 23.55 -20.10 -25.33
CA LEU A 217 22.36 -19.40 -25.80
C LEU A 217 21.71 -20.24 -26.90
N PHE A 218 20.65 -20.96 -26.55
CA PHE A 218 19.89 -21.72 -27.52
C PHE A 218 18.77 -20.83 -28.03
N ALA A 219 19.05 -20.11 -29.12
CA ALA A 219 18.21 -19.02 -29.57
C ALA A 219 17.72 -19.24 -31.00
N VAL A 220 16.47 -18.88 -31.24
CA VAL A 220 15.87 -18.93 -32.57
C VAL A 220 15.76 -17.49 -33.05
N PHE A 221 16.69 -17.08 -33.91
CA PHE A 221 16.70 -15.73 -34.48
C PHE A 221 15.84 -15.72 -35.73
N ASP A 222 14.76 -14.94 -35.69
CA ASP A 222 13.86 -14.77 -36.84
C ASP A 222 14.22 -13.46 -37.52
N GLU A 223 14.84 -13.57 -38.70
CA GLU A 223 15.29 -12.38 -39.42
C GLU A 223 14.14 -11.53 -39.96
N GLY A 224 12.94 -12.10 -40.02
CA GLY A 224 11.80 -11.34 -40.51
C GLY A 224 11.24 -10.34 -39.53
N LYS A 225 11.65 -10.40 -38.27
CA LYS A 225 11.15 -9.49 -37.24
C LYS A 225 12.28 -8.71 -36.56
N SER A 226 13.45 -8.63 -37.19
CA SER A 226 14.57 -7.89 -36.63
C SER A 226 14.46 -6.40 -36.98
N TRP A 227 15.37 -5.60 -36.43
CA TRP A 227 15.41 -4.19 -36.78
C TRP A 227 15.82 -3.96 -38.23
N HIS A 228 16.47 -4.93 -38.85
CA HIS A 228 16.98 -4.79 -40.22
C HIS A 228 16.10 -5.49 -41.25
N SER A 229 14.93 -5.97 -40.85
CA SER A 229 14.05 -6.67 -41.78
C SER A 229 13.46 -5.73 -42.84
N GLU A 230 13.41 -4.44 -42.57
CA GLU A 230 12.83 -3.48 -43.50
C GLU A 230 13.87 -2.98 -44.50
N TRP A 247 13.29 -14.43 -45.29
CA TRP A 247 13.89 -14.33 -43.97
C TRP A 247 13.67 -15.61 -43.17
N PRO A 248 14.70 -16.43 -43.06
CA PRO A 248 14.57 -17.70 -42.36
C PRO A 248 14.72 -17.55 -40.85
N LYS A 249 14.21 -18.56 -40.13
CA LYS A 249 14.45 -18.67 -38.70
C LYS A 249 15.67 -19.56 -38.48
N MET A 250 16.69 -19.01 -37.83
CA MET A 250 17.92 -19.74 -37.57
C MET A 250 17.91 -20.22 -36.12
N HIS A 251 17.90 -21.54 -35.93
CA HIS A 251 17.99 -22.15 -34.61
C HIS A 251 19.47 -22.37 -34.31
N THR A 252 19.99 -21.64 -33.33
CA THR A 252 21.42 -21.52 -33.12
C THR A 252 21.79 -21.79 -31.67
N VAL A 253 23.04 -22.20 -31.47
CA VAL A 253 23.68 -22.24 -30.18
C VAL A 253 24.75 -21.16 -30.18
N ASN A 254 24.55 -20.13 -29.35
CA ASN A 254 25.44 -18.97 -29.30
C ASN A 254 25.58 -18.30 -30.66
N GLY A 255 24.52 -18.32 -31.46
CA GLY A 255 24.54 -17.69 -32.76
C GLY A 255 25.10 -18.51 -33.89
N TYR A 256 25.33 -19.81 -33.68
CA TYR A 256 25.92 -20.68 -34.69
C TYR A 256 24.97 -21.83 -35.00
N VAL A 257 24.97 -22.26 -36.26
CA VAL A 257 24.15 -23.38 -36.70
C VAL A 257 25.05 -24.44 -37.33
N ASN A 258 24.50 -25.65 -37.44
CA ASN A 258 25.15 -26.77 -38.13
C ASN A 258 26.53 -27.08 -37.54
N ARG A 259 26.56 -27.19 -36.20
CA ARG A 259 27.75 -27.67 -35.48
C ARG A 259 28.97 -26.80 -35.73
N SER A 260 28.75 -25.50 -36.00
CA SER A 260 29.85 -24.60 -36.30
C SER A 260 30.38 -23.86 -35.07
N LEU A 261 29.80 -24.09 -33.90
CA LEU A 261 30.26 -23.42 -32.69
C LEU A 261 31.59 -24.01 -32.22
N PRO A 262 32.66 -23.23 -32.17
CA PRO A 262 33.97 -23.76 -31.81
C PRO A 262 34.31 -23.57 -30.33
N GLY A 263 35.42 -24.18 -29.94
CA GLY A 263 36.06 -23.91 -28.66
C GLY A 263 35.26 -24.28 -27.43
N LEU A 264 34.25 -25.14 -27.58
CA LEU A 264 33.42 -25.56 -26.45
C LEU A 264 34.06 -26.78 -25.78
N ILE A 265 35.20 -26.52 -25.14
CA ILE A 265 36.03 -27.57 -24.55
C ILE A 265 35.53 -27.90 -23.15
N GLY A 266 35.98 -29.03 -22.60
CA GLY A 266 35.62 -29.41 -21.25
C GLY A 266 36.72 -30.25 -20.62
N CYS A 267 36.70 -30.31 -19.29
CA CYS A 267 37.69 -31.08 -18.56
C CYS A 267 37.38 -32.57 -18.60
N HIS A 268 38.42 -33.37 -18.40
CA HIS A 268 38.28 -34.82 -18.51
C HIS A 268 37.32 -35.38 -17.46
N ARG A 269 37.66 -35.21 -16.19
CA ARG A 269 36.84 -35.74 -15.10
C ARG A 269 36.05 -34.66 -14.36
N LYS A 270 36.52 -33.41 -14.39
CA LYS A 270 35.88 -32.36 -13.61
C LYS A 270 34.50 -32.03 -14.17
N SER A 271 33.55 -31.82 -13.27
CA SER A 271 32.19 -31.47 -13.66
C SER A 271 32.15 -30.06 -14.22
N VAL A 272 31.26 -29.84 -15.19
CA VAL A 272 31.17 -28.57 -15.91
C VAL A 272 29.78 -27.98 -15.70
N TYR A 273 29.75 -26.66 -15.49
CA TYR A 273 28.52 -25.93 -15.21
C TYR A 273 28.08 -25.19 -16.47
N TRP A 274 26.83 -25.39 -16.86
CA TRP A 274 26.23 -24.71 -18.00
C TRP A 274 25.19 -23.71 -17.49
N HIS A 275 25.38 -22.44 -17.83
CA HIS A 275 24.40 -21.39 -17.54
C HIS A 275 23.57 -21.20 -18.79
N VAL A 276 22.50 -21.97 -18.91
CA VAL A 276 21.73 -22.10 -20.14
C VAL A 276 20.69 -20.99 -20.19
N ILE A 277 20.73 -20.21 -21.27
CA ILE A 277 19.73 -19.20 -21.57
C ILE A 277 19.06 -19.58 -22.88
N GLY A 278 17.75 -19.78 -22.84
CA GLY A 278 16.98 -20.05 -24.02
C GLY A 278 16.21 -18.83 -24.48
N MET A 279 16.47 -18.39 -25.70
CA MET A 279 15.91 -17.15 -26.23
C MET A 279 14.97 -17.46 -27.39
N GLY A 280 13.85 -16.75 -27.44
CA GLY A 280 12.89 -16.90 -28.51
C GLY A 280 11.73 -15.93 -28.40
N THR A 281 11.34 -15.30 -29.51
CA THR A 281 10.26 -14.33 -29.48
C THR A 281 8.88 -14.95 -29.69
N THR A 282 8.82 -16.24 -29.99
CA THR A 282 7.57 -16.96 -30.16
C THR A 282 7.62 -18.24 -29.33
N PRO A 283 6.47 -18.70 -28.84
CA PRO A 283 6.45 -19.96 -28.06
C PRO A 283 6.96 -21.12 -28.89
N GLU A 284 8.11 -21.67 -28.50
CA GLU A 284 8.78 -22.72 -29.25
C GLU A 284 9.68 -23.48 -28.28
N VAL A 285 9.23 -24.66 -27.86
CA VAL A 285 9.98 -25.43 -26.86
C VAL A 285 11.12 -26.19 -27.52
N HIS A 286 12.06 -26.63 -26.69
CA HIS A 286 13.21 -27.40 -27.14
C HIS A 286 13.57 -28.45 -26.11
N SER A 287 14.09 -29.57 -26.58
CA SER A 287 14.68 -30.60 -25.72
C SER A 287 16.15 -30.72 -26.08
N ILE A 288 17.04 -30.45 -25.13
CA ILE A 288 18.46 -30.39 -25.39
C ILE A 288 19.12 -31.63 -24.81
N PHE A 289 19.77 -32.41 -25.67
CA PHE A 289 20.46 -33.63 -25.31
C PHE A 289 21.94 -33.49 -25.59
N LEU A 290 22.76 -33.91 -24.63
CA LEU A 290 24.18 -34.16 -24.85
C LEU A 290 24.38 -35.66 -24.88
N GLU A 291 24.92 -36.17 -25.98
CA GLU A 291 24.98 -37.62 -26.17
C GLU A 291 25.88 -38.27 -25.14
N GLY A 292 25.38 -39.33 -24.50
CA GLY A 292 26.16 -40.04 -23.50
C GLY A 292 26.33 -39.29 -22.19
N HIS A 293 25.47 -38.32 -21.90
CA HIS A 293 25.58 -37.53 -20.70
C HIS A 293 24.19 -37.22 -20.15
N THR A 294 24.15 -36.78 -18.90
CA THR A 294 22.92 -36.35 -18.25
C THR A 294 23.19 -35.03 -17.55
N PHE A 295 22.12 -34.33 -17.19
CA PHE A 295 22.20 -33.00 -16.61
C PHE A 295 21.70 -33.01 -15.19
N LEU A 296 22.45 -32.39 -14.28
CA LEU A 296 22.02 -32.21 -12.91
C LEU A 296 21.42 -30.82 -12.78
N VAL A 297 20.09 -30.75 -12.71
CA VAL A 297 19.37 -29.49 -12.54
C VAL A 297 18.68 -29.55 -11.18
N ARG A 298 19.08 -28.64 -10.28
CA ARG A 298 18.53 -28.58 -8.93
C ARG A 298 18.68 -29.92 -8.21
N ASN A 299 19.86 -30.55 -8.37
CA ASN A 299 20.17 -31.85 -7.78
C ASN A 299 19.17 -32.91 -8.24
N HIS A 300 18.59 -32.72 -9.41
CA HIS A 300 17.74 -33.70 -10.06
C HIS A 300 18.42 -34.16 -11.34
N ARG A 301 18.50 -35.46 -11.53
CA ARG A 301 19.09 -35.99 -12.76
C ARG A 301 18.06 -35.99 -13.87
N GLN A 302 18.42 -35.44 -15.02
CA GLN A 302 17.53 -35.34 -16.17
C GLN A 302 18.28 -35.74 -17.42
N ALA A 303 17.54 -36.34 -18.35
CA ALA A 303 18.14 -36.77 -19.61
C ALA A 303 18.37 -35.59 -20.55
N SER A 304 17.57 -34.55 -20.42
CA SER A 304 17.65 -33.42 -21.34
C SER A 304 17.22 -32.15 -20.62
N LEU A 305 17.53 -31.01 -21.26
CA LEU A 305 17.08 -29.72 -20.78
C LEU A 305 15.80 -29.33 -21.51
N GLU A 306 14.75 -29.02 -20.75
CA GLU A 306 13.46 -28.62 -21.32
C GLU A 306 13.39 -27.10 -21.48
N ILE A 307 13.96 -26.62 -22.58
CA ILE A 307 14.12 -25.18 -22.78
C ILE A 307 12.80 -24.59 -23.26
N SER A 308 12.31 -23.59 -22.54
CA SER A 308 11.15 -22.81 -22.96
C SER A 308 11.66 -21.60 -23.72
N PRO A 309 10.78 -20.85 -24.41
CA PRO A 309 11.30 -19.78 -25.30
C PRO A 309 12.19 -18.76 -24.61
N ILE A 310 11.95 -18.41 -23.35
CA ILE A 310 12.87 -17.59 -22.57
C ILE A 310 13.08 -18.31 -21.25
N THR A 311 14.25 -18.93 -21.09
CA THR A 311 14.54 -19.78 -19.95
C THR A 311 15.91 -19.46 -19.39
N PHE A 312 16.02 -19.41 -18.07
CA PHE A 312 17.30 -19.38 -17.39
C PHE A 312 17.42 -20.61 -16.51
N LEU A 313 18.51 -21.36 -16.67
CA LEU A 313 18.72 -22.47 -15.76
C LEU A 313 20.21 -22.76 -15.64
N THR A 314 20.57 -23.49 -14.59
CA THR A 314 21.92 -23.94 -14.35
C THR A 314 21.93 -25.46 -14.37
N ALA A 315 22.82 -26.03 -15.18
CA ALA A 315 22.96 -27.47 -15.30
C ALA A 315 24.38 -27.87 -14.94
N GLN A 316 24.54 -29.09 -14.43
CA GLN A 316 25.86 -29.60 -14.10
C GLN A 316 26.03 -30.94 -14.78
N THR A 317 27.11 -31.08 -15.56
CA THR A 317 27.37 -32.30 -16.32
C THR A 317 28.70 -32.87 -15.91
N LEU A 318 28.71 -34.14 -15.52
CA LEU A 318 29.93 -34.82 -15.11
C LEU A 318 30.56 -35.46 -16.35
N LEU A 319 31.47 -34.73 -16.99
CA LEU A 319 32.20 -35.28 -18.11
C LEU A 319 33.15 -36.37 -17.61
N MET A 320 33.15 -37.51 -18.29
CA MET A 320 33.97 -38.64 -17.85
C MET A 320 34.74 -39.26 -19.01
N ASP A 321 34.22 -39.13 -20.23
CA ASP A 321 34.77 -39.79 -21.41
C ASP A 321 35.43 -38.76 -22.31
N LEU A 322 36.67 -39.04 -22.72
CA LEU A 322 37.37 -38.18 -23.66
C LEU A 322 36.75 -38.27 -25.05
N GLY A 323 36.80 -37.17 -25.78
CA GLY A 323 36.34 -37.15 -27.15
C GLY A 323 35.29 -36.08 -27.39
N GLN A 324 34.73 -36.11 -28.59
CA GLN A 324 33.79 -35.10 -29.04
C GLN A 324 32.36 -35.65 -28.98
N PHE A 325 31.48 -34.93 -28.29
CA PHE A 325 30.08 -35.30 -28.15
C PHE A 325 29.22 -34.21 -28.76
N LEU A 326 27.96 -34.54 -29.02
CA LEU A 326 27.04 -33.65 -29.71
C LEU A 326 26.01 -33.11 -28.73
N LEU A 327 25.83 -31.78 -28.73
CA LEU A 327 24.79 -31.11 -27.99
C LEU A 327 23.76 -30.62 -28.99
N PHE A 328 22.53 -31.14 -28.91
CA PHE A 328 21.58 -30.94 -29.99
C PHE A 328 20.15 -30.93 -29.46
N CYS A 329 19.26 -30.35 -30.25
CA CYS A 329 17.83 -30.37 -29.97
C CYS A 329 17.23 -31.63 -30.60
N HIS A 330 16.50 -32.40 -29.79
CA HIS A 330 16.03 -33.71 -30.20
C HIS A 330 14.66 -33.69 -30.88
N ILE A 331 14.00 -32.53 -30.93
CA ILE A 331 12.68 -32.47 -31.57
C ILE A 331 12.84 -32.76 -33.06
N SER A 332 11.99 -33.67 -33.57
CA SER A 332 12.15 -34.14 -34.94
C SER A 332 11.96 -33.02 -35.95
N SER A 333 10.98 -32.14 -35.72
CA SER A 333 10.74 -31.05 -36.66
C SER A 333 11.87 -30.02 -36.68
N HIS A 334 12.78 -30.07 -35.70
CA HIS A 334 13.90 -29.14 -35.64
C HIS A 334 15.21 -29.75 -36.12
N GLN A 335 15.17 -30.95 -36.70
CA GLN A 335 16.40 -31.59 -37.16
C GLN A 335 17.05 -30.82 -38.29
N HIS A 336 16.25 -30.25 -39.19
CA HIS A 336 16.78 -29.43 -40.28
C HIS A 336 17.13 -28.02 -39.84
N ASP A 337 16.69 -27.60 -38.64
CA ASP A 337 16.91 -26.25 -38.18
C ASP A 337 18.38 -26.00 -37.82
N GLY A 338 19.00 -26.93 -37.11
CA GLY A 338 20.43 -26.90 -36.88
C GLY A 338 20.89 -26.38 -35.54
N MET A 339 20.11 -26.60 -34.46
CA MET A 339 20.56 -26.22 -33.13
C MET A 339 21.54 -27.27 -32.60
N GLU A 340 22.70 -27.38 -33.24
CA GLU A 340 23.69 -28.40 -32.91
C GLU A 340 25.04 -27.77 -32.65
N ALA A 341 25.78 -28.35 -31.71
CA ALA A 341 27.13 -27.93 -31.38
C ALA A 341 27.90 -29.13 -30.87
N TYR A 342 29.22 -28.97 -30.79
CA TYR A 342 30.09 -30.04 -30.32
C TYR A 342 30.76 -29.64 -29.01
N VAL A 343 30.77 -30.58 -28.06
CA VAL A 343 31.46 -30.42 -26.78
C VAL A 343 32.64 -31.37 -26.78
N LYS A 344 33.84 -30.83 -26.65
CA LYS A 344 35.07 -31.63 -26.73
C LYS A 344 35.60 -31.83 -25.31
N VAL A 345 35.38 -33.02 -24.76
CA VAL A 345 35.92 -33.37 -23.46
C VAL A 345 37.36 -33.81 -23.64
N ASP A 346 38.26 -33.15 -22.91
CA ASP A 346 39.69 -33.42 -23.02
C ASP A 346 40.34 -33.15 -21.67
N SER A 347 41.52 -33.71 -21.48
CA SER A 347 42.28 -33.47 -20.25
C SER A 347 42.63 -31.99 -20.13
N CYS A 348 42.43 -31.44 -18.95
CA CYS A 348 42.65 -30.02 -18.73
C CYS A 348 43.65 -29.79 -17.59
N PRO A 398 25.27 -56.24 -7.56
CA PRO A 398 25.84 -57.02 -8.66
C PRO A 398 24.84 -57.99 -9.28
N LYS A 399 23.55 -57.75 -9.03
CA LYS A 399 22.52 -58.60 -9.61
C LYS A 399 22.50 -58.46 -11.12
N THR A 400 22.25 -59.57 -11.81
CA THR A 400 22.23 -59.60 -13.27
C THR A 400 20.88 -60.15 -13.72
N TRP A 401 20.05 -59.29 -14.31
CA TRP A 401 18.78 -59.72 -14.87
C TRP A 401 19.00 -60.32 -16.25
N VAL A 402 18.19 -61.32 -16.58
CA VAL A 402 18.24 -61.99 -17.87
C VAL A 402 16.89 -61.83 -18.55
N HIS A 403 16.90 -61.27 -19.76
CA HIS A 403 15.68 -61.05 -20.53
C HIS A 403 15.88 -61.58 -21.94
N TYR A 404 14.86 -62.28 -22.43
CA TYR A 404 14.81 -62.76 -23.81
C TYR A 404 13.70 -62.01 -24.51
N ILE A 405 14.06 -61.13 -25.44
CA ILE A 405 13.09 -60.29 -26.13
C ILE A 405 13.19 -60.53 -27.62
N ALA A 406 12.04 -60.61 -28.27
CA ALA A 406 11.98 -60.85 -29.71
C ALA A 406 11.04 -59.85 -30.36
N ALA A 407 11.40 -59.41 -31.56
CA ALA A 407 10.55 -58.51 -32.35
C ALA A 407 9.66 -59.35 -33.25
N GLU A 408 8.35 -59.30 -33.02
CA GLU A 408 7.40 -60.11 -33.75
C GLU A 408 6.37 -59.22 -34.45
N GLU A 409 6.01 -59.60 -35.67
CA GLU A 409 5.00 -58.88 -36.43
C GLU A 409 3.62 -59.48 -36.17
N GLU A 410 2.66 -58.64 -35.86
CA GLU A 410 1.33 -59.11 -35.49
C GLU A 410 0.33 -57.99 -35.70
N ASP A 411 -0.95 -58.36 -35.78
CA ASP A 411 -2.01 -57.39 -35.93
C ASP A 411 -2.40 -56.81 -34.58
N TRP A 412 -2.40 -55.49 -34.49
CA TRP A 412 -2.75 -54.77 -33.28
C TRP A 412 -4.07 -54.05 -33.50
N ASP A 413 -4.99 -54.19 -32.55
CA ASP A 413 -6.31 -53.56 -32.57
C ASP A 413 -6.24 -52.34 -31.67
N TYR A 414 -6.26 -51.15 -32.27
CA TYR A 414 -6.13 -49.92 -31.49
C TYR A 414 -7.36 -49.61 -30.66
N ALA A 415 -8.49 -50.28 -30.90
CA ALA A 415 -9.67 -50.02 -30.09
C ALA A 415 -10.57 -51.24 -30.02
N PRO A 416 -10.16 -52.30 -29.32
CA PRO A 416 -11.05 -53.45 -29.15
C PRO A 416 -12.27 -53.11 -28.31
N LEU A 417 -13.40 -53.76 -28.64
CA LEU A 417 -14.64 -53.63 -27.90
C LEU A 417 -15.14 -52.19 -27.84
N VAL A 418 -14.96 -51.44 -28.94
CA VAL A 418 -15.44 -50.07 -29.05
C VAL A 418 -16.39 -50.00 -30.23
N LEU A 419 -17.59 -49.48 -29.97
CA LEU A 419 -18.61 -49.36 -31.05
C LEU A 419 -18.67 -47.91 -31.52
N ALA A 420 -18.54 -47.69 -32.83
CA ALA A 420 -18.59 -46.36 -33.40
C ALA A 420 -19.99 -46.02 -33.89
N SER A 425 -17.76 -38.58 -37.62
CA SER A 425 -17.24 -38.41 -36.27
C SER A 425 -15.82 -38.95 -36.16
N TYR A 426 -15.15 -38.62 -35.06
CA TYR A 426 -13.76 -39.05 -34.86
C TYR A 426 -13.66 -40.57 -34.80
N LYS A 427 -14.60 -41.20 -34.08
CA LYS A 427 -14.61 -42.66 -34.01
C LYS A 427 -14.80 -43.27 -35.39
N SER A 428 -15.71 -42.72 -36.19
CA SER A 428 -15.92 -43.24 -37.53
C SER A 428 -14.69 -43.03 -38.40
N GLN A 429 -14.05 -41.87 -38.31
CA GLN A 429 -12.90 -41.58 -39.16
C GLN A 429 -11.68 -42.40 -38.78
N TYR A 430 -11.54 -42.75 -37.50
CA TYR A 430 -10.32 -43.41 -37.04
C TYR A 430 -10.44 -44.91 -36.89
N LEU A 431 -11.64 -45.43 -36.63
CA LEU A 431 -11.81 -46.85 -36.31
C LEU A 431 -12.62 -47.62 -37.34
N ASN A 432 -13.67 -47.02 -37.91
CA ASN A 432 -14.49 -47.73 -38.89
C ASN A 432 -13.72 -47.93 -40.18
N ASN A 433 -13.87 -49.11 -40.76
CA ASN A 433 -13.22 -49.45 -42.03
C ASN A 433 -14.10 -49.02 -43.19
N GLY A 434 -13.44 -48.62 -44.28
CA GLY A 434 -14.14 -48.16 -45.46
C GLY A 434 -13.30 -48.31 -46.72
N PRO A 435 -13.78 -47.71 -47.82
CA PRO A 435 -13.03 -47.80 -49.08
C PRO A 435 -11.62 -47.23 -48.99
N GLN A 436 -11.43 -46.15 -48.23
CA GLN A 436 -10.12 -45.53 -48.05
C GLN A 436 -9.75 -45.44 -46.58
N ARG A 437 -10.29 -46.33 -45.75
CA ARG A 437 -10.05 -46.32 -44.32
C ARG A 437 -9.58 -47.71 -43.89
N ILE A 438 -8.41 -47.77 -43.27
CA ILE A 438 -7.86 -49.05 -42.85
C ILE A 438 -8.67 -49.62 -41.68
N GLY A 439 -9.01 -48.77 -40.72
CA GLY A 439 -9.78 -49.21 -39.58
C GLY A 439 -8.99 -49.29 -38.29
N ARG A 440 -9.34 -50.25 -37.43
CA ARG A 440 -8.68 -50.37 -36.14
C ARG A 440 -7.38 -51.17 -36.26
N LYS A 441 -7.42 -52.31 -36.94
CA LYS A 441 -6.29 -53.23 -36.96
C LYS A 441 -5.20 -52.74 -37.89
N TYR A 442 -3.95 -52.79 -37.40
CA TYR A 442 -2.78 -52.48 -38.20
C TYR A 442 -1.71 -53.53 -37.95
N LYS A 443 -0.92 -53.83 -38.97
CA LYS A 443 0.17 -54.78 -38.80
C LYS A 443 1.35 -54.05 -38.16
N LYS A 444 1.55 -54.27 -36.86
CA LYS A 444 2.64 -53.67 -36.11
C LYS A 444 3.72 -54.70 -35.86
N VAL A 445 4.87 -54.20 -35.38
CA VAL A 445 5.93 -55.05 -34.86
C VAL A 445 6.13 -54.68 -33.40
N ARG A 446 6.27 -55.70 -32.56
CA ARG A 446 6.22 -55.48 -31.12
C ARG A 446 7.28 -56.32 -30.43
N PHE A 447 7.76 -55.82 -29.29
CA PHE A 447 8.67 -56.57 -28.45
C PHE A 447 7.88 -57.55 -27.59
N MET A 448 8.35 -58.80 -27.54
CA MET A 448 7.72 -59.85 -26.76
C MET A 448 8.76 -60.52 -25.89
N ALA A 449 8.37 -60.84 -24.66
CA ALA A 449 9.27 -61.52 -23.73
C ALA A 449 9.04 -63.02 -23.76
N TYR A 450 10.13 -63.77 -23.80
CA TYR A 450 10.10 -65.22 -23.87
C TYR A 450 10.75 -65.82 -22.64
N THR A 451 10.22 -66.96 -22.20
CA THR A 451 10.70 -67.60 -20.99
C THR A 451 12.07 -68.24 -21.17
N ASP A 452 12.33 -68.84 -22.32
CA ASP A 452 13.54 -69.63 -22.55
C ASP A 452 14.35 -69.03 -23.68
N GLU A 453 15.59 -69.50 -23.79
CA GLU A 453 16.48 -69.06 -24.86
C GLU A 453 15.96 -69.48 -26.24
N THR A 454 15.25 -70.60 -26.30
CA THR A 454 14.79 -71.14 -27.58
C THR A 454 13.70 -70.31 -28.23
N PHE A 455 13.11 -69.35 -27.52
CA PHE A 455 12.06 -68.49 -28.04
C PHE A 455 10.88 -69.31 -28.58
N LYS A 456 10.24 -70.04 -27.68
CA LYS A 456 9.07 -70.86 -28.03
C LYS A 456 7.80 -70.39 -27.33
N THR A 457 7.83 -70.20 -26.03
CA THR A 457 6.65 -69.81 -25.25
C THR A 457 6.83 -68.39 -24.74
N ARG A 458 5.88 -67.51 -25.09
CA ARG A 458 5.91 -66.15 -24.60
C ARG A 458 5.42 -66.08 -23.15
N GLU A 459 5.96 -65.13 -22.41
CA GLU A 459 5.49 -64.91 -21.05
C GLU A 459 4.08 -64.30 -21.08
N ALA A 460 3.37 -64.46 -19.96
CA ALA A 460 1.99 -63.99 -19.88
C ALA A 460 1.93 -62.48 -20.07
N ILE A 461 1.17 -62.05 -21.07
CA ILE A 461 1.05 -60.63 -21.37
C ILE A 461 -0.01 -60.00 -20.48
N GLN A 462 0.09 -58.68 -20.33
CA GLN A 462 -0.86 -57.91 -19.53
C GLN A 462 -1.65 -56.99 -20.44
N HIS A 463 -2.96 -56.90 -20.19
CA HIS A 463 -3.81 -56.02 -20.98
C HIS A 463 -3.41 -54.56 -20.80
N GLU A 464 -2.85 -54.23 -19.64
CA GLU A 464 -2.53 -52.83 -19.34
C GLU A 464 -1.34 -52.34 -20.16
N SER A 465 -0.28 -53.16 -20.26
CA SER A 465 0.92 -52.72 -20.96
C SER A 465 0.66 -52.45 -22.43
N GLY A 466 -0.32 -53.12 -23.04
CA GLY A 466 -0.68 -52.85 -24.42
C GLY A 466 0.47 -53.11 -25.37
N ILE A 467 0.73 -52.15 -26.25
CA ILE A 467 1.76 -52.30 -27.28
C ILE A 467 3.17 -52.22 -26.73
N LEU A 468 3.32 -51.89 -25.45
CA LEU A 468 4.64 -51.81 -24.84
C LEU A 468 5.28 -53.19 -24.76
N GLY A 469 6.61 -53.22 -24.85
CA GLY A 469 7.35 -54.44 -24.68
C GLY A 469 7.46 -54.80 -23.21
N PRO A 470 8.25 -55.81 -22.90
CA PRO A 470 8.45 -56.19 -21.50
C PRO A 470 9.07 -55.04 -20.70
N LEU A 471 8.61 -54.88 -19.47
CA LEU A 471 9.14 -53.85 -18.60
C LEU A 471 10.53 -54.26 -18.12
N LEU A 472 11.53 -53.45 -18.46
CA LEU A 472 12.90 -53.72 -18.03
C LEU A 472 13.21 -52.90 -16.78
N TYR A 473 13.91 -53.53 -15.84
CA TYR A 473 14.18 -52.93 -14.54
C TYR A 473 15.66 -53.04 -14.24
N GLY A 474 16.22 -52.01 -13.60
CA GLY A 474 17.60 -52.07 -13.19
C GLY A 474 17.96 -51.02 -12.16
N GLU A 475 18.71 -51.42 -11.14
CA GLU A 475 19.22 -50.49 -10.14
C GLU A 475 20.66 -50.12 -10.46
N VAL A 476 21.16 -49.10 -9.78
CA VAL A 476 22.49 -48.57 -10.04
C VAL A 476 23.52 -49.63 -9.73
N GLY A 477 24.23 -50.10 -10.76
CA GLY A 477 25.18 -51.17 -10.63
C GLY A 477 24.68 -52.52 -11.11
N ASP A 478 23.36 -52.69 -11.22
CA ASP A 478 22.81 -53.92 -11.76
C ASP A 478 23.12 -54.02 -13.26
N THR A 479 23.16 -55.25 -13.75
CA THR A 479 23.46 -55.53 -15.14
C THR A 479 22.25 -56.17 -15.80
N LEU A 480 21.87 -55.65 -16.96
CA LEU A 480 20.81 -56.20 -17.78
C LEU A 480 21.43 -57.01 -18.91
N LEU A 481 21.16 -58.32 -18.93
CA LEU A 481 21.63 -59.20 -19.98
C LEU A 481 20.47 -59.41 -20.94
N ILE A 482 20.47 -58.67 -22.05
CA ILE A 482 19.37 -58.68 -23.01
C ILE A 482 19.74 -59.61 -24.15
N ILE A 483 18.81 -60.48 -24.54
CA ILE A 483 19.00 -61.38 -25.67
C ILE A 483 17.86 -61.10 -26.65
N PHE A 484 18.21 -60.63 -27.84
CA PHE A 484 17.24 -60.16 -28.81
C PHE A 484 17.33 -61.00 -30.07
N LYS A 485 16.19 -61.57 -30.48
CA LYS A 485 16.08 -62.30 -31.74
C LYS A 485 15.13 -61.54 -32.65
N ASN A 486 15.61 -61.22 -33.85
CA ASN A 486 14.82 -60.46 -34.83
C ASN A 486 13.92 -61.44 -35.59
N GLN A 487 12.75 -61.70 -35.01
CA GLN A 487 11.78 -62.60 -35.61
C GLN A 487 10.87 -61.93 -36.61
N ALA A 488 11.06 -60.63 -36.86
CA ALA A 488 10.26 -59.91 -37.84
C ALA A 488 10.83 -60.12 -39.24
N SER A 489 10.15 -59.56 -40.24
CA SER A 489 10.57 -59.68 -41.62
C SER A 489 11.54 -58.58 -42.05
N ARG A 490 11.82 -57.62 -41.17
CA ARG A 490 12.70 -56.50 -41.48
C ARG A 490 13.76 -56.38 -40.40
N PRO A 491 14.96 -55.91 -40.74
CA PRO A 491 15.98 -55.69 -39.71
C PRO A 491 15.52 -54.65 -38.70
N TYR A 492 15.84 -54.92 -37.43
CA TYR A 492 15.52 -54.01 -36.33
C TYR A 492 16.67 -54.05 -35.34
N ASN A 493 16.44 -53.49 -34.16
CA ASN A 493 17.47 -53.41 -33.14
C ASN A 493 16.78 -53.11 -31.81
N ILE A 494 17.55 -53.16 -30.73
CA ILE A 494 17.07 -52.75 -29.41
C ILE A 494 18.19 -51.97 -28.73
N TYR A 495 17.83 -50.83 -28.13
CA TYR A 495 18.81 -49.98 -27.49
C TYR A 495 18.09 -49.10 -26.48
N PRO A 496 18.69 -48.85 -25.30
CA PRO A 496 18.02 -48.04 -24.28
C PRO A 496 18.40 -46.57 -24.34
N HIS A 497 17.54 -45.76 -23.74
CA HIS A 497 17.81 -44.35 -23.50
C HIS A 497 18.05 -44.14 -22.01
N GLY A 498 19.01 -43.29 -21.68
CA GLY A 498 19.38 -43.09 -20.29
C GLY A 498 20.52 -43.97 -19.85
N ILE A 499 20.44 -45.27 -20.15
CA ILE A 499 21.57 -46.15 -19.91
C ILE A 499 22.67 -45.86 -20.93
N THR A 500 23.89 -45.71 -20.45
CA THR A 500 25.02 -45.33 -21.30
C THR A 500 25.93 -46.50 -21.63
N ASP A 501 26.30 -47.32 -20.63
CA ASP A 501 27.24 -48.42 -20.82
C ASP A 501 26.50 -49.59 -21.45
N VAL A 502 26.40 -49.57 -22.77
CA VAL A 502 25.81 -50.65 -23.55
C VAL A 502 26.91 -51.27 -24.39
N ARG A 503 27.11 -52.57 -24.22
CA ARG A 503 28.19 -53.28 -24.90
C ARG A 503 27.68 -54.58 -25.47
N PRO A 504 28.38 -55.15 -26.46
CA PRO A 504 28.11 -56.53 -26.85
C PRO A 504 28.62 -57.49 -25.79
N LEU A 505 27.91 -58.61 -25.64
CA LEU A 505 28.27 -59.57 -24.61
C LEU A 505 29.64 -60.19 -24.87
N TYR A 506 29.93 -60.49 -26.13
CA TYR A 506 31.21 -61.09 -26.50
C TYR A 506 32.01 -60.15 -27.40
N LYS A 515 31.49 -48.34 -35.43
CA LYS A 515 30.81 -47.12 -34.98
C LYS A 515 30.21 -47.31 -33.60
N HIS A 516 28.99 -47.82 -33.56
CA HIS A 516 28.27 -48.05 -32.31
C HIS A 516 27.13 -49.03 -32.51
N LEU A 517 26.71 -49.70 -31.44
CA LEU A 517 25.62 -50.66 -31.51
C LEU A 517 24.29 -49.96 -31.78
N LYS A 518 24.27 -48.63 -31.65
CA LYS A 518 23.04 -47.88 -31.86
C LYS A 518 22.55 -48.04 -33.30
N ASP A 519 23.44 -47.89 -34.26
CA ASP A 519 23.08 -47.98 -35.67
C ASP A 519 23.26 -49.39 -36.24
N PHE A 520 23.71 -50.33 -35.43
CA PHE A 520 23.93 -51.69 -35.92
C PHE A 520 22.60 -52.39 -36.12
N PRO A 521 22.28 -52.85 -37.34
CA PRO A 521 21.01 -53.57 -37.55
C PRO A 521 21.14 -55.05 -37.28
N ILE A 522 20.05 -55.65 -36.82
CA ILE A 522 19.97 -57.09 -36.58
C ILE A 522 19.12 -57.71 -37.68
N LEU A 523 19.74 -58.56 -38.48
CA LEU A 523 19.05 -59.17 -39.61
C LEU A 523 17.96 -60.11 -39.11
N PRO A 524 16.89 -60.29 -39.88
CA PRO A 524 15.80 -61.15 -39.44
C PRO A 524 16.26 -62.59 -39.22
N GLY A 525 15.82 -63.17 -38.11
CA GLY A 525 16.19 -64.52 -37.74
C GLY A 525 17.46 -64.62 -36.91
N GLU A 526 18.21 -63.53 -36.79
CA GLU A 526 19.47 -63.55 -36.05
C GLU A 526 19.21 -63.39 -34.56
N ILE A 527 20.23 -63.68 -33.77
CA ILE A 527 20.18 -63.54 -32.31
C ILE A 527 21.41 -62.76 -31.87
N PHE A 528 21.20 -61.74 -31.04
CA PHE A 528 22.27 -60.91 -30.52
C PHE A 528 22.13 -60.78 -29.01
N LYS A 529 23.24 -60.51 -28.35
CA LYS A 529 23.28 -60.39 -26.89
C LYS A 529 23.90 -59.05 -26.53
N TYR A 530 23.19 -58.28 -25.71
CA TYR A 530 23.62 -56.98 -25.22
C TYR A 530 23.80 -57.03 -23.71
N LYS A 531 24.74 -56.24 -23.22
CA LYS A 531 24.99 -56.08 -21.80
C LYS A 531 24.85 -54.60 -21.46
N TRP A 532 23.92 -54.28 -20.57
CA TRP A 532 23.65 -52.92 -20.14
C TRP A 532 24.08 -52.77 -18.69
N THR A 533 24.96 -51.82 -18.41
CA THR A 533 25.46 -51.57 -17.06
C THR A 533 24.92 -50.24 -16.58
N VAL A 534 24.06 -50.27 -15.57
CA VAL A 534 23.49 -49.07 -14.99
C VAL A 534 24.53 -48.40 -14.10
N THR A 535 25.17 -47.36 -14.60
CA THR A 535 26.27 -46.70 -13.91
C THR A 535 25.73 -45.65 -12.95
N VAL A 536 26.64 -44.95 -12.26
CA VAL A 536 26.24 -43.98 -11.25
C VAL A 536 25.61 -42.75 -11.89
N GLU A 537 26.09 -42.31 -13.05
CA GLU A 537 25.54 -41.14 -13.73
C GLU A 537 24.25 -41.43 -14.47
N ASP A 538 23.63 -42.58 -14.22
CA ASP A 538 22.36 -42.94 -14.83
C ASP A 538 21.21 -43.05 -13.84
N GLY A 539 21.49 -43.36 -12.58
CA GLY A 539 20.46 -43.54 -11.58
C GLY A 539 20.04 -42.24 -10.93
N PRO A 540 18.86 -42.25 -10.30
CA PRO A 540 18.38 -41.03 -9.65
C PRO A 540 19.23 -40.64 -8.46
N THR A 541 19.28 -39.34 -8.20
CA THR A 541 19.92 -38.83 -7.00
C THR A 541 18.98 -39.00 -5.81
N LYS A 542 19.44 -38.58 -4.62
CA LYS A 542 18.60 -38.68 -3.44
C LYS A 542 17.41 -37.72 -3.48
N SER A 543 17.45 -36.71 -4.34
CA SER A 543 16.33 -35.78 -4.50
C SER A 543 15.30 -36.25 -5.52
N ASP A 544 15.73 -37.05 -6.50
CA ASP A 544 14.83 -37.62 -7.48
C ASP A 544 13.96 -38.69 -6.84
N PRO A 545 12.86 -39.08 -7.48
CA PRO A 545 12.12 -40.26 -7.02
C PRO A 545 12.99 -41.50 -7.10
N ARG A 546 12.50 -42.58 -6.49
CA ARG A 546 13.29 -43.79 -6.37
C ARG A 546 13.62 -44.42 -7.72
N CYS A 547 12.79 -44.19 -8.73
CA CYS A 547 13.00 -44.79 -10.04
C CYS A 547 12.79 -43.75 -11.14
N LEU A 548 13.73 -43.71 -12.08
CA LEU A 548 13.61 -42.87 -13.27
C LEU A 548 12.98 -43.66 -14.39
N THR A 549 12.03 -43.04 -15.09
CA THR A 549 11.31 -43.66 -16.19
C THR A 549 12.07 -43.39 -17.49
N ARG A 550 12.61 -44.45 -18.11
CA ARG A 550 13.26 -44.34 -19.40
C ARG A 550 12.64 -45.35 -20.36
N TYR A 551 13.23 -45.53 -21.54
CA TYR A 551 12.66 -46.42 -22.52
C TYR A 551 13.76 -47.13 -23.29
N TYR A 552 13.34 -48.09 -24.11
CA TYR A 552 14.22 -48.72 -25.08
C TYR A 552 13.43 -48.91 -26.37
N SER A 553 14.14 -48.87 -27.49
CA SER A 553 13.51 -48.99 -28.79
C SER A 553 14.55 -49.30 -29.84
N SER A 554 14.09 -49.42 -31.09
CA SER A 554 14.98 -49.71 -32.20
C SER A 554 15.58 -48.43 -32.75
N PHE A 555 16.90 -48.43 -32.93
CA PHE A 555 17.64 -47.27 -33.42
C PHE A 555 18.19 -47.49 -34.82
N VAL A 556 17.57 -48.37 -35.60
CA VAL A 556 17.90 -48.48 -37.02
C VAL A 556 17.32 -47.30 -37.78
N ASN A 557 16.00 -47.14 -37.71
CA ASN A 557 15.30 -45.94 -38.18
C ASN A 557 14.40 -45.51 -37.02
N MET A 558 14.86 -44.49 -36.27
CA MET A 558 14.20 -44.13 -35.01
C MET A 558 12.71 -43.89 -35.18
N GLU A 559 12.36 -42.89 -36.00
CA GLU A 559 10.95 -42.53 -36.15
C GLU A 559 10.15 -43.66 -36.79
N ARG A 560 10.70 -44.31 -37.82
CA ARG A 560 9.95 -45.34 -38.52
C ARG A 560 9.78 -46.59 -37.66
N ASP A 561 10.84 -47.03 -36.98
CA ASP A 561 10.71 -48.19 -36.10
C ASP A 561 9.80 -47.89 -34.91
N LEU A 562 9.87 -46.67 -34.40
CA LEU A 562 8.97 -46.28 -33.31
C LEU A 562 7.53 -46.28 -33.75
N ALA A 563 7.24 -45.73 -34.93
CA ALA A 563 5.89 -45.78 -35.48
C ALA A 563 5.45 -47.19 -35.84
N SER A 564 6.40 -48.09 -36.08
CA SER A 564 6.08 -49.48 -36.35
C SER A 564 5.66 -50.24 -35.09
N GLY A 565 6.03 -49.74 -33.91
CA GLY A 565 5.53 -50.32 -32.67
C GLY A 565 6.59 -50.80 -31.70
N LEU A 566 7.85 -50.57 -32.01
CA LEU A 566 8.95 -51.07 -31.17
C LEU A 566 9.26 -50.03 -30.10
N ILE A 567 8.68 -50.22 -28.92
CA ILE A 567 8.90 -49.33 -27.78
C ILE A 567 8.67 -50.11 -26.50
N GLY A 568 9.54 -49.91 -25.51
CA GLY A 568 9.40 -50.61 -24.25
C GLY A 568 9.85 -49.79 -23.07
N PRO A 569 9.21 -50.02 -21.91
CA PRO A 569 9.53 -49.23 -20.72
C PRO A 569 10.74 -49.76 -19.97
N LEU A 570 11.44 -48.83 -19.33
CA LEU A 570 12.66 -49.11 -18.59
C LEU A 570 12.64 -48.31 -17.30
N LEU A 571 13.11 -48.92 -16.21
CA LEU A 571 13.16 -48.26 -14.92
C LEU A 571 14.60 -48.29 -14.42
N ILE A 572 15.12 -47.12 -14.05
CA ILE A 572 16.47 -47.00 -13.50
C ILE A 572 16.31 -46.52 -12.07
N CYS A 573 16.50 -47.43 -11.11
CA CYS A 573 16.18 -47.15 -9.72
C CYS A 573 17.44 -47.04 -8.88
N TYR A 574 17.26 -46.58 -7.65
CA TYR A 574 18.36 -46.33 -6.74
C TYR A 574 18.44 -47.46 -5.70
N LYS A 575 19.66 -47.86 -5.38
CA LYS A 575 19.89 -48.93 -4.41
C LYS A 575 19.36 -48.55 -3.04
N ARG A 590 3.87 -50.69 -10.06
CA ARG A 590 4.62 -50.22 -11.23
C ARG A 590 3.71 -50.09 -12.45
N ASN A 591 2.86 -49.07 -12.45
CA ASN A 591 1.92 -48.86 -13.55
C ASN A 591 2.59 -47.96 -14.59
N VAL A 592 2.96 -48.54 -15.72
CA VAL A 592 3.60 -47.80 -16.80
C VAL A 592 2.53 -47.32 -17.76
N ILE A 593 2.55 -46.03 -18.07
CA ILE A 593 1.57 -45.39 -18.96
C ILE A 593 2.35 -44.60 -20.00
N LEU A 594 2.17 -44.95 -21.27
CA LEU A 594 2.84 -44.28 -22.37
C LEU A 594 1.82 -43.53 -23.22
N PHE A 595 2.07 -42.25 -23.44
CA PHE A 595 1.25 -41.47 -24.37
C PHE A 595 1.98 -41.43 -25.72
N SER A 596 1.46 -42.15 -26.71
CA SER A 596 2.20 -42.37 -27.94
C SER A 596 1.36 -42.01 -29.15
N VAL A 597 1.96 -41.26 -30.06
CA VAL A 597 1.34 -40.94 -31.34
C VAL A 597 2.00 -41.81 -32.39
N PHE A 598 1.30 -42.87 -32.80
CA PHE A 598 1.81 -43.79 -33.81
C PHE A 598 1.36 -43.30 -35.18
N ASP A 599 2.31 -42.83 -35.98
CA ASP A 599 2.04 -42.38 -37.35
C ASP A 599 2.18 -43.59 -38.26
N GLU A 600 1.06 -44.28 -38.50
CA GLU A 600 1.09 -45.48 -39.34
C GLU A 600 1.56 -45.16 -40.75
N ASN A 601 1.38 -43.91 -41.20
CA ASN A 601 1.88 -43.53 -42.51
C ASN A 601 3.39 -43.61 -42.58
N ARG A 602 4.08 -43.52 -41.45
CA ARG A 602 5.52 -43.67 -41.39
C ARG A 602 5.96 -45.10 -41.07
N SER A 603 5.01 -46.01 -40.86
CA SER A 603 5.35 -47.38 -40.52
C SER A 603 5.89 -48.12 -41.74
N TRP A 604 6.74 -49.11 -41.48
CA TRP A 604 7.28 -49.94 -42.54
C TRP A 604 6.22 -50.85 -43.16
N TYR A 605 5.14 -51.12 -42.44
CA TYR A 605 4.09 -52.04 -42.89
C TYR A 605 2.87 -51.30 -43.42
N LEU A 606 3.04 -50.06 -43.85
CA LEU A 606 1.92 -49.31 -44.43
C LEU A 606 1.43 -49.96 -45.72
N THR A 607 2.36 -50.40 -46.57
CA THR A 607 1.97 -51.00 -47.84
C THR A 607 1.17 -52.29 -47.63
N GLU A 608 1.60 -53.12 -46.68
CA GLU A 608 0.88 -54.36 -46.42
C GLU A 608 -0.52 -54.08 -45.86
N ASN A 609 -0.64 -53.09 -44.97
CA ASN A 609 -1.95 -52.72 -44.46
C ASN A 609 -2.85 -52.21 -45.58
N ILE A 610 -2.30 -51.41 -46.49
CA ILE A 610 -3.07 -50.91 -47.62
C ILE A 610 -3.55 -52.06 -48.49
N GLN A 611 -2.65 -53.01 -48.77
CA GLN A 611 -2.98 -54.12 -49.65
C GLN A 611 -3.88 -55.16 -48.98
N ARG A 612 -3.98 -55.16 -47.66
CA ARG A 612 -4.84 -56.13 -46.98
C ARG A 612 -6.19 -55.56 -46.58
N PHE A 613 -6.21 -54.44 -45.86
CA PHE A 613 -7.44 -53.93 -45.27
C PHE A 613 -8.25 -53.04 -46.21
N LEU A 614 -7.71 -52.68 -47.37
CA LEU A 614 -8.43 -51.84 -48.30
C LEU A 614 -8.80 -52.62 -49.55
N PRO A 615 -10.05 -52.55 -49.99
CA PRO A 615 -10.46 -53.32 -51.18
C PRO A 615 -9.69 -52.96 -52.44
N ASN A 616 -9.31 -51.69 -52.60
CA ASN A 616 -8.64 -51.24 -53.81
C ASN A 616 -7.31 -50.60 -53.46
N PRO A 617 -6.22 -51.38 -53.35
CA PRO A 617 -4.91 -50.77 -53.09
C PRO A 617 -4.46 -49.81 -54.17
N ALA A 618 -4.87 -50.05 -55.42
CA ALA A 618 -4.47 -49.17 -56.52
C ALA A 618 -5.04 -47.76 -56.36
N GLY A 619 -6.29 -47.67 -55.91
CA GLY A 619 -6.95 -46.38 -55.77
C GLY A 619 -6.68 -45.68 -54.46
N VAL A 620 -5.49 -45.88 -53.90
CA VAL A 620 -5.10 -45.28 -52.63
C VAL A 620 -4.22 -44.07 -52.91
N GLN A 621 -4.64 -42.91 -52.44
CA GLN A 621 -3.84 -41.68 -52.56
C GLN A 621 -3.10 -41.48 -51.25
N LEU A 622 -1.80 -41.78 -51.25
CA LEU A 622 -1.02 -41.73 -50.02
C LEU A 622 -0.85 -40.31 -49.50
N GLU A 623 -0.94 -39.31 -50.39
CA GLU A 623 -0.74 -37.92 -50.00
C GLU A 623 -2.02 -37.24 -49.57
N ASP A 624 -3.14 -37.94 -49.52
CA ASP A 624 -4.40 -37.34 -49.12
C ASP A 624 -4.37 -36.99 -47.64
N PRO A 625 -4.55 -35.73 -47.26
CA PRO A 625 -4.56 -35.38 -45.82
C PRO A 625 -5.63 -36.12 -45.04
N GLU A 626 -6.81 -36.32 -45.63
CA GLU A 626 -7.87 -37.03 -44.91
C GLU A 626 -7.53 -38.50 -44.71
N PHE A 627 -6.88 -39.13 -45.69
CA PHE A 627 -6.44 -40.50 -45.53
C PHE A 627 -5.32 -40.60 -44.49
N GLN A 628 -4.38 -39.65 -44.52
CA GLN A 628 -3.27 -39.69 -43.57
C GLN A 628 -3.74 -39.44 -42.14
N ALA A 629 -4.75 -38.58 -41.96
CA ALA A 629 -5.24 -38.28 -40.61
C ALA A 629 -5.79 -39.52 -39.93
N SER A 630 -6.46 -40.39 -40.69
CA SER A 630 -7.05 -41.60 -40.13
C SER A 630 -6.00 -42.62 -39.69
N ASN A 631 -4.74 -42.42 -40.07
CA ASN A 631 -3.68 -43.36 -39.71
C ASN A 631 -2.83 -42.89 -38.53
N ILE A 632 -2.94 -41.62 -38.14
CA ILE A 632 -2.16 -41.09 -37.02
C ILE A 632 -2.97 -41.40 -35.76
N MET A 633 -2.55 -42.43 -35.03
CA MET A 633 -3.29 -42.91 -33.87
C MET A 633 -2.69 -42.34 -32.60
N HIS A 634 -3.47 -41.55 -31.87
CA HIS A 634 -3.05 -40.98 -30.60
C HIS A 634 -3.56 -41.89 -29.49
N SER A 635 -2.66 -42.64 -28.85
CA SER A 635 -3.04 -43.74 -27.99
C SER A 635 -2.33 -43.64 -26.64
N ILE A 636 -2.88 -44.38 -25.67
CA ILE A 636 -2.25 -44.58 -24.38
C ILE A 636 -1.94 -46.06 -24.29
N ASN A 637 -0.65 -46.39 -24.28
CA ASN A 637 -0.19 -47.78 -24.31
C ASN A 637 -0.72 -48.52 -25.54
N GLY A 638 -0.83 -47.81 -26.66
CA GLY A 638 -1.34 -48.39 -27.89
C GLY A 638 -2.84 -48.46 -28.01
N TYR A 639 -3.58 -48.00 -27.01
CA TYR A 639 -5.03 -48.06 -27.01
C TYR A 639 -5.62 -46.67 -27.27
N VAL A 640 -6.61 -46.61 -28.17
CA VAL A 640 -7.23 -45.36 -28.56
C VAL A 640 -8.70 -45.41 -28.21
N PHE A 641 -9.26 -44.24 -27.85
CA PHE A 641 -10.68 -44.06 -27.59
C PHE A 641 -11.15 -44.95 -26.43
N ASP A 642 -10.50 -44.78 -25.29
CA ASP A 642 -10.91 -45.42 -24.03
C ASP A 642 -10.92 -46.94 -24.13
N SER A 643 -10.07 -47.51 -25.00
CA SER A 643 -9.92 -48.95 -25.07
C SER A 643 -9.00 -49.47 -23.97
N LEU A 644 -8.36 -48.60 -23.22
CA LEU A 644 -7.56 -48.97 -22.05
C LEU A 644 -8.28 -48.52 -20.80
N GLN A 645 -8.44 -49.43 -19.84
CA GLN A 645 -9.06 -49.13 -18.56
C GLN A 645 -8.21 -49.74 -17.46
N LEU A 646 -7.44 -48.92 -16.77
CA LEU A 646 -6.65 -49.38 -15.62
C LEU A 646 -7.53 -49.36 -14.37
N SER A 647 -7.48 -50.46 -13.63
CA SER A 647 -8.25 -50.60 -12.39
C SER A 647 -7.29 -50.69 -11.22
N VAL A 648 -7.47 -49.81 -10.25
CA VAL A 648 -6.63 -49.78 -9.05
C VAL A 648 -7.54 -49.87 -7.82
N CYS A 649 -6.97 -50.36 -6.74
CA CYS A 649 -7.73 -50.55 -5.51
C CYS A 649 -7.82 -49.25 -4.72
N LEU A 650 -8.93 -49.10 -4.01
CA LEU A 650 -9.11 -47.93 -3.16
C LEU A 650 -8.12 -47.97 -1.99
N HIS A 651 -7.67 -46.79 -1.58
CA HIS A 651 -6.77 -46.57 -0.45
C HIS A 651 -5.41 -47.23 -0.64
N GLU A 652 -4.97 -47.47 -1.86
CA GLU A 652 -3.67 -48.05 -2.12
C GLU A 652 -2.69 -47.00 -2.67
N VAL A 653 -1.41 -47.34 -2.61
CA VAL A 653 -0.34 -46.49 -3.10
C VAL A 653 0.05 -46.99 -4.49
N ALA A 654 0.16 -46.08 -5.45
CA ALA A 654 0.45 -46.42 -6.83
C ALA A 654 1.58 -45.55 -7.35
N TYR A 655 2.59 -46.19 -7.92
CA TYR A 655 3.63 -45.51 -8.69
C TYR A 655 3.28 -45.60 -10.17
N TRP A 656 3.12 -44.44 -10.81
CA TRP A 656 2.85 -44.34 -12.23
C TRP A 656 4.09 -43.82 -12.93
N TYR A 657 4.61 -44.59 -13.87
CA TYR A 657 5.73 -44.18 -14.69
C TYR A 657 5.16 -43.73 -16.02
N ILE A 658 5.10 -42.42 -16.22
CA ILE A 658 4.40 -41.84 -17.37
C ILE A 658 5.43 -41.37 -18.38
N LEU A 659 5.27 -41.80 -19.63
CA LEU A 659 6.28 -41.62 -20.65
C LEU A 659 5.63 -40.97 -21.87
N SER A 660 6.39 -40.16 -22.59
CA SER A 660 5.85 -39.41 -23.72
C SER A 660 6.78 -39.59 -24.93
N ILE A 661 6.47 -40.58 -25.75
CA ILE A 661 7.24 -40.86 -26.96
C ILE A 661 6.27 -41.06 -28.11
N GLY A 662 6.70 -40.73 -29.32
CA GLY A 662 5.89 -40.95 -30.49
C GLY A 662 6.14 -39.87 -31.52
N ALA A 663 5.15 -39.67 -32.38
CA ALA A 663 5.23 -38.67 -33.43
C ALA A 663 4.98 -37.25 -32.91
N GLN A 664 4.50 -37.09 -31.69
CA GLN A 664 4.17 -35.77 -31.16
C GLN A 664 5.43 -34.95 -30.99
N THR A 665 5.35 -33.66 -31.37
CA THR A 665 6.44 -32.73 -31.18
C THR A 665 6.15 -31.68 -30.12
N ASP A 666 4.94 -31.64 -29.61
CA ASP A 666 4.57 -30.71 -28.55
C ASP A 666 4.58 -31.41 -27.20
N PHE A 667 4.70 -30.62 -26.14
CA PHE A 667 4.60 -31.16 -24.79
C PHE A 667 3.17 -31.56 -24.48
N LEU A 668 3.02 -32.47 -23.53
CA LEU A 668 1.71 -32.97 -23.12
C LEU A 668 1.40 -32.55 -21.69
N SER A 669 0.15 -32.16 -21.45
CA SER A 669 -0.34 -31.80 -20.13
C SER A 669 -1.15 -32.96 -19.55
N VAL A 670 -0.43 -33.99 -19.09
CA VAL A 670 -1.07 -35.19 -18.57
C VAL A 670 -1.81 -34.86 -17.28
N PHE A 671 -3.01 -35.42 -17.13
CA PHE A 671 -3.83 -35.20 -15.95
C PHE A 671 -4.67 -36.45 -15.67
N PHE A 672 -4.98 -36.62 -14.40
CA PHE A 672 -5.92 -37.64 -13.91
C PHE A 672 -7.11 -36.90 -13.31
N SER A 673 -8.27 -37.02 -13.93
CA SER A 673 -9.43 -36.27 -13.47
C SER A 673 -9.78 -36.66 -12.03
N GLY A 674 -9.69 -35.69 -11.13
CA GLY A 674 -9.99 -35.93 -9.73
C GLY A 674 -8.86 -36.49 -8.90
N TYR A 675 -7.62 -36.33 -9.33
CA TYR A 675 -6.48 -36.88 -8.59
C TYR A 675 -5.31 -35.91 -8.62
N THR A 676 -4.76 -35.63 -7.44
CA THR A 676 -3.49 -34.94 -7.30
C THR A 676 -2.40 -35.95 -6.97
N PHE A 677 -1.21 -35.71 -7.48
CA PHE A 677 -0.14 -36.70 -7.39
C PHE A 677 1.16 -36.04 -6.94
N LYS A 678 1.99 -36.83 -6.25
CA LYS A 678 3.26 -36.30 -5.69
C LYS A 678 4.39 -36.39 -6.72
N HIS A 679 4.69 -35.29 -7.39
CA HIS A 679 5.79 -35.21 -8.33
C HIS A 679 6.86 -34.30 -7.75
N LYS A 680 8.11 -34.74 -7.83
CA LYS A 680 9.27 -33.98 -7.35
C LYS A 680 9.04 -33.46 -5.93
N MET A 681 8.53 -34.35 -5.07
CA MET A 681 8.32 -34.09 -3.65
C MET A 681 7.25 -33.04 -3.38
N VAL A 682 6.35 -32.78 -4.32
CA VAL A 682 5.24 -31.85 -4.09
C VAL A 682 3.99 -32.38 -4.75
N TYR A 683 2.85 -32.16 -4.10
CA TYR A 683 1.56 -32.60 -4.64
C TYR A 683 1.11 -31.60 -5.70
N GLU A 684 1.13 -32.02 -6.96
CA GLU A 684 0.65 -31.20 -8.06
C GLU A 684 -0.52 -31.88 -8.75
N ASP A 685 -0.95 -31.26 -9.85
CA ASP A 685 -2.18 -31.64 -10.53
C ASP A 685 -2.00 -31.93 -12.01
N THR A 686 -1.04 -31.30 -12.67
CA THR A 686 -0.82 -31.47 -14.09
C THR A 686 0.65 -31.78 -14.32
N LEU A 687 0.93 -32.75 -15.19
CA LEU A 687 2.28 -33.18 -15.48
C LEU A 687 2.64 -32.70 -16.87
N THR A 688 3.72 -31.92 -16.97
CA THR A 688 4.22 -31.43 -18.26
C THR A 688 5.27 -32.40 -18.77
N LEU A 689 5.01 -32.99 -19.94
CA LEU A 689 5.89 -34.00 -20.51
C LEU A 689 6.39 -33.52 -21.86
N PHE A 690 7.67 -33.19 -21.92
CA PHE A 690 8.30 -32.92 -23.20
C PHE A 690 8.47 -34.22 -23.97
N PRO A 691 8.55 -34.16 -25.30
CA PRO A 691 8.71 -35.38 -26.09
C PRO A 691 9.96 -36.14 -25.70
N PHE A 692 9.87 -37.48 -25.71
CA PHE A 692 10.96 -38.37 -25.35
C PHE A 692 11.39 -38.19 -23.90
N SER A 693 10.44 -38.03 -22.99
CA SER A 693 10.73 -37.84 -21.58
C SER A 693 9.76 -38.66 -20.74
N GLY A 694 10.23 -39.05 -19.56
CA GLY A 694 9.43 -39.83 -18.63
C GLY A 694 9.52 -39.27 -17.23
N GLU A 695 8.42 -39.37 -16.50
CA GLU A 695 8.32 -38.85 -15.14
C GLU A 695 7.71 -39.91 -14.23
N THR A 696 8.29 -40.05 -13.04
CA THR A 696 7.72 -40.93 -12.02
C THR A 696 6.78 -40.13 -11.12
N VAL A 697 5.63 -40.72 -10.83
CA VAL A 697 4.57 -40.05 -10.09
C VAL A 697 4.07 -40.98 -9.01
N PHE A 698 3.82 -40.42 -7.83
CA PHE A 698 3.33 -41.16 -6.68
C PHE A 698 1.92 -40.67 -6.36
N MET A 699 0.99 -41.59 -6.13
CA MET A 699 -0.33 -41.14 -5.70
C MET A 699 -1.06 -42.22 -4.91
N SER A 700 -1.89 -41.77 -3.98
CA SER A 700 -2.78 -42.65 -3.23
C SER A 700 -4.17 -42.58 -3.82
N MET A 701 -4.76 -43.74 -4.08
CA MET A 701 -6.07 -43.81 -4.75
C MET A 701 -7.18 -43.72 -3.71
N GLU A 702 -7.34 -42.52 -3.16
CA GLU A 702 -8.36 -42.25 -2.15
C GLU A 702 -9.69 -41.78 -2.73
N ASN A 703 -9.75 -41.53 -4.04
CA ASN A 703 -10.96 -41.01 -4.66
C ASN A 703 -11.60 -42.07 -5.54
N PRO A 704 -12.71 -42.68 -5.13
CA PRO A 704 -13.32 -43.75 -5.92
C PRO A 704 -14.25 -43.24 -7.01
N GLY A 705 -14.34 -44.02 -8.07
CA GLY A 705 -15.22 -43.73 -9.17
C GLY A 705 -14.55 -44.04 -10.50
N LEU A 706 -15.17 -43.56 -11.56
CA LEU A 706 -14.65 -43.71 -12.92
C LEU A 706 -14.07 -42.36 -13.35
N TRP A 707 -12.76 -42.31 -13.54
CA TRP A 707 -12.07 -41.09 -13.86
C TRP A 707 -11.45 -41.19 -15.26
N ILE A 708 -11.16 -40.04 -15.84
CA ILE A 708 -10.60 -39.95 -17.18
C ILE A 708 -9.16 -39.49 -17.06
N LEU A 709 -8.23 -40.31 -17.53
CA LEU A 709 -6.84 -39.94 -17.64
C LEU A 709 -6.59 -39.43 -19.06
N GLY A 710 -5.99 -38.26 -19.18
CA GLY A 710 -5.78 -37.68 -20.48
C GLY A 710 -4.70 -36.65 -20.50
N CYS A 711 -4.72 -35.82 -21.54
CA CYS A 711 -3.82 -34.68 -21.66
C CYS A 711 -4.63 -33.47 -22.06
N HIS A 712 -4.18 -32.29 -21.62
CA HIS A 712 -4.90 -31.06 -21.92
C HIS A 712 -4.52 -30.54 -23.29
N ASN A 713 -4.57 -31.39 -24.30
CA ASN A 713 -4.47 -30.99 -25.70
C ASN A 713 -5.81 -31.31 -26.36
N SER A 714 -6.46 -30.30 -26.91
CA SER A 714 -7.83 -30.47 -27.39
C SER A 714 -7.89 -31.48 -28.54
N ASP A 715 -6.98 -31.35 -29.52
CA ASP A 715 -6.99 -32.27 -30.65
C ASP A 715 -6.69 -33.69 -30.20
N PHE A 716 -5.68 -33.87 -29.35
CA PHE A 716 -5.35 -35.20 -28.88
C PHE A 716 -6.48 -35.77 -28.02
N ARG A 717 -7.12 -34.93 -27.22
CA ARG A 717 -8.23 -35.38 -26.39
C ARG A 717 -9.40 -35.86 -27.25
N ASN A 718 -9.68 -35.15 -28.33
CA ASN A 718 -10.78 -35.53 -29.21
C ASN A 718 -10.39 -36.57 -30.25
N ARG A 719 -9.11 -36.94 -30.34
CA ARG A 719 -8.66 -37.98 -31.25
C ARG A 719 -8.45 -39.31 -30.55
N GLY A 720 -8.93 -39.46 -29.31
CA GLY A 720 -8.92 -40.73 -28.63
C GLY A 720 -7.78 -41.00 -27.68
N MET A 721 -6.96 -39.99 -27.35
CA MET A 721 -5.88 -40.17 -26.38
C MET A 721 -6.42 -39.96 -24.96
N THR A 722 -7.36 -40.82 -24.59
CA THR A 722 -7.96 -40.82 -23.27
C THR A 722 -8.06 -42.25 -22.77
N ALA A 723 -7.95 -42.43 -21.46
CA ALA A 723 -8.10 -43.73 -20.83
C ALA A 723 -9.05 -43.62 -19.64
N LEU A 724 -9.63 -44.75 -19.28
CA LEU A 724 -10.51 -44.84 -18.12
C LEU A 724 -9.74 -45.41 -16.93
N LEU A 725 -10.07 -44.92 -15.74
CA LEU A 725 -9.45 -45.37 -14.50
C LEU A 725 -10.57 -45.68 -13.52
N LYS A 726 -10.68 -46.96 -13.14
CA LYS A 726 -11.72 -47.41 -12.22
C LYS A 726 -11.11 -47.56 -10.83
N VAL A 727 -11.63 -46.81 -9.86
CA VAL A 727 -11.17 -46.89 -8.48
C VAL A 727 -12.34 -47.36 -7.63
N SER A 728 -12.15 -48.48 -6.94
CA SER A 728 -13.18 -49.06 -6.10
C SER A 728 -12.52 -49.94 -5.06
N SER A 729 -13.30 -50.32 -4.04
CA SER A 729 -12.78 -51.16 -2.98
C SER A 729 -12.46 -52.55 -3.49
N CYS A 730 -11.37 -53.12 -2.96
CA CYS A 730 -10.96 -54.47 -3.32
C CYS A 730 -11.16 -55.42 -2.15
N GLU A 1082 -21.74 -10.13 27.19
CA GLU A 1082 -20.42 -9.74 27.74
C GLU A 1082 -19.58 -9.08 26.64
N ASP A 1083 -18.86 -8.01 26.97
CA ASP A 1083 -18.08 -7.26 25.95
C ASP A 1083 -16.99 -8.15 25.37
N PHE A 1084 -16.77 -8.08 24.05
CA PHE A 1084 -15.75 -8.92 23.38
C PHE A 1084 -15.11 -8.13 22.24
N ASP A 1085 -13.89 -8.50 21.84
CA ASP A 1085 -13.25 -7.85 20.67
C ASP A 1085 -13.80 -8.47 19.39
N ILE A 1086 -14.21 -7.64 18.43
CA ILE A 1086 -14.71 -8.14 17.17
C ILE A 1086 -13.59 -8.83 16.40
N TYS A 1087 -12.37 -8.32 16.55
CA TYS A 1087 -11.20 -8.92 15.86
CB TYS A 1087 -10.64 -7.95 14.81
CG TYS A 1087 -11.64 -7.50 13.77
CD1 TYS A 1087 -12.17 -6.23 13.79
CD2 TYS A 1087 -12.05 -8.36 12.77
CE1 TYS A 1087 -13.09 -5.81 12.84
CE2 TYS A 1087 -12.98 -7.97 11.81
CZ TYS A 1087 -13.48 -6.70 11.88
OH TYS A 1087 -14.42 -6.30 10.88
S TYS A 1087 -14.48 -4.81 10.31
O1 TYS A 1087 -14.43 -3.94 11.45
O2 TYS A 1087 -13.31 -4.75 9.45
O3 TYS A 1087 -15.73 -4.78 9.60
C TYS A 1087 -10.13 -9.28 16.90
O TYS A 1087 -9.78 -8.42 17.72
N ASP A 1088 -9.62 -10.51 16.85
CA ASP A 1088 -8.62 -10.97 17.79
C ASP A 1088 -7.91 -12.21 17.27
N LYS A 1100 -11.98 -27.95 11.62
CA LYS A 1100 -13.21 -28.73 11.73
C LYS A 1100 -14.42 -27.89 11.34
N LYS A 1101 -14.16 -26.73 10.74
CA LYS A 1101 -15.22 -25.82 10.33
C LYS A 1101 -15.49 -25.97 8.83
N THR A 1102 -16.75 -25.73 8.46
CA THR A 1102 -17.17 -25.76 7.07
C THR A 1102 -17.14 -24.36 6.49
N ARG A 1103 -16.50 -24.20 5.34
CA ARG A 1103 -16.36 -22.90 4.68
C ARG A 1103 -17.28 -22.90 3.47
N HIS A 1104 -18.49 -22.37 3.66
CA HIS A 1104 -19.50 -22.37 2.61
C HIS A 1104 -19.27 -21.23 1.64
N TYR A 1105 -19.38 -21.54 0.35
CA TYR A 1105 -19.28 -20.57 -0.73
C TYR A 1105 -20.52 -20.66 -1.62
N PHE A 1106 -20.75 -19.59 -2.38
CA PHE A 1106 -21.86 -19.53 -3.33
C PHE A 1106 -21.37 -18.88 -4.62
N ILE A 1107 -21.08 -19.71 -5.62
CA ILE A 1107 -20.57 -19.25 -6.90
C ILE A 1107 -21.61 -19.55 -7.97
N ALA A 1108 -21.80 -18.61 -8.89
CA ALA A 1108 -22.65 -18.79 -10.04
C ALA A 1108 -21.83 -18.62 -11.32
N ALA A 1109 -22.39 -19.10 -12.42
CA ALA A 1109 -21.84 -18.85 -13.76
C ALA A 1109 -22.74 -17.81 -14.41
N VAL A 1110 -22.20 -16.62 -14.63
CA VAL A 1110 -23.00 -15.50 -15.12
C VAL A 1110 -22.43 -15.01 -16.45
N GLU A 1111 -23.31 -14.44 -17.26
CA GLU A 1111 -22.92 -13.88 -18.56
C GLU A 1111 -22.81 -12.36 -18.45
N ARG A 1112 -21.66 -11.84 -18.85
CA ARG A 1112 -21.38 -10.42 -18.74
C ARG A 1112 -20.59 -9.96 -19.95
N LEU A 1113 -20.69 -8.66 -20.24
CA LEU A 1113 -19.90 -8.07 -21.30
C LEU A 1113 -18.49 -7.78 -20.79
N TRP A 1114 -17.52 -7.89 -21.70
CA TRP A 1114 -16.11 -7.77 -21.35
C TRP A 1114 -15.37 -7.23 -22.54
N ASP A 1115 -14.64 -6.12 -22.35
CA ASP A 1115 -13.87 -5.50 -23.42
C ASP A 1115 -12.37 -5.60 -23.19
N TYR A 1116 -11.93 -6.45 -22.26
CA TYR A 1116 -10.51 -6.71 -21.99
C TYR A 1116 -9.77 -5.44 -21.56
N GLY A 1117 -10.48 -4.52 -20.92
CA GLY A 1117 -9.86 -3.28 -20.48
C GLY A 1117 -9.49 -2.33 -21.58
N MET A 1118 -10.21 -2.36 -22.70
CA MET A 1118 -9.95 -1.43 -23.80
C MET A 1118 -10.75 -0.14 -23.69
N SER A 1119 -11.69 -0.05 -22.75
CA SER A 1119 -12.38 1.20 -22.53
C SER A 1119 -11.52 2.20 -21.75
N SER A 1120 -10.47 1.74 -21.09
CA SER A 1120 -9.59 2.60 -20.32
C SER A 1120 -8.80 3.53 -21.24
N SER A 1133 -14.91 2.17 -32.59
CA SER A 1133 -15.66 1.60 -31.47
C SER A 1133 -14.91 0.43 -30.85
N VAL A 1134 -14.95 0.34 -29.53
CA VAL A 1134 -14.28 -0.72 -28.79
C VAL A 1134 -15.16 -1.95 -28.73
N PRO A 1135 -14.69 -3.11 -29.17
CA PRO A 1135 -15.54 -4.31 -29.16
C PRO A 1135 -15.86 -4.76 -27.73
N GLN A 1136 -17.05 -5.33 -27.57
CA GLN A 1136 -17.49 -5.91 -26.30
C GLN A 1136 -17.91 -7.35 -26.55
N PHE A 1137 -17.34 -8.27 -25.79
CA PHE A 1137 -17.59 -9.70 -25.97
C PHE A 1137 -18.40 -10.22 -24.79
N LYS A 1138 -19.41 -11.05 -25.10
CA LYS A 1138 -20.27 -11.63 -24.08
C LYS A 1138 -19.63 -12.91 -23.56
N LYS A 1139 -19.06 -12.86 -22.37
CA LYS A 1139 -18.35 -13.97 -21.77
C LYS A 1139 -19.14 -14.52 -20.59
N VAL A 1140 -18.69 -15.66 -20.06
CA VAL A 1140 -19.27 -16.28 -18.89
C VAL A 1140 -18.17 -16.40 -17.84
N VAL A 1141 -18.49 -16.01 -16.61
CA VAL A 1141 -17.52 -15.92 -15.53
C VAL A 1141 -18.12 -16.49 -14.25
N PHE A 1142 -17.22 -16.84 -13.32
CA PHE A 1142 -17.63 -17.21 -11.97
C PHE A 1142 -17.88 -15.95 -11.14
N GLN A 1143 -18.97 -15.97 -10.39
CA GLN A 1143 -19.44 -14.79 -9.65
C GLN A 1143 -19.85 -15.21 -8.25
N GLU A 1144 -19.22 -14.62 -7.24
CA GLU A 1144 -19.56 -14.94 -5.86
C GLU A 1144 -20.77 -14.13 -5.41
N PHE A 1145 -21.74 -14.81 -4.82
CA PHE A 1145 -22.92 -14.17 -4.28
C PHE A 1145 -22.91 -14.25 -2.76
N THR A 1146 -23.73 -13.40 -2.14
CA THR A 1146 -23.73 -13.30 -0.69
C THR A 1146 -24.23 -14.58 -0.04
N ASP A 1147 -25.35 -15.11 -0.53
CA ASP A 1147 -25.96 -16.30 0.06
C ASP A 1147 -26.50 -17.18 -1.06
N GLY A 1148 -27.32 -18.16 -0.68
CA GLY A 1148 -27.84 -19.14 -1.63
C GLY A 1148 -28.97 -18.66 -2.50
N SER A 1149 -29.53 -17.47 -2.22
CA SER A 1149 -30.57 -16.94 -3.10
C SER A 1149 -30.02 -16.56 -4.47
N PHE A 1150 -28.72 -16.29 -4.57
CA PHE A 1150 -28.07 -15.90 -5.83
C PHE A 1150 -28.76 -14.70 -6.46
N THR A 1151 -29.13 -13.72 -5.63
CA THR A 1151 -29.75 -12.50 -6.10
C THR A 1151 -28.94 -11.25 -5.81
N GLN A 1152 -27.88 -11.34 -5.01
CA GLN A 1152 -27.04 -10.18 -4.68
C GLN A 1152 -25.58 -10.61 -4.70
N PRO A 1153 -24.84 -10.28 -5.76
CA PRO A 1153 -23.43 -10.68 -5.83
C PRO A 1153 -22.61 -10.00 -4.76
N LEU A 1154 -21.62 -10.73 -4.25
CA LEU A 1154 -20.74 -10.18 -3.23
C LEU A 1154 -19.82 -9.14 -3.85
N TYR A 1155 -19.76 -7.96 -3.21
CA TYR A 1155 -18.98 -6.85 -3.74
C TYR A 1155 -17.49 -7.17 -3.64
N ARG A 1156 -16.79 -7.03 -4.76
CA ARG A 1156 -15.34 -7.23 -4.80
C ARG A 1156 -14.65 -5.89 -4.59
N GLY A 1157 -13.81 -5.81 -3.57
CA GLY A 1157 -13.25 -4.54 -3.12
C GLY A 1157 -11.84 -4.32 -3.59
N GLU A 1158 -11.06 -3.63 -2.75
CA GLU A 1158 -9.69 -3.28 -3.11
C GLU A 1158 -8.76 -4.48 -3.12
N LEU A 1159 -8.98 -5.44 -2.22
CA LEU A 1159 -8.05 -6.56 -2.10
C LEU A 1159 -8.16 -7.54 -3.27
N ASN A 1160 -9.35 -7.73 -3.81
CA ASN A 1160 -9.57 -8.72 -4.87
C ASN A 1160 -9.84 -8.10 -6.23
N GLU A 1161 -9.76 -6.77 -6.37
CA GLU A 1161 -10.01 -6.14 -7.65
C GLU A 1161 -9.04 -6.60 -8.73
N HIS A 1162 -7.90 -7.13 -8.35
CA HIS A 1162 -6.92 -7.64 -9.30
C HIS A 1162 -7.35 -8.92 -9.99
N LEU A 1163 -8.44 -9.55 -9.53
CA LEU A 1163 -8.84 -10.84 -10.08
C LEU A 1163 -9.29 -10.72 -11.53
N GLY A 1164 -10.04 -9.68 -11.86
CA GLY A 1164 -10.48 -9.48 -13.23
C GLY A 1164 -11.46 -10.53 -13.71
N LEU A 1165 -11.02 -11.37 -14.64
CA LEU A 1165 -11.82 -12.51 -15.09
C LEU A 1165 -11.72 -13.71 -14.18
N LEU A 1166 -10.65 -13.81 -13.38
CA LEU A 1166 -10.51 -14.92 -12.45
C LEU A 1166 -11.66 -14.94 -11.47
N GLY A 1167 -12.06 -16.13 -11.06
CA GLY A 1167 -13.15 -16.29 -10.14
C GLY A 1167 -12.75 -15.93 -8.72
N PRO A 1168 -13.71 -16.07 -7.81
CA PRO A 1168 -13.44 -15.76 -6.41
C PRO A 1168 -12.40 -16.70 -5.82
N TYR A 1169 -11.65 -16.19 -4.84
CA TYR A 1169 -10.78 -17.04 -4.03
C TYR A 1169 -11.65 -17.97 -3.20
N ILE A 1170 -11.42 -19.27 -3.31
CA ILE A 1170 -12.04 -20.25 -2.42
C ILE A 1170 -10.93 -20.73 -1.48
N ARG A 1171 -10.93 -20.21 -0.26
CA ARG A 1171 -9.86 -20.50 0.69
C ARG A 1171 -10.32 -21.56 1.70
N ALA A 1172 -9.40 -22.46 2.04
CA ALA A 1172 -9.68 -23.45 3.07
C ALA A 1172 -8.37 -23.95 3.64
N GLU A 1173 -8.46 -24.56 4.81
CA GLU A 1173 -7.32 -25.21 5.45
C GLU A 1173 -7.53 -26.72 5.47
N VAL A 1174 -6.46 -27.43 5.84
CA VAL A 1174 -6.58 -28.87 6.03
C VAL A 1174 -7.58 -29.14 7.15
N GLU A 1175 -8.22 -30.31 7.08
CA GLU A 1175 -9.24 -30.78 7.99
C GLU A 1175 -10.51 -29.95 7.93
N ASP A 1176 -10.57 -28.93 7.09
CA ASP A 1176 -11.79 -28.15 6.90
C ASP A 1176 -12.67 -28.78 5.84
N ASN A 1177 -13.89 -28.28 5.73
CA ASN A 1177 -14.85 -28.75 4.74
C ASN A 1177 -15.16 -27.62 3.77
N ILE A 1178 -14.96 -27.87 2.49
CA ILE A 1178 -15.37 -26.94 1.45
C ILE A 1178 -16.73 -27.36 0.95
N MET A 1179 -17.66 -26.41 0.92
CA MET A 1179 -19.02 -26.64 0.43
C MET A 1179 -19.34 -25.52 -0.55
N VAL A 1180 -19.26 -25.83 -1.84
CA VAL A 1180 -19.50 -24.85 -2.89
C VAL A 1180 -20.88 -25.10 -3.48
N THR A 1181 -21.75 -24.10 -3.40
CA THR A 1181 -23.04 -24.15 -4.07
C THR A 1181 -22.91 -23.43 -5.41
N PHE A 1182 -23.05 -24.18 -6.51
CA PHE A 1182 -22.79 -23.68 -7.84
C PHE A 1182 -24.10 -23.66 -8.61
N ARG A 1183 -24.47 -22.48 -9.12
CA ARG A 1183 -25.69 -22.29 -9.89
C ARG A 1183 -25.33 -21.84 -11.29
N ASN A 1184 -25.90 -22.49 -12.29
CA ASN A 1184 -25.64 -22.15 -13.69
C ASN A 1184 -26.67 -21.13 -14.14
N GLN A 1185 -26.29 -19.86 -14.13
CA GLN A 1185 -27.15 -18.79 -14.62
C GLN A 1185 -26.86 -18.41 -16.06
N ALA A 1186 -25.94 -19.11 -16.72
CA ALA A 1186 -25.61 -18.85 -18.11
C ALA A 1186 -26.65 -19.49 -19.02
N SER A 1187 -26.39 -19.52 -20.32
CA SER A 1187 -27.35 -20.00 -21.30
C SER A 1187 -27.12 -21.46 -21.69
N ARG A 1188 -25.96 -22.02 -21.41
CA ARG A 1188 -25.63 -23.39 -21.77
C ARG A 1188 -25.07 -24.09 -20.54
N PRO A 1189 -25.18 -25.42 -20.48
CA PRO A 1189 -24.73 -26.13 -19.28
C PRO A 1189 -23.24 -25.96 -19.03
N TYR A 1190 -22.89 -25.78 -17.75
CA TYR A 1190 -21.51 -25.71 -17.31
C TYR A 1190 -21.31 -26.61 -16.09
N SER A 1191 -20.18 -26.50 -15.42
CA SER A 1191 -19.91 -27.29 -14.23
C SER A 1191 -18.89 -26.58 -13.37
N PHE A 1192 -18.77 -27.06 -12.13
CA PHE A 1192 -17.74 -26.63 -11.20
C PHE A 1192 -16.83 -27.83 -10.95
N TYR A 1193 -15.64 -27.80 -11.55
CA TYR A 1193 -14.70 -28.90 -11.43
C TYR A 1193 -13.40 -28.42 -10.82
N SER A 1194 -12.96 -29.11 -9.76
CA SER A 1194 -11.62 -28.96 -9.21
C SER A 1194 -11.08 -30.35 -8.93
N SER A 1195 -9.77 -30.51 -9.09
CA SER A 1195 -9.15 -31.81 -8.82
C SER A 1195 -9.16 -32.18 -7.36
N LEU A 1196 -9.48 -31.24 -6.46
CA LEU A 1196 -9.54 -31.53 -5.04
C LEU A 1196 -10.90 -32.07 -4.60
N ILE A 1197 -11.91 -32.06 -5.48
CA ILE A 1197 -13.24 -32.52 -5.11
C ILE A 1197 -13.19 -34.04 -4.96
N SER A 1198 -13.36 -34.51 -3.73
CA SER A 1198 -13.31 -35.94 -3.44
C SER A 1198 -14.71 -36.46 -3.21
N TYR A 1199 -14.91 -37.75 -3.54
CA TYR A 1199 -16.20 -38.40 -3.41
C TYR A 1199 -16.05 -39.65 -2.57
N GLU A 1200 -17.14 -40.41 -2.46
CA GLU A 1200 -17.17 -41.61 -1.64
C GLU A 1200 -18.28 -42.56 -2.09
N PRO A 1209 -20.20 -43.56 -14.35
CA PRO A 1209 -19.54 -42.54 -13.53
C PRO A 1209 -20.52 -41.54 -12.93
N ARG A 1210 -20.02 -40.38 -12.55
CA ARG A 1210 -20.85 -39.30 -12.03
C ARG A 1210 -21.09 -38.25 -13.10
N LYS A 1211 -22.29 -37.67 -13.08
CA LYS A 1211 -22.72 -36.69 -14.07
C LYS A 1211 -22.48 -35.31 -13.50
N ASN A 1212 -21.25 -34.80 -13.67
CA ASN A 1212 -20.92 -33.43 -13.27
C ASN A 1212 -21.36 -32.51 -14.41
N PHE A 1213 -22.65 -32.22 -14.43
CA PHE A 1213 -23.28 -31.54 -15.57
C PHE A 1213 -24.42 -30.70 -15.01
N VAL A 1214 -24.21 -29.38 -14.98
CA VAL A 1214 -25.17 -28.45 -14.39
C VAL A 1214 -25.90 -27.75 -15.52
N LYS A 1215 -27.18 -28.02 -15.66
CA LYS A 1215 -28.00 -27.35 -16.66
C LYS A 1215 -28.27 -25.91 -16.22
N PRO A 1216 -28.65 -25.04 -17.16
CA PRO A 1216 -29.01 -23.68 -16.78
C PRO A 1216 -30.17 -23.66 -15.80
N ASN A 1217 -30.13 -22.70 -14.87
CA ASN A 1217 -31.10 -22.53 -13.80
C ASN A 1217 -31.16 -23.72 -12.86
N GLU A 1218 -30.04 -24.42 -12.67
CA GLU A 1218 -29.95 -25.53 -11.73
C GLU A 1218 -28.74 -25.33 -10.82
N THR A 1219 -28.83 -25.85 -9.60
CA THR A 1219 -27.77 -25.74 -8.62
C THR A 1219 -27.23 -27.12 -8.28
N LYS A 1220 -25.98 -27.14 -7.84
CA LYS A 1220 -25.33 -28.36 -7.40
C LYS A 1220 -24.37 -28.01 -6.27
N THR A 1221 -24.30 -28.89 -5.27
CA THR A 1221 -23.44 -28.67 -4.12
C THR A 1221 -22.26 -29.62 -4.17
N TYR A 1222 -21.05 -29.07 -4.06
CA TYR A 1222 -19.82 -29.84 -4.02
C TYR A 1222 -19.25 -29.71 -2.61
N PHE A 1223 -19.38 -30.77 -1.83
CA PHE A 1223 -18.92 -30.80 -0.45
C PHE A 1223 -17.82 -31.83 -0.31
N TRP A 1224 -16.72 -31.45 0.32
CA TRP A 1224 -15.65 -32.39 0.58
C TRP A 1224 -14.76 -31.88 1.70
N LYS A 1225 -13.83 -32.72 2.13
CA LYS A 1225 -12.89 -32.40 3.18
C LYS A 1225 -11.49 -32.24 2.61
N VAL A 1226 -10.80 -31.19 3.03
CA VAL A 1226 -9.46 -30.90 2.55
C VAL A 1226 -8.47 -31.81 3.27
N GLN A 1227 -7.64 -32.50 2.51
CA GLN A 1227 -6.70 -33.48 3.03
C GLN A 1227 -5.27 -33.06 2.70
N HIS A 1228 -4.31 -33.81 3.24
CA HIS A 1228 -2.91 -33.44 3.14
C HIS A 1228 -2.38 -33.49 1.70
N HIS A 1229 -2.97 -34.31 0.84
CA HIS A 1229 -2.54 -34.33 -0.55
C HIS A 1229 -3.05 -33.15 -1.34
N MET A 1230 -4.00 -32.40 -0.79
CA MET A 1230 -4.49 -31.16 -1.40
C MET A 1230 -3.80 -29.93 -0.86
N ALA A 1231 -2.82 -30.08 0.03
CA ALA A 1231 -2.24 -29.00 0.80
C ALA A 1231 -0.75 -28.89 0.56
N PRO A 1232 -0.16 -27.71 0.79
CA PRO A 1232 1.29 -27.60 0.70
C PRO A 1232 1.98 -28.40 1.79
N THR A 1233 3.18 -28.89 1.46
CA THR A 1233 3.95 -29.68 2.40
C THR A 1233 4.53 -28.78 3.49
N LYS A 1234 5.28 -29.38 4.40
CA LYS A 1234 5.88 -28.62 5.49
C LYS A 1234 6.96 -27.67 5.01
N ASP A 1235 7.50 -27.87 3.80
CA ASP A 1235 8.59 -27.05 3.30
C ASP A 1235 8.09 -25.82 2.56
N GLU A 1236 7.13 -25.99 1.66
CA GLU A 1236 6.70 -24.90 0.80
C GLU A 1236 5.88 -23.88 1.59
N PHE A 1237 5.40 -22.86 0.89
CA PHE A 1237 4.76 -21.71 1.53
C PHE A 1237 3.46 -22.13 2.22
N ASP A 1238 2.92 -21.20 3.02
CA ASP A 1238 1.81 -21.52 3.88
C ASP A 1238 0.53 -21.84 3.11
N CYS A 1239 0.42 -21.41 1.86
CA CYS A 1239 -0.75 -21.71 1.04
C CYS A 1239 -0.31 -22.22 -0.32
N LYS A 1240 -1.16 -23.04 -0.92
CA LYS A 1240 -0.97 -23.58 -2.26
C LYS A 1240 -2.21 -23.28 -3.08
N ALA A 1241 -2.00 -22.99 -4.36
CA ALA A 1241 -3.08 -22.61 -5.25
C ALA A 1241 -3.44 -23.74 -6.19
N TRP A 1242 -4.74 -23.98 -6.34
CA TRP A 1242 -5.29 -24.92 -7.30
C TRP A 1242 -6.29 -24.19 -8.18
N ALA A 1243 -6.55 -24.75 -9.35
CA ALA A 1243 -7.45 -24.14 -10.30
C ALA A 1243 -8.78 -24.87 -10.30
N TYR A 1244 -9.87 -24.10 -10.36
CA TYR A 1244 -11.18 -24.67 -10.61
C TYR A 1244 -11.76 -24.03 -11.86
N PHE A 1245 -12.53 -24.82 -12.60
CA PHE A 1245 -13.05 -24.39 -13.89
C PHE A 1245 -14.17 -25.34 -14.29
N SER A 1246 -14.80 -25.04 -15.43
CA SER A 1246 -15.82 -25.92 -15.98
C SER A 1246 -15.16 -26.99 -16.84
N ASP A 1247 -15.53 -28.25 -16.61
CA ASP A 1247 -14.95 -29.38 -17.32
C ASP A 1247 -15.88 -29.97 -18.35
N VAL A 1248 -17.01 -29.31 -18.65
CA VAL A 1248 -17.86 -29.77 -19.74
C VAL A 1248 -17.11 -29.70 -21.06
N ASP A 1249 -16.35 -28.63 -21.28
CA ASP A 1249 -15.44 -28.54 -22.42
C ASP A 1249 -14.20 -27.81 -21.94
N LEU A 1250 -13.09 -28.53 -21.82
CA LEU A 1250 -11.90 -27.96 -21.17
C LEU A 1250 -11.30 -26.83 -21.99
N GLU A 1251 -11.56 -26.77 -23.29
CA GLU A 1251 -10.96 -25.72 -24.12
C GLU A 1251 -11.89 -24.54 -24.32
N LYS A 1252 -13.12 -24.77 -24.75
CA LYS A 1252 -14.04 -23.67 -25.03
C LYS A 1252 -14.46 -22.93 -23.77
N ASP A 1253 -14.59 -23.63 -22.64
CA ASP A 1253 -15.00 -22.97 -21.41
C ASP A 1253 -13.91 -22.08 -20.83
N VAL A 1254 -12.64 -22.40 -21.04
CA VAL A 1254 -11.57 -21.52 -20.61
C VAL A 1254 -11.51 -20.28 -21.49
N HIS A 1255 -11.69 -20.43 -22.80
CA HIS A 1255 -11.79 -19.28 -23.68
C HIS A 1255 -13.03 -18.44 -23.42
N SER A 1256 -14.07 -19.04 -22.84
CA SER A 1256 -15.28 -18.31 -22.50
C SER A 1256 -15.16 -17.56 -21.18
N GLY A 1257 -14.15 -17.86 -20.36
CA GLY A 1257 -13.88 -17.08 -19.17
C GLY A 1257 -14.25 -17.73 -17.85
N LEU A 1258 -14.12 -19.04 -17.76
CA LEU A 1258 -14.42 -19.77 -16.53
C LEU A 1258 -13.14 -20.35 -15.97
N ILE A 1259 -12.66 -19.76 -14.87
CA ILE A 1259 -11.43 -20.17 -14.20
C ILE A 1259 -11.41 -19.48 -12.84
N GLY A 1260 -10.76 -20.07 -11.85
CA GLY A 1260 -10.73 -19.48 -10.54
C GLY A 1260 -9.71 -20.11 -9.60
N PRO A 1261 -9.29 -19.34 -8.60
CA PRO A 1261 -8.29 -19.82 -7.63
C PRO A 1261 -8.90 -20.43 -6.37
N LEU A 1262 -8.32 -21.57 -5.98
CA LEU A 1262 -8.70 -22.28 -4.76
C LEU A 1262 -7.45 -22.40 -3.91
N LEU A 1263 -7.42 -21.70 -2.79
CA LEU A 1263 -6.26 -21.71 -1.91
C LEU A 1263 -6.46 -22.73 -0.80
N VAL A 1264 -5.44 -23.56 -0.57
CA VAL A 1264 -5.42 -24.50 0.54
C VAL A 1264 -4.21 -24.16 1.39
N CYS A 1265 -4.44 -23.87 2.67
CA CYS A 1265 -3.40 -23.36 3.54
C CYS A 1265 -3.21 -24.28 4.74
N HIS A 1266 -2.07 -24.14 5.39
CA HIS A 1266 -1.80 -24.88 6.62
C HIS A 1266 -2.82 -24.53 7.69
N THR A 1267 -2.83 -25.32 8.75
CA THR A 1267 -3.67 -25.00 9.91
C THR A 1267 -3.19 -23.73 10.59
N ASN A 1268 -4.12 -23.06 11.26
CA ASN A 1268 -3.89 -21.79 11.94
C ASN A 1268 -3.06 -20.83 11.09
N THR A 1269 -3.45 -20.71 9.82
CA THR A 1269 -2.86 -19.73 8.91
C THR A 1269 -3.87 -18.77 8.30
N LEU A 1270 -5.17 -19.02 8.47
CA LEU A 1270 -6.20 -18.08 8.04
C LEU A 1270 -6.75 -17.35 9.26
N ASN A 1271 -7.04 -16.07 9.06
CA ASN A 1271 -7.61 -15.27 10.13
C ASN A 1271 -9.05 -15.69 10.37
N PRO A 1272 -9.43 -16.02 11.61
CA PRO A 1272 -10.83 -16.44 11.86
C PRO A 1272 -11.86 -15.38 11.51
N ALA A 1273 -11.55 -14.10 11.70
CA ALA A 1273 -12.51 -13.04 11.44
C ALA A 1273 -12.60 -12.65 9.98
N HIS A 1274 -11.49 -12.71 9.24
CA HIS A 1274 -11.44 -12.26 7.86
C HIS A 1274 -11.44 -13.40 6.85
N GLY A 1275 -10.84 -14.53 7.20
CA GLY A 1275 -10.78 -15.66 6.29
C GLY A 1275 -9.60 -15.68 5.35
N ARG A 1276 -8.55 -14.90 5.63
CA ARG A 1276 -7.38 -14.85 4.78
C ARG A 1276 -6.14 -14.82 5.66
N GLN A 1277 -4.98 -15.08 5.04
CA GLN A 1277 -3.71 -14.96 5.73
C GLN A 1277 -3.27 -13.51 5.66
N VAL A 1278 -3.43 -12.79 6.77
CA VAL A 1278 -3.13 -11.35 6.81
C VAL A 1278 -1.66 -11.06 7.01
N THR A 1279 -0.83 -12.07 7.27
CA THR A 1279 0.61 -11.84 7.40
C THR A 1279 1.23 -11.39 6.08
N VAL A 1280 0.79 -11.97 4.96
CA VAL A 1280 1.29 -11.61 3.64
C VAL A 1280 0.15 -10.99 2.85
N GLN A 1281 0.49 -10.48 1.67
CA GLN A 1281 -0.52 -9.99 0.74
C GLN A 1281 -0.49 -10.85 -0.52
N GLU A 1282 -1.66 -11.30 -0.96
CA GLU A 1282 -1.78 -12.33 -1.98
C GLU A 1282 -2.36 -11.78 -3.27
N PHE A 1283 -1.74 -12.14 -4.40
CA PHE A 1283 -2.24 -11.75 -5.71
C PHE A 1283 -2.20 -12.95 -6.63
N ALA A 1284 -3.31 -13.22 -7.32
CA ALA A 1284 -3.40 -14.32 -8.27
C ALA A 1284 -3.46 -13.76 -9.69
N LEU A 1285 -2.49 -14.13 -10.50
CA LEU A 1285 -2.40 -13.70 -11.88
C LEU A 1285 -2.59 -14.89 -12.81
N PHE A 1286 -3.54 -14.77 -13.73
CA PHE A 1286 -3.86 -15.82 -14.70
C PHE A 1286 -3.54 -15.29 -16.10
N PHE A 1287 -2.49 -15.85 -16.70
CA PHE A 1287 -2.00 -15.42 -18.00
C PHE A 1287 -2.51 -16.38 -19.07
N THR A 1288 -3.25 -15.85 -20.05
CA THR A 1288 -3.66 -16.72 -21.14
C THR A 1288 -3.99 -15.89 -22.37
N ILE A 1289 -4.01 -16.56 -23.51
CA ILE A 1289 -4.38 -15.95 -24.78
C ILE A 1289 -5.83 -16.37 -25.04
N PHE A 1290 -6.76 -15.50 -24.69
CA PHE A 1290 -8.16 -15.75 -25.01
C PHE A 1290 -8.36 -15.68 -26.52
N ASP A 1291 -9.04 -16.68 -27.08
CA ASP A 1291 -9.36 -16.72 -28.49
C ASP A 1291 -10.87 -16.68 -28.63
N GLU A 1292 -11.41 -15.54 -29.02
CA GLU A 1292 -12.85 -15.37 -29.12
C GLU A 1292 -13.47 -16.20 -30.24
N THR A 1293 -12.66 -16.66 -31.20
CA THR A 1293 -13.17 -17.58 -32.21
C THR A 1293 -13.45 -18.96 -31.64
N LYS A 1294 -12.84 -19.30 -30.51
CA LYS A 1294 -13.02 -20.59 -29.87
C LYS A 1294 -13.94 -20.53 -28.66
N SER A 1295 -14.70 -19.46 -28.50
CA SER A 1295 -15.62 -19.32 -27.40
C SER A 1295 -17.00 -19.87 -27.77
N TRP A 1296 -17.80 -20.13 -26.74
CA TRP A 1296 -19.18 -20.57 -26.97
C TRP A 1296 -20.06 -19.45 -27.51
N TYR A 1297 -19.58 -18.21 -27.52
CA TYR A 1297 -20.37 -17.07 -27.95
C TYR A 1297 -19.78 -16.40 -29.20
N PHE A 1298 -19.05 -17.16 -30.01
CA PHE A 1298 -18.37 -16.56 -31.17
C PHE A 1298 -19.36 -15.97 -32.16
N THR A 1299 -20.46 -16.68 -32.42
CA THR A 1299 -21.45 -16.19 -33.37
C THR A 1299 -22.09 -14.90 -32.87
N GLU A 1300 -22.48 -14.86 -31.60
CA GLU A 1300 -23.08 -13.65 -31.05
C GLU A 1300 -22.08 -12.50 -31.04
N ASN A 1301 -20.82 -12.78 -30.70
CA ASN A 1301 -19.81 -11.74 -30.70
C ASN A 1301 -19.59 -11.19 -32.11
N MET A 1302 -19.58 -12.06 -33.11
CA MET A 1302 -19.45 -11.60 -34.49
C MET A 1302 -20.65 -10.76 -34.91
N GLU A 1303 -21.85 -11.18 -34.53
CA GLU A 1303 -23.04 -10.42 -34.87
C GLU A 1303 -23.04 -9.04 -34.22
N ARG A 1304 -22.61 -8.96 -32.96
CA ARG A 1304 -22.58 -7.68 -32.24
C ARG A 1304 -21.45 -6.76 -32.69
N ASN A 1305 -20.26 -7.29 -32.97
CA ASN A 1305 -19.09 -6.48 -33.30
C ASN A 1305 -18.98 -6.18 -34.79
N CYS A 1306 -18.91 -7.21 -35.63
CA CYS A 1306 -18.77 -7.04 -37.07
C CYS A 1306 -20.15 -6.84 -37.67
N ARG A 1307 -20.50 -5.59 -37.94
CA ARG A 1307 -21.82 -5.25 -38.49
C ARG A 1307 -21.77 -5.18 -40.02
N PRO A 1317 -5.31 -12.77 -43.26
CA PRO A 1317 -5.17 -13.66 -42.10
C PRO A 1317 -5.10 -12.90 -40.78
N THR A 1318 -5.34 -11.59 -40.83
CA THR A 1318 -5.33 -10.77 -39.63
C THR A 1318 -6.69 -10.71 -38.94
N PHE A 1319 -7.67 -11.44 -39.45
CA PHE A 1319 -8.99 -11.47 -38.80
C PHE A 1319 -8.91 -12.07 -37.41
N LYS A 1320 -8.14 -13.15 -37.25
CA LYS A 1320 -8.02 -13.80 -35.96
C LYS A 1320 -7.18 -13.02 -34.96
N GLU A 1321 -6.27 -12.17 -35.44
CA GLU A 1321 -5.47 -11.36 -34.53
C GLU A 1321 -6.33 -10.34 -33.80
N ASN A 1322 -7.44 -9.91 -34.40
CA ASN A 1322 -8.35 -8.98 -33.76
C ASN A 1322 -9.27 -9.66 -32.75
N TYR A 1323 -9.22 -10.98 -32.65
CA TYR A 1323 -10.04 -11.71 -31.69
C TYR A 1323 -9.21 -12.53 -30.71
N ARG A 1324 -7.89 -12.39 -30.74
CA ARG A 1324 -7.01 -13.02 -29.77
C ARG A 1324 -6.47 -11.95 -28.82
N PHE A 1325 -6.51 -12.24 -27.53
CA PHE A 1325 -6.13 -11.28 -26.50
C PHE A 1325 -5.16 -11.95 -25.55
N HIS A 1326 -3.92 -11.47 -25.53
CA HIS A 1326 -2.87 -11.99 -24.64
C HIS A 1326 -3.02 -11.29 -23.29
N ALA A 1327 -3.95 -11.81 -22.50
CA ALA A 1327 -4.41 -11.10 -21.32
C ALA A 1327 -3.85 -11.69 -20.02
N ILE A 1328 -3.75 -10.83 -19.02
CA ILE A 1328 -3.53 -11.21 -17.63
C ILE A 1328 -4.83 -10.94 -16.89
N ASN A 1329 -5.46 -12.00 -16.39
CA ASN A 1329 -6.76 -11.93 -15.73
C ASN A 1329 -7.83 -11.32 -16.62
N GLY A 1330 -7.66 -11.39 -17.93
CA GLY A 1330 -8.60 -10.76 -18.84
C GLY A 1330 -8.30 -9.31 -19.17
N TYR A 1331 -7.06 -8.86 -18.99
CA TYR A 1331 -6.69 -7.47 -19.24
C TYR A 1331 -5.43 -7.41 -20.09
N ILE A 1332 -5.44 -6.52 -21.07
CA ILE A 1332 -4.29 -6.33 -21.95
C ILE A 1332 -3.82 -4.89 -21.80
N MET A 1333 -2.57 -4.66 -22.21
CA MET A 1333 -2.01 -3.31 -22.34
C MET A 1333 -2.03 -2.55 -21.01
N ASP A 1334 -1.53 -3.22 -19.95
CA ASP A 1334 -1.33 -2.60 -18.64
C ASP A 1334 -2.62 -1.99 -18.09
N THR A 1335 -3.75 -2.66 -18.29
CA THR A 1335 -5.03 -2.15 -17.83
C THR A 1335 -5.60 -2.90 -16.63
N LEU A 1336 -4.88 -3.89 -16.10
CA LEU A 1336 -5.38 -4.63 -14.94
C LEU A 1336 -5.19 -3.79 -13.68
N PRO A 1337 -6.25 -3.54 -12.92
CA PRO A 1337 -6.11 -2.76 -11.68
C PRO A 1337 -5.84 -3.61 -10.46
N GLY A 1338 -5.67 -2.96 -9.31
CA GLY A 1338 -5.72 -3.62 -8.02
C GLY A 1338 -4.41 -4.18 -7.52
N LEU A 1339 -3.35 -4.19 -8.33
CA LEU A 1339 -2.07 -4.74 -7.91
C LEU A 1339 -1.27 -3.67 -7.16
N VAL A 1340 -1.75 -3.35 -5.97
CA VAL A 1340 -1.15 -2.32 -5.12
C VAL A 1340 -0.75 -2.97 -3.81
N MET A 1341 0.54 -2.87 -3.46
CA MET A 1341 1.08 -3.52 -2.29
C MET A 1341 2.01 -2.56 -1.55
N ALA A 1342 2.21 -2.82 -0.27
CA ALA A 1342 3.05 -1.98 0.56
C ALA A 1342 4.51 -2.42 0.47
N GLN A 1343 5.40 -1.45 0.61
CA GLN A 1343 6.83 -1.74 0.60
C GLN A 1343 7.23 -2.52 1.84
N ASP A 1344 8.23 -3.39 1.67
CA ASP A 1344 8.81 -4.20 2.74
C ASP A 1344 7.85 -5.22 3.33
N GLN A 1345 6.72 -5.49 2.68
CA GLN A 1345 5.87 -6.58 3.10
C GLN A 1345 6.02 -7.76 2.14
N ARG A 1346 5.65 -8.94 2.64
CA ARG A 1346 5.81 -10.17 1.89
C ARG A 1346 4.58 -10.40 1.00
N ILE A 1347 4.83 -10.61 -0.29
CA ILE A 1347 3.77 -10.79 -1.27
C ILE A 1347 3.84 -12.20 -1.82
N ARG A 1348 2.69 -12.86 -1.87
CA ARG A 1348 2.56 -14.21 -2.42
C ARG A 1348 1.80 -14.12 -3.73
N TRP A 1349 2.44 -14.56 -4.80
CA TRP A 1349 1.87 -14.53 -6.14
C TRP A 1349 1.51 -15.95 -6.57
N TYR A 1350 0.24 -16.16 -6.90
CA TYR A 1350 -0.25 -17.40 -7.49
C TYR A 1350 -0.34 -17.21 -8.99
N LEU A 1351 0.56 -17.85 -9.73
CA LEU A 1351 0.66 -17.67 -11.17
C LEU A 1351 0.06 -18.88 -11.88
N LEU A 1352 -0.92 -18.63 -12.76
CA LEU A 1352 -1.57 -19.69 -13.50
C LEU A 1352 -1.50 -19.42 -15.00
N SER A 1353 -1.37 -20.49 -15.77
CA SER A 1353 -1.47 -20.46 -17.22
C SER A 1353 -2.42 -21.58 -17.65
N MET A 1354 -3.30 -21.27 -18.60
CA MET A 1354 -4.21 -22.24 -19.15
C MET A 1354 -4.35 -21.99 -20.65
N GLY A 1355 -4.57 -23.07 -21.40
CA GLY A 1355 -4.74 -23.00 -22.84
C GLY A 1355 -3.89 -24.02 -23.56
N SER A 1356 -3.71 -23.79 -24.84
CA SER A 1356 -2.97 -24.72 -25.69
C SER A 1356 -1.47 -24.57 -25.47
N ASN A 1357 -0.69 -25.22 -26.33
CA ASN A 1357 0.76 -25.26 -26.19
C ASN A 1357 1.42 -23.92 -26.44
N GLU A 1358 0.70 -22.95 -27.02
CA GLU A 1358 1.25 -21.61 -27.15
C GLU A 1358 1.29 -20.86 -25.84
N ASN A 1359 0.64 -21.37 -24.80
CA ASN A 1359 0.57 -20.67 -23.52
C ASN A 1359 1.75 -21.03 -22.63
N ILE A 1360 2.97 -20.92 -23.17
CA ILE A 1360 4.19 -21.02 -22.38
C ILE A 1360 4.62 -19.59 -22.06
N HIS A 1361 4.28 -19.12 -20.87
CA HIS A 1361 4.38 -17.71 -20.54
C HIS A 1361 5.59 -17.47 -19.65
N SER A 1362 6.49 -16.60 -20.09
CA SER A 1362 7.73 -16.31 -19.36
C SER A 1362 7.49 -15.09 -18.47
N ILE A 1363 6.89 -15.35 -17.32
CA ILE A 1363 6.42 -14.30 -16.43
C ILE A 1363 7.59 -13.69 -15.67
N HIS A 1364 7.67 -12.36 -15.71
CA HIS A 1364 8.78 -11.60 -15.13
C HIS A 1364 8.23 -10.37 -14.42
N PHE A 1365 8.69 -10.13 -13.20
CA PHE A 1365 8.42 -8.90 -12.47
C PHE A 1365 9.65 -8.01 -12.60
N SER A 1366 9.47 -6.84 -13.21
CA SER A 1366 10.61 -6.00 -13.57
C SER A 1366 11.28 -5.46 -12.31
N GLY A 1367 12.56 -5.77 -12.15
CA GLY A 1367 13.34 -5.31 -11.02
C GLY A 1367 13.19 -6.13 -9.76
N HIS A 1368 12.32 -7.13 -9.75
CA HIS A 1368 11.99 -7.88 -8.54
C HIS A 1368 12.24 -9.37 -8.77
N VAL A 1369 12.78 -10.02 -7.75
CA VAL A 1369 13.00 -11.46 -7.77
C VAL A 1369 12.13 -12.10 -6.69
N PHE A 1370 11.91 -13.40 -6.81
CA PHE A 1370 11.06 -14.13 -5.90
C PHE A 1370 11.69 -15.47 -5.57
N THR A 1371 11.05 -16.20 -4.66
CA THR A 1371 11.47 -17.53 -4.26
C THR A 1371 10.35 -18.52 -4.52
N VAL A 1372 10.75 -19.72 -4.95
CA VAL A 1372 9.83 -20.86 -5.10
C VAL A 1372 10.32 -21.96 -4.17
N ARG A 1373 9.40 -22.86 -3.82
CA ARG A 1373 9.68 -23.96 -2.91
C ARG A 1373 9.02 -25.23 -3.42
N LYS A 1374 9.85 -26.20 -3.83
CA LYS A 1374 9.37 -27.53 -4.15
C LYS A 1374 9.66 -28.40 -2.93
N LYS A 1375 10.91 -28.58 -2.55
CA LYS A 1375 11.29 -29.11 -1.25
C LYS A 1375 12.38 -28.27 -0.60
N GLU A 1376 13.09 -27.48 -1.39
CA GLU A 1376 14.07 -26.51 -0.94
C GLU A 1376 13.57 -25.12 -1.33
N GLU A 1377 14.42 -24.12 -1.17
CA GLU A 1377 14.09 -22.76 -1.55
C GLU A 1377 15.00 -22.33 -2.70
N TYR A 1378 14.39 -21.83 -3.78
CA TYR A 1378 15.12 -21.43 -4.96
C TYR A 1378 14.81 -19.99 -5.30
N LYS A 1379 15.86 -19.22 -5.60
CA LYS A 1379 15.74 -17.82 -5.98
C LYS A 1379 15.64 -17.71 -7.50
N MET A 1380 14.61 -17.03 -7.98
CA MET A 1380 14.38 -16.88 -9.40
C MET A 1380 13.94 -15.45 -9.70
N ALA A 1381 13.98 -15.08 -10.97
CA ALA A 1381 13.38 -13.84 -11.43
C ALA A 1381 12.48 -14.01 -12.64
N LEU A 1382 12.56 -15.14 -13.34
CA LEU A 1382 11.66 -15.49 -14.41
C LEU A 1382 10.97 -16.79 -14.05
N TYR A 1383 9.74 -16.97 -14.52
CA TYR A 1383 9.10 -18.27 -14.34
C TYR A 1383 8.36 -18.66 -15.61
N ASN A 1384 8.58 -19.88 -16.06
CA ASN A 1384 7.90 -20.41 -17.23
C ASN A 1384 6.62 -21.12 -16.79
N LEU A 1385 5.49 -20.59 -17.22
CA LEU A 1385 4.19 -21.15 -16.88
C LEU A 1385 3.68 -21.96 -18.06
N TYR A 1386 3.40 -23.24 -17.80
CA TYR A 1386 2.84 -24.34 -18.57
C TYR A 1386 1.37 -24.53 -18.22
N PRO A 1387 0.51 -24.71 -19.21
CA PRO A 1387 -0.93 -24.70 -18.95
C PRO A 1387 -1.34 -25.77 -17.95
N GLY A 1388 -2.28 -25.41 -17.09
CA GLY A 1388 -2.81 -26.30 -16.08
C GLY A 1388 -2.08 -26.29 -14.76
N VAL A 1389 -0.88 -25.72 -14.70
CA VAL A 1389 -0.06 -25.70 -13.50
C VAL A 1389 -0.22 -24.36 -12.82
N PHE A 1390 -0.45 -24.39 -11.50
CA PHE A 1390 -0.70 -23.19 -10.70
C PHE A 1390 0.46 -23.05 -9.71
N GLU A 1391 1.44 -22.23 -10.07
CA GLU A 1391 2.64 -22.04 -9.26
C GLU A 1391 2.40 -20.99 -8.18
N THR A 1392 3.21 -21.07 -7.12
CA THR A 1392 3.16 -20.11 -6.02
C THR A 1392 4.57 -19.63 -5.73
N VAL A 1393 4.77 -18.32 -5.79
CA VAL A 1393 6.05 -17.69 -5.52
C VAL A 1393 5.86 -16.64 -4.45
N GLU A 1394 6.96 -16.25 -3.79
CA GLU A 1394 6.88 -15.18 -2.81
C GLU A 1394 8.02 -14.20 -2.99
N MET A 1395 7.72 -12.91 -2.90
CA MET A 1395 8.70 -11.86 -3.07
C MET A 1395 8.58 -10.83 -1.96
N LEU A 1396 9.57 -9.95 -1.91
CA LEU A 1396 9.64 -8.85 -0.95
C LEU A 1396 10.04 -7.59 -1.69
N PRO A 1397 9.08 -6.73 -2.05
CA PRO A 1397 9.41 -5.52 -2.83
C PRO A 1397 10.14 -4.51 -1.96
N SER A 1398 11.27 -4.02 -2.45
CA SER A 1398 12.09 -3.08 -1.71
C SER A 1398 11.98 -1.64 -2.20
N LYS A 1399 11.88 -1.42 -3.51
CA LYS A 1399 11.78 -0.09 -4.06
C LYS A 1399 10.32 0.30 -4.21
N ALA A 1400 10.03 1.58 -4.02
CA ALA A 1400 8.70 2.10 -4.22
C ALA A 1400 8.55 2.64 -5.64
N GLY A 1401 7.33 2.54 -6.17
CA GLY A 1401 7.06 3.03 -7.50
C GLY A 1401 6.19 2.09 -8.32
N ILE A 1402 6.00 2.40 -9.59
CA ILE A 1402 5.19 1.60 -10.49
C ILE A 1402 6.11 0.68 -11.27
N TRP A 1403 5.87 -0.62 -11.18
CA TRP A 1403 6.63 -1.63 -11.90
C TRP A 1403 5.69 -2.43 -12.78
N ARG A 1404 6.26 -3.27 -13.63
CA ARG A 1404 5.48 -4.03 -14.60
C ARG A 1404 5.76 -5.51 -14.46
N VAL A 1405 4.69 -6.30 -14.37
CA VAL A 1405 4.77 -7.75 -14.45
C VAL A 1405 4.28 -8.14 -15.85
N GLU A 1406 5.14 -8.80 -16.61
CA GLU A 1406 4.92 -9.04 -18.02
C GLU A 1406 5.28 -10.48 -18.36
N CYS A 1407 5.15 -10.81 -19.64
CA CYS A 1407 5.67 -12.05 -20.19
C CYS A 1407 6.78 -11.72 -21.18
N LEU A 1408 7.96 -12.31 -20.96
CA LEU A 1408 9.12 -11.98 -21.79
C LEU A 1408 9.06 -12.61 -23.17
N ILE A 1409 7.94 -13.23 -23.56
CA ILE A 1409 7.77 -13.64 -24.95
C ILE A 1409 7.48 -12.40 -25.77
N GLY A 1410 8.34 -12.12 -26.76
CA GLY A 1410 8.23 -10.86 -27.48
C GLY A 1410 6.88 -10.65 -28.12
N GLU A 1411 6.34 -11.68 -28.77
CA GLU A 1411 5.06 -11.54 -29.45
C GLU A 1411 3.92 -11.35 -28.46
N HIS A 1412 3.95 -12.06 -27.32
CA HIS A 1412 2.89 -11.90 -26.33
C HIS A 1412 2.95 -10.52 -25.68
N LEU A 1413 4.14 -10.03 -25.36
CA LEU A 1413 4.28 -8.70 -24.78
C LEU A 1413 3.86 -7.62 -25.77
N HIS A 1414 4.25 -7.78 -27.04
CA HIS A 1414 3.83 -6.82 -28.06
C HIS A 1414 2.33 -6.84 -28.25
N ALA A 1415 1.71 -8.03 -28.20
CA ALA A 1415 0.26 -8.11 -28.25
C ALA A 1415 -0.41 -7.61 -26.97
N GLY A 1416 0.36 -7.35 -25.91
CA GLY A 1416 -0.18 -6.72 -24.73
C GLY A 1416 -0.32 -7.60 -23.51
N MET A 1417 0.62 -8.52 -23.30
CA MET A 1417 0.61 -9.36 -22.10
C MET A 1417 1.54 -8.74 -21.07
N SER A 1418 1.00 -7.77 -20.34
CA SER A 1418 1.71 -7.09 -19.27
C SER A 1418 0.69 -6.32 -18.44
N THR A 1419 1.07 -6.00 -17.20
CA THR A 1419 0.26 -5.13 -16.36
C THR A 1419 1.17 -4.44 -15.36
N LEU A 1420 0.62 -3.42 -14.70
CA LEU A 1420 1.36 -2.56 -13.80
C LEU A 1420 0.96 -2.82 -12.36
N PHE A 1421 1.94 -2.86 -11.47
CA PHE A 1421 1.69 -2.97 -10.04
C PHE A 1421 2.49 -1.91 -9.30
N LEU A 1422 1.87 -1.35 -8.26
CA LEU A 1422 2.43 -0.23 -7.51
C LEU A 1422 2.91 -0.72 -6.15
N VAL A 1423 4.14 -0.35 -5.79
CA VAL A 1423 4.69 -0.61 -4.47
C VAL A 1423 4.79 0.73 -3.74
N TYR A 1424 3.89 0.96 -2.80
CA TYR A 1424 3.87 2.20 -2.05
C TYR A 1424 4.60 2.04 -0.72
N SER A 1425 4.97 3.19 -0.14
CA SER A 1425 5.62 3.22 1.15
C SER A 1425 4.67 3.80 2.20
N ASN A 1426 4.61 3.15 3.36
CA ASN A 1426 3.78 3.64 4.45
C ASN A 1426 4.34 4.90 5.09
N LYS A 1427 5.65 5.15 4.92
CA LYS A 1427 6.26 6.34 5.51
C LYS A 1427 5.68 7.62 4.90
N CYS A 1428 5.49 7.65 3.59
CA CYS A 1428 4.99 8.86 2.94
C CYS A 1428 3.50 9.02 3.19
N GLN A 1429 3.15 9.75 4.24
CA GLN A 1429 1.75 10.04 4.57
C GLN A 1429 1.72 11.51 4.99
N THR A 1430 1.49 12.40 4.02
CA THR A 1430 1.59 13.84 4.22
C THR A 1430 0.27 14.50 3.84
N PRO A 1431 -0.02 15.68 4.40
CA PRO A 1431 -1.29 16.36 4.05
C PRO A 1431 -1.36 16.66 2.57
N LEU A 1432 -2.57 16.54 2.01
CA LEU A 1432 -2.79 16.75 0.59
C LEU A 1432 -3.19 18.18 0.26
N GLY A 1433 -3.19 19.08 1.24
CA GLY A 1433 -3.41 20.48 0.98
C GLY A 1433 -4.78 21.02 1.32
N MET A 1434 -5.62 20.24 1.99
CA MET A 1434 -6.92 20.77 2.42
C MET A 1434 -6.75 21.89 3.43
N ALA A 1435 -5.88 21.70 4.42
CA ALA A 1435 -5.63 22.75 5.41
C ALA A 1435 -4.56 23.72 4.97
N SER A 1436 -3.58 23.26 4.20
CA SER A 1436 -2.51 24.15 3.72
C SER A 1436 -2.95 25.07 2.60
N GLY A 1437 -4.14 24.86 2.04
CA GLY A 1437 -4.60 25.67 0.93
C GLY A 1437 -4.08 25.23 -0.43
N HIS A 1438 -3.30 24.15 -0.50
CA HIS A 1438 -2.81 23.68 -1.79
C HIS A 1438 -3.94 23.17 -2.66
N ILE A 1439 -5.00 22.65 -2.06
CA ILE A 1439 -6.20 22.25 -2.80
C ILE A 1439 -7.08 23.49 -2.92
N ARG A 1440 -7.20 24.01 -4.15
CA ARG A 1440 -7.93 25.24 -4.36
C ARG A 1440 -9.43 25.01 -4.18
N ASP A 1441 -10.17 26.11 -4.16
CA ASP A 1441 -11.61 26.05 -3.89
C ASP A 1441 -12.42 25.46 -5.02
N PHE A 1442 -11.85 25.34 -6.22
CA PHE A 1442 -12.58 24.71 -7.31
C PHE A 1442 -12.44 23.19 -7.32
N GLN A 1443 -11.55 22.64 -6.48
CA GLN A 1443 -11.37 21.20 -6.37
C GLN A 1443 -12.24 20.58 -5.30
N ILE A 1444 -13.07 21.38 -4.62
CA ILE A 1444 -13.96 20.89 -3.57
C ILE A 1444 -15.39 21.22 -3.98
N THR A 1445 -16.23 20.20 -4.09
CA THR A 1445 -17.63 20.37 -4.42
C THR A 1445 -18.47 19.58 -3.44
N ALA A 1446 -19.78 19.74 -3.52
CA ALA A 1446 -20.68 19.04 -2.61
C ALA A 1446 -22.07 18.98 -3.23
N SER A 1447 -22.91 18.11 -2.66
CA SER A 1447 -24.29 18.02 -3.11
C SER A 1447 -25.04 19.33 -2.86
N GLY A 1448 -24.64 20.08 -1.85
CA GLY A 1448 -25.28 21.33 -1.54
C GLY A 1448 -24.61 22.00 -0.37
N GLN A 1449 -25.27 23.02 0.16
CA GLN A 1449 -24.74 23.71 1.32
C GLN A 1449 -25.90 24.39 2.05
N TYR A 1450 -25.66 24.70 3.32
CA TYR A 1450 -26.61 25.45 4.13
C TYR A 1450 -26.06 26.86 4.34
N GLY A 1451 -26.83 27.86 3.90
CA GLY A 1451 -26.38 29.23 4.03
C GLY A 1451 -25.08 29.45 3.31
N GLN A 1452 -24.13 30.08 4.00
CA GLN A 1452 -22.82 30.39 3.44
C GLN A 1452 -21.75 29.39 3.86
N TRP A 1453 -22.14 28.26 4.45
CA TRP A 1453 -21.20 27.22 4.83
C TRP A 1453 -20.73 26.49 3.57
N ALA A 1454 -19.88 27.16 2.82
CA ALA A 1454 -19.45 26.71 1.52
C ALA A 1454 -18.55 25.48 1.63
N PRO A 1455 -18.57 24.60 0.62
CA PRO A 1455 -17.66 23.44 0.64
C PRO A 1455 -16.20 23.84 0.69
N LYS A 1456 -15.83 25.01 0.17
CA LYS A 1456 -14.45 25.46 0.22
C LYS A 1456 -13.95 25.73 1.63
N LEU A 1457 -14.85 25.85 2.60
CA LEU A 1457 -14.48 26.05 4.00
C LEU A 1457 -14.27 24.74 4.75
N ALA A 1458 -14.51 23.60 4.10
CA ALA A 1458 -14.32 22.30 4.73
C ALA A 1458 -12.84 21.99 4.83
N ARG A 1459 -12.12 22.70 5.70
CA ARG A 1459 -10.69 22.55 5.84
C ARG A 1459 -10.33 22.43 7.32
N LEU A 1460 -9.33 21.60 7.59
CA LEU A 1460 -8.96 21.31 8.97
C LEU A 1460 -8.44 22.55 9.66
N HIS A 1461 -8.87 22.75 10.91
CA HIS A 1461 -8.48 23.86 11.78
C HIS A 1461 -8.95 25.21 11.27
N TYR A 1462 -9.87 25.24 10.31
CA TYR A 1462 -10.37 26.51 9.79
C TYR A 1462 -11.18 27.21 10.87
N SER A 1463 -10.87 28.49 11.11
CA SER A 1463 -11.46 29.25 12.20
C SER A 1463 -12.31 30.39 11.65
N GLY A 1464 -13.43 30.63 12.31
CA GLY A 1464 -14.31 31.71 11.93
C GLY A 1464 -15.72 31.44 12.41
N SER A 1465 -16.58 32.43 12.17
CA SER A 1465 -18.01 32.25 12.47
C SER A 1465 -18.63 31.18 11.60
N ILE A 1466 -18.27 31.17 10.31
CA ILE A 1466 -18.66 30.13 9.37
C ILE A 1466 -17.36 29.53 8.86
N ASN A 1467 -16.99 28.35 9.38
CA ASN A 1467 -15.66 27.81 9.15
C ASN A 1467 -15.68 26.37 8.65
N ALA A 1468 -16.79 25.94 8.06
CA ALA A 1468 -16.88 24.55 7.62
C ALA A 1468 -17.94 24.42 6.55
N TRP A 1469 -17.88 23.31 5.82
CA TRP A 1469 -18.97 22.92 4.95
C TRP A 1469 -20.10 22.36 5.80
N SER A 1470 -21.34 22.66 5.41
CA SER A 1470 -22.49 22.17 6.14
C SER A 1470 -23.70 22.22 5.24
N THR A 1471 -24.54 21.18 5.33
CA THR A 1471 -25.76 21.12 4.56
C THR A 1471 -26.90 20.68 5.46
N LYS A 1472 -28.10 21.20 5.18
CA LYS A 1472 -29.29 20.89 5.97
C LYS A 1472 -30.14 19.81 5.30
N GLU A 1473 -29.51 18.88 4.58
CA GLU A 1473 -30.22 17.86 3.85
C GLU A 1473 -29.67 16.49 4.19
N PRO A 1474 -30.51 15.46 4.11
CA PRO A 1474 -30.00 14.09 4.21
C PRO A 1474 -29.48 13.59 2.87
N PHE A 1475 -28.65 12.55 2.94
CA PHE A 1475 -28.02 11.94 1.77
C PHE A 1475 -27.21 12.97 1.00
N SER A 1476 -26.19 13.51 1.66
CA SER A 1476 -25.29 14.46 1.05
C SER A 1476 -23.99 13.74 0.68
N TRP A 1477 -23.02 14.52 0.20
CA TRP A 1477 -21.69 14.01 -0.15
C TRP A 1477 -20.80 15.21 -0.43
N ILE A 1478 -19.54 15.12 -0.02
CA ILE A 1478 -18.56 16.15 -0.33
C ILE A 1478 -17.43 15.50 -1.11
N LYS A 1479 -17.08 16.09 -2.24
CA LYS A 1479 -16.14 15.50 -3.18
C LYS A 1479 -14.91 16.38 -3.29
N VAL A 1480 -13.73 15.78 -3.19
CA VAL A 1480 -12.46 16.46 -3.40
C VAL A 1480 -11.88 15.93 -4.70
N ASP A 1481 -11.58 16.85 -5.61
CA ASP A 1481 -11.05 16.52 -6.93
C ASP A 1481 -9.56 16.85 -6.92
N LEU A 1482 -8.76 15.88 -6.49
CA LEU A 1482 -7.32 15.99 -6.67
C LEU A 1482 -7.02 16.05 -8.16
N LEU A 1483 -6.01 16.84 -8.54
CA LEU A 1483 -5.74 17.08 -9.95
C LEU A 1483 -5.24 15.83 -10.67
N ALA A 1484 -4.47 14.99 -10.01
CA ALA A 1484 -3.93 13.78 -10.60
C ALA A 1484 -4.22 12.62 -9.66
N PRO A 1485 -4.29 11.40 -10.18
CA PRO A 1485 -4.44 10.24 -9.29
C PRO A 1485 -3.25 10.13 -8.35
N MET A 1486 -3.54 9.74 -7.11
CA MET A 1486 -2.51 9.63 -6.07
C MET A 1486 -3.01 8.67 -5.00
N ILE A 1487 -2.11 8.37 -4.06
CA ILE A 1487 -2.37 7.44 -2.98
C ILE A 1487 -2.97 8.22 -1.81
N ILE A 1488 -4.06 7.72 -1.27
CA ILE A 1488 -4.71 8.29 -0.10
C ILE A 1488 -4.61 7.25 1.01
N HIS A 1489 -3.87 7.59 2.07
CA HIS A 1489 -3.60 6.72 3.19
C HIS A 1489 -4.55 6.94 4.36
N GLY A 1490 -5.33 8.02 4.34
CA GLY A 1490 -6.26 8.28 5.43
C GLY A 1490 -6.87 9.65 5.29
N ILE A 1491 -7.86 9.90 6.14
CA ILE A 1491 -8.58 11.17 6.17
C ILE A 1491 -8.77 11.60 7.62
N LYS A 1492 -8.53 12.88 7.89
CA LYS A 1492 -8.71 13.45 9.22
C LYS A 1492 -9.92 14.37 9.17
N THR A 1493 -11.00 13.95 9.82
CA THR A 1493 -12.25 14.70 9.84
C THR A 1493 -12.38 15.50 11.12
N GLN A 1494 -13.15 16.58 11.05
CA GLN A 1494 -13.38 17.46 12.19
C GLN A 1494 -14.69 18.19 11.98
N GLY A 1495 -15.47 18.34 13.05
CA GLY A 1495 -16.74 19.02 12.98
C GLY A 1495 -16.60 20.51 13.14
N ALA A 1496 -17.67 21.14 13.62
CA ALA A 1496 -17.65 22.58 13.87
C ALA A 1496 -18.71 22.89 14.90
N ARG A 1497 -18.78 24.16 15.30
CA ARG A 1497 -19.78 24.58 16.27
C ARG A 1497 -20.46 25.84 15.77
N GLN A 1498 -21.75 25.96 16.06
CA GLN A 1498 -22.51 27.13 15.69
C GLN A 1498 -22.63 27.97 16.96
N LYS A 1499 -23.73 28.71 17.11
CA LYS A 1499 -23.84 29.54 18.29
C LYS A 1499 -23.83 28.72 19.58
N PHE A 1500 -24.63 27.66 19.64
CA PHE A 1500 -24.64 26.81 20.83
C PHE A 1500 -24.59 25.32 20.54
N SER A 1501 -24.68 24.95 19.27
CA SER A 1501 -24.73 23.56 18.88
C SER A 1501 -23.45 23.05 18.25
N SER A 1502 -23.17 21.78 18.50
CA SER A 1502 -22.02 21.12 17.93
C SER A 1502 -22.56 20.34 16.74
N LEU A 1503 -21.93 20.50 15.59
CA LEU A 1503 -22.30 19.83 14.35
C LEU A 1503 -21.14 18.96 13.91
N TYR A 1504 -21.43 17.69 13.61
CA TYR A 1504 -20.40 16.77 13.19
C TYR A 1504 -21.03 15.61 12.44
N ILE A 1505 -20.19 14.86 11.74
CA ILE A 1505 -20.59 13.65 11.03
C ILE A 1505 -20.10 12.46 11.83
N SER A 1506 -21.04 11.70 12.40
CA SER A 1506 -20.68 10.56 13.23
C SER A 1506 -20.20 9.37 12.41
N GLN A 1507 -20.87 9.10 11.29
CA GLN A 1507 -20.60 7.92 10.49
C GLN A 1507 -20.61 8.30 9.03
N PHE A 1508 -19.65 7.76 8.27
CA PHE A 1508 -19.58 8.08 6.85
C PHE A 1508 -18.97 6.91 6.08
N ILE A 1509 -19.23 6.90 4.78
CA ILE A 1509 -18.61 5.97 3.85
C ILE A 1509 -17.83 6.78 2.81
N ILE A 1510 -16.87 6.12 2.18
CA ILE A 1510 -15.91 6.76 1.29
C ILE A 1510 -16.00 6.09 -0.07
N MET A 1511 -16.26 6.89 -1.10
CA MET A 1511 -16.16 6.46 -2.49
C MET A 1511 -15.00 7.17 -3.16
N TYR A 1512 -14.55 6.63 -4.28
CA TYR A 1512 -13.43 7.23 -4.98
C TYR A 1512 -13.48 6.83 -6.44
N SER A 1513 -12.73 7.56 -7.25
CA SER A 1513 -12.76 7.39 -8.70
C SER A 1513 -11.49 7.93 -9.30
N LEU A 1514 -11.26 7.56 -10.56
CA LEU A 1514 -10.11 8.05 -11.32
C LEU A 1514 -10.51 8.88 -12.53
N ASP A 1515 -11.77 8.86 -12.94
CA ASP A 1515 -12.25 9.70 -14.03
C ASP A 1515 -13.50 10.50 -13.68
N GLY A 1516 -14.11 10.26 -12.52
CA GLY A 1516 -15.32 10.95 -12.14
C GLY A 1516 -16.60 10.35 -12.66
N LYS A 1517 -16.53 9.20 -13.32
CA LYS A 1517 -17.71 8.56 -13.90
C LYS A 1517 -18.10 7.27 -13.17
N LYS A 1518 -17.15 6.42 -12.84
CA LYS A 1518 -17.42 5.19 -12.10
C LYS A 1518 -16.95 5.36 -10.67
N TRP A 1519 -17.85 5.14 -9.72
CA TRP A 1519 -17.58 5.32 -8.30
C TRP A 1519 -17.56 3.97 -7.61
N GLN A 1520 -16.44 3.65 -6.95
CA GLN A 1520 -16.27 2.38 -6.25
C GLN A 1520 -16.13 2.64 -4.76
N THR A 1521 -17.10 2.16 -3.99
CA THR A 1521 -17.08 2.34 -2.55
C THR A 1521 -15.89 1.61 -1.93
N TYR A 1522 -15.32 2.20 -0.88
CA TYR A 1522 -14.17 1.60 -0.22
C TYR A 1522 -14.59 0.40 0.63
N ARG A 1523 -13.77 -0.65 0.60
CA ARG A 1523 -13.98 -1.83 1.43
C ARG A 1523 -12.83 -2.11 2.37
N GLY A 1524 -11.59 -2.09 1.88
CA GLY A 1524 -10.46 -2.33 2.75
C GLY A 1524 -10.48 -3.73 3.35
N ASN A 1525 -10.31 -3.80 4.66
CA ASN A 1525 -10.33 -5.05 5.40
C ASN A 1525 -11.71 -5.45 5.86
N SER A 1526 -12.77 -4.80 5.37
CA SER A 1526 -14.09 -4.97 5.95
C SER A 1526 -14.60 -6.40 5.78
N THR A 1527 -15.49 -6.80 6.67
CA THR A 1527 -16.19 -8.06 6.58
C THR A 1527 -17.48 -7.97 5.78
N GLY A 1528 -17.88 -6.75 5.47
CA GLY A 1528 -19.10 -6.53 4.75
C GLY A 1528 -18.90 -5.93 3.39
N THR A 1529 -20.01 -5.43 2.84
CA THR A 1529 -20.06 -4.85 1.50
C THR A 1529 -19.38 -3.46 1.32
N LEU A 1530 -19.10 -2.76 2.42
CA LEU A 1530 -18.25 -1.55 2.39
C LEU A 1530 -17.57 -1.34 3.73
N MET A 1531 -16.50 -0.54 3.78
CA MET A 1531 -15.91 -0.14 5.05
C MET A 1531 -16.67 1.03 5.63
N VAL A 1532 -17.10 0.90 6.87
CA VAL A 1532 -17.81 1.96 7.58
C VAL A 1532 -16.83 2.65 8.50
N PHE A 1533 -16.66 3.96 8.33
CA PHE A 1533 -15.80 4.74 9.19
C PHE A 1533 -16.65 5.47 10.22
N PHE A 1534 -16.08 5.64 11.41
CA PHE A 1534 -16.71 6.40 12.48
C PHE A 1534 -16.08 7.77 12.56
N GLY A 1535 -16.91 8.79 12.69
CA GLY A 1535 -16.44 10.16 12.63
C GLY A 1535 -16.22 10.81 13.97
N ASN A 1536 -16.78 11.99 14.14
CA ASN A 1536 -16.52 12.84 15.29
C ASN A 1536 -17.61 12.70 16.34
N VAL A 1537 -17.24 12.97 17.59
CA VAL A 1537 -18.18 13.02 18.70
C VAL A 1537 -18.36 14.43 19.25
N ASP A 1538 -17.56 15.38 18.79
CA ASP A 1538 -17.65 16.76 19.24
C ASP A 1538 -17.28 17.67 18.06
N SER A 1539 -16.99 18.93 18.34
CA SER A 1539 -16.72 19.92 17.31
C SER A 1539 -15.24 20.24 17.14
N SER A 1540 -14.38 19.75 18.01
CA SER A 1540 -12.96 20.09 17.95
C SER A 1540 -12.05 18.87 17.82
N GLY A 1541 -12.48 17.70 18.26
CA GLY A 1541 -11.63 16.52 18.18
C GLY A 1541 -11.38 16.12 16.74
N ILE A 1542 -10.13 15.88 16.42
CA ILE A 1542 -9.75 15.38 15.09
C ILE A 1542 -9.87 13.87 15.09
N LYS A 1543 -10.65 13.33 14.15
CA LYS A 1543 -10.84 11.90 14.00
C LYS A 1543 -10.09 11.45 12.76
N HIS A 1544 -9.05 10.64 12.96
CA HIS A 1544 -8.20 10.17 11.87
C HIS A 1544 -8.60 8.73 11.53
N ASN A 1545 -9.12 8.54 10.32
CA ASN A 1545 -9.48 7.22 9.82
C ASN A 1545 -8.47 6.81 8.75
N ILE A 1546 -8.01 5.58 8.83
CA ILE A 1546 -6.95 5.08 7.96
C ILE A 1546 -7.57 4.38 6.77
N PHE A 1547 -6.89 4.47 5.63
CA PHE A 1547 -7.21 3.68 4.44
C PHE A 1547 -6.10 2.64 4.33
N ASN A 1548 -6.41 1.42 4.75
CA ASN A 1548 -5.49 0.29 4.62
C ASN A 1548 -6.29 -0.95 4.25
N PRO A 1549 -6.15 -1.48 3.02
CA PRO A 1549 -5.27 -1.01 1.95
C PRO A 1549 -5.69 0.35 1.39
N PRO A 1550 -4.72 1.12 0.90
CA PRO A 1550 -4.98 2.54 0.57
C PRO A 1550 -5.94 2.74 -0.58
N ILE A 1551 -6.17 4.00 -0.92
CA ILE A 1551 -6.96 4.36 -2.09
C ILE A 1551 -6.02 4.89 -3.16
N ILE A 1552 -6.21 4.47 -4.40
CA ILE A 1552 -5.46 5.01 -5.53
C ILE A 1552 -6.47 5.72 -6.41
N ALA A 1553 -6.57 7.04 -6.26
CA ALA A 1553 -7.68 7.73 -6.91
C ALA A 1553 -7.32 9.17 -7.20
N ARG A 1554 -8.11 9.77 -8.10
CA ARG A 1554 -8.09 11.20 -8.41
C ARG A 1554 -9.23 11.95 -7.74
N TYR A 1555 -10.43 11.38 -7.71
CA TYR A 1555 -11.56 11.93 -6.99
C TYR A 1555 -11.80 11.12 -5.74
N ILE A 1556 -12.12 11.80 -4.64
CA ILE A 1556 -12.58 11.13 -3.43
C ILE A 1556 -13.89 11.78 -2.99
N ARG A 1557 -14.68 11.04 -2.24
CA ARG A 1557 -16.06 11.43 -1.98
C ARG A 1557 -16.49 10.87 -0.63
N LEU A 1558 -17.08 11.73 0.20
CA LEU A 1558 -17.52 11.36 1.53
C LEU A 1558 -19.04 11.44 1.63
N HIS A 1559 -19.65 10.35 2.08
CA HIS A 1559 -21.11 10.30 2.28
C HIS A 1559 -21.41 10.16 3.76
N PRO A 1560 -22.04 11.16 4.38
CA PRO A 1560 -22.37 11.05 5.81
C PRO A 1560 -23.56 10.13 6.03
N THR A 1561 -23.39 9.17 6.93
CA THR A 1561 -24.48 8.29 7.31
C THR A 1561 -25.20 8.79 8.55
N HIS A 1562 -24.45 9.30 9.53
CA HIS A 1562 -25.02 9.88 10.74
C HIS A 1562 -24.42 11.25 10.98
N TYR A 1563 -25.25 12.18 11.45
CA TYR A 1563 -24.78 13.51 11.79
C TYR A 1563 -25.57 14.02 13.00
N SER A 1564 -24.96 14.92 13.75
CA SER A 1564 -25.57 15.36 15.01
C SER A 1564 -26.77 16.27 14.74
N ILE A 1565 -26.54 17.42 14.12
CA ILE A 1565 -27.61 18.33 13.71
C ILE A 1565 -27.57 18.57 12.21
N ARG A 1566 -26.40 18.94 11.69
CA ARG A 1566 -26.21 19.10 10.25
C ARG A 1566 -24.90 18.44 9.87
N SER A 1567 -24.81 18.01 8.61
CA SER A 1567 -23.63 17.31 8.13
C SER A 1567 -22.46 18.26 7.95
N THR A 1568 -21.82 18.65 9.04
CA THR A 1568 -20.74 19.63 9.00
C THR A 1568 -19.40 18.90 9.02
N LEU A 1569 -18.50 19.29 8.12
CA LEU A 1569 -17.21 18.63 7.99
C LEU A 1569 -16.10 19.64 7.79
N ARG A 1570 -15.01 19.47 8.54
CA ARG A 1570 -13.72 20.07 8.23
C ARG A 1570 -12.73 18.93 8.09
N MET A 1571 -12.26 18.68 6.88
CA MET A 1571 -11.53 17.46 6.59
C MET A 1571 -10.11 17.78 6.15
N GLU A 1572 -9.29 16.73 6.08
CA GLU A 1572 -7.91 16.85 5.67
C GLU A 1572 -7.47 15.51 5.09
N LEU A 1573 -7.06 15.50 3.84
CA LEU A 1573 -6.69 14.27 3.16
C LEU A 1573 -5.21 13.98 3.38
N MET A 1574 -4.92 12.80 3.90
CA MET A 1574 -3.55 12.33 4.10
C MET A 1574 -3.19 11.37 2.97
N GLY A 1575 -2.07 11.63 2.31
CA GLY A 1575 -1.72 10.80 1.19
C GLY A 1575 -0.33 11.08 0.68
N CYS A 1576 -0.11 10.67 -0.56
CA CYS A 1576 1.20 10.73 -1.20
C CYS A 1576 1.02 10.59 -2.70
N ASP A 1577 2.11 10.81 -3.43
CA ASP A 1577 2.11 10.59 -4.87
C ASP A 1577 2.44 9.14 -5.18
N LEU A 1578 2.24 8.77 -6.45
CA LEU A 1578 2.40 7.37 -6.84
C LEU A 1578 3.82 6.88 -6.60
N ASN A 1579 4.82 7.70 -6.89
CA ASN A 1579 6.20 7.31 -6.69
C ASN A 1579 6.68 7.46 -5.25
N SER A 1580 5.79 7.90 -4.35
CA SER A 1580 6.07 7.97 -2.91
C SER A 1580 7.27 8.86 -2.62
N CYS A 1581 7.19 10.10 -3.12
CA CYS A 1581 8.19 11.14 -2.85
C CYS A 1581 7.45 12.40 -2.39
N SER A 1582 7.15 12.46 -1.09
CA SER A 1582 6.55 13.65 -0.50
C SER A 1582 6.94 13.84 0.96
N MET A 1583 7.76 12.97 1.51
CA MET A 1583 8.13 13.01 2.92
C MET A 1583 9.33 13.94 3.15
N PRO A 1584 9.42 14.55 4.33
CA PRO A 1584 10.54 15.44 4.62
C PRO A 1584 11.87 14.70 4.62
N LEU A 1585 12.92 15.42 4.26
CA LEU A 1585 14.26 14.85 4.15
C LEU A 1585 15.07 14.97 5.44
N GLY A 1586 14.46 15.43 6.52
CA GLY A 1586 15.12 15.40 7.81
C GLY A 1586 15.64 16.73 8.35
N MET A 1587 14.86 17.80 8.20
CA MET A 1587 15.20 19.07 8.80
C MET A 1587 14.41 19.34 10.09
N GLU A 1588 13.08 19.16 10.04
CA GLU A 1588 12.29 19.31 11.26
C GLU A 1588 12.66 18.24 12.29
N SER A 1589 12.95 17.03 11.82
CA SER A 1589 13.40 15.96 12.70
C SER A 1589 14.89 16.02 12.99
N LYS A 1590 15.59 17.01 12.42
CA LYS A 1590 17.03 17.21 12.64
C LYS A 1590 17.85 16.00 12.22
N ALA A 1591 17.38 15.27 11.19
CA ALA A 1591 18.15 14.17 10.65
C ALA A 1591 19.31 14.62 9.79
N ILE A 1592 19.37 15.90 9.44
CA ILE A 1592 20.48 16.44 8.66
C ILE A 1592 21.58 16.89 9.60
N SER A 1593 22.81 16.48 9.32
CA SER A 1593 23.94 16.84 10.15
C SER A 1593 24.19 18.33 10.12
N ASP A 1594 24.72 18.85 11.23
CA ASP A 1594 24.94 20.29 11.35
C ASP A 1594 26.01 20.79 10.38
N ALA A 1595 26.89 19.90 9.92
CA ALA A 1595 27.90 20.27 8.94
C ALA A 1595 27.37 20.23 7.51
N GLN A 1596 26.12 19.84 7.31
CA GLN A 1596 25.53 19.76 5.97
C GLN A 1596 24.80 21.03 5.56
N ILE A 1597 24.74 22.04 6.41
CA ILE A 1597 24.07 23.30 6.12
C ILE A 1597 25.09 24.42 6.20
N THR A 1598 25.14 25.25 5.15
CA THR A 1598 26.08 26.37 5.11
C THR A 1598 25.39 27.55 4.41
N ALA A 1599 26.14 28.64 4.29
CA ALA A 1599 25.63 29.84 3.64
C ALA A 1599 26.79 30.75 3.30
N SER A 1600 26.52 31.76 2.47
CA SER A 1600 27.54 32.75 2.14
C SER A 1600 27.95 33.54 3.37
N SER A 1601 26.98 33.96 4.19
CA SER A 1601 27.25 34.70 5.40
C SER A 1601 26.14 34.47 6.39
N TYR A 1602 26.45 34.64 7.67
CA TYR A 1602 25.48 34.50 8.74
C TYR A 1602 25.72 35.58 9.79
N PHE A 1603 24.63 36.14 10.32
CA PHE A 1603 24.71 37.22 11.28
C PHE A 1603 24.85 36.67 12.70
N THR A 1604 25.86 37.14 13.42
CA THR A 1604 26.09 36.75 14.79
C THR A 1604 26.56 37.95 15.59
N ASN A 1605 26.26 37.93 16.88
CA ASN A 1605 26.68 38.98 17.80
C ASN A 1605 27.04 38.34 19.14
N MET A 1606 27.16 39.17 20.18
CA MET A 1606 27.51 38.66 21.49
C MET A 1606 26.44 37.75 22.07
N PHE A 1607 25.19 37.91 21.63
CA PHE A 1607 24.07 37.15 22.17
C PHE A 1607 23.48 36.18 21.16
N ALA A 1608 23.05 36.67 20.00
CA ALA A 1608 22.36 35.83 19.01
C ALA A 1608 23.36 35.36 17.95
N THR A 1609 23.32 34.07 17.65
CA THR A 1609 24.18 33.45 16.64
C THR A 1609 23.26 32.78 15.61
N TRP A 1610 22.87 33.53 14.58
CA TRP A 1610 21.98 33.02 13.54
C TRP A 1610 22.80 32.18 12.55
N SER A 1611 23.29 31.06 13.04
CA SER A 1611 24.07 30.15 12.20
C SER A 1611 23.16 29.44 11.20
N PRO A 1612 23.70 29.07 10.04
CA PRO A 1612 22.88 28.36 9.05
C PRO A 1612 22.32 27.04 9.56
N SER A 1613 23.04 26.36 10.46
CA SER A 1613 22.62 25.06 10.96
C SER A 1613 21.42 25.14 11.90
N LYS A 1614 20.85 26.33 12.10
CA LYS A 1614 19.66 26.48 12.93
C LYS A 1614 18.44 26.91 12.12
N ALA A 1615 18.49 26.77 10.80
CA ALA A 1615 17.37 27.13 9.94
C ALA A 1615 16.38 25.98 9.76
N ARG A 1616 16.37 25.02 10.68
CA ARG A 1616 15.47 23.89 10.56
C ARG A 1616 14.04 24.29 10.89
N LEU A 1617 13.09 23.61 10.25
CA LEU A 1617 11.67 23.97 10.39
C LEU A 1617 11.20 23.72 11.81
N HIS A 1618 10.31 24.60 12.28
CA HIS A 1618 9.70 24.53 13.61
C HIS A 1618 10.72 24.50 14.74
N LEU A 1619 11.93 25.02 14.49
CA LEU A 1619 12.94 25.04 15.53
C LEU A 1619 12.64 26.13 16.55
N GLN A 1620 12.70 25.77 17.83
CA GLN A 1620 12.36 26.68 18.92
C GLN A 1620 13.61 26.95 19.76
N GLY A 1621 13.88 28.23 19.99
CA GLY A 1621 15.04 28.61 20.79
C GLY A 1621 15.47 30.03 20.46
N ARG A 1622 16.70 30.35 20.84
CA ARG A 1622 17.30 31.64 20.56
C ARG A 1622 18.10 31.55 19.27
N SER A 1623 17.89 32.52 18.38
CA SER A 1623 18.50 32.54 17.05
C SER A 1623 18.17 31.24 16.30
N ASN A 1624 16.87 30.99 16.17
CA ASN A 1624 16.35 29.74 15.61
C ASN A 1624 16.19 29.80 14.09
N ALA A 1625 16.96 30.64 13.41
CA ALA A 1625 16.90 30.72 11.96
C ALA A 1625 18.24 31.18 11.43
N TRP A 1626 18.46 30.96 10.14
CA TRP A 1626 19.64 31.46 9.46
C TRP A 1626 19.42 32.90 9.02
N ARG A 1627 20.38 33.77 9.33
CA ARG A 1627 20.28 35.16 8.95
C ARG A 1627 21.65 35.70 8.56
N PRO A 1628 21.81 36.18 7.33
CA PRO A 1628 23.12 36.70 6.91
C PRO A 1628 23.46 38.01 7.61
N GLN A 1629 24.77 38.29 7.68
CA GLN A 1629 25.22 39.51 8.33
C GLN A 1629 24.76 40.76 7.60
N VAL A 1630 24.74 40.74 6.27
CA VAL A 1630 24.34 41.88 5.46
C VAL A 1630 23.16 41.47 4.61
N ASN A 1631 22.07 42.22 4.70
CA ASN A 1631 20.88 41.93 3.93
C ASN A 1631 21.05 42.38 2.49
N ASN A 1632 21.04 41.43 1.57
CA ASN A 1632 21.21 41.71 0.14
C ASN A 1632 20.52 40.60 -0.65
N PRO A 1633 20.06 40.90 -1.86
CA PRO A 1633 19.33 39.89 -2.65
C PRO A 1633 20.21 38.83 -3.31
N LYS A 1634 21.48 38.74 -2.95
CA LYS A 1634 22.38 37.74 -3.51
C LYS A 1634 22.91 36.79 -2.45
N GLU A 1635 22.14 36.57 -1.39
CA GLU A 1635 22.47 35.58 -0.37
C GLU A 1635 21.85 34.23 -0.71
N TRP A 1636 22.31 33.19 -0.03
CA TRP A 1636 21.81 31.86 -0.27
C TRP A 1636 22.07 30.97 0.94
N LEU A 1637 21.18 30.01 1.14
CA LEU A 1637 21.33 28.98 2.15
C LEU A 1637 21.47 27.64 1.44
N GLN A 1638 22.55 26.91 1.74
CA GLN A 1638 22.93 25.71 1.00
C GLN A 1638 22.81 24.49 1.89
N VAL A 1639 22.17 23.45 1.37
CA VAL A 1639 22.03 22.17 2.05
C VAL A 1639 22.66 21.10 1.18
N ASP A 1640 23.55 20.30 1.78
CA ASP A 1640 24.25 19.23 1.09
C ASP A 1640 23.84 17.90 1.72
N PHE A 1641 23.25 17.02 0.90
CA PHE A 1641 22.83 15.71 1.39
C PHE A 1641 23.93 14.66 1.28
N GLN A 1642 25.05 14.98 0.64
CA GLN A 1642 26.18 14.08 0.41
C GLN A 1642 25.81 12.85 -0.40
N LYS A 1643 24.61 12.83 -0.99
CA LYS A 1643 24.16 11.73 -1.83
C LYS A 1643 23.02 12.23 -2.70
N THR A 1644 22.87 11.62 -3.87
CA THR A 1644 21.85 12.09 -4.80
C THR A 1644 20.46 11.85 -4.24
N MET A 1645 19.68 12.91 -4.16
CA MET A 1645 18.30 12.87 -3.67
C MET A 1645 17.38 13.51 -4.70
N LYS A 1646 16.10 13.23 -4.57
CA LYS A 1646 15.07 13.86 -5.38
C LYS A 1646 14.32 14.85 -4.51
N VAL A 1647 14.32 16.11 -4.91
CA VAL A 1647 13.59 17.17 -4.22
C VAL A 1647 12.33 17.45 -5.00
N THR A 1648 11.19 17.37 -4.33
CA THR A 1648 9.89 17.58 -4.93
C THR A 1648 9.12 18.72 -4.28
N GLY A 1649 9.67 19.33 -3.25
CA GLY A 1649 9.01 20.42 -2.55
C GLY A 1649 9.90 21.00 -1.47
N VAL A 1650 9.85 22.32 -1.32
CA VAL A 1650 10.62 23.02 -0.30
C VAL A 1650 9.62 23.76 0.59
N THR A 1651 9.69 23.50 1.89
CA THR A 1651 8.85 24.18 2.87
C THR A 1651 9.66 25.25 3.56
N THR A 1652 9.16 26.49 3.52
CA THR A 1652 9.85 27.63 4.10
C THR A 1652 8.98 28.28 5.16
N GLN A 1653 9.65 28.91 6.13
CA GLN A 1653 8.99 29.53 7.26
C GLN A 1653 9.87 30.65 7.79
N GLY A 1654 9.23 31.67 8.36
CA GLY A 1654 9.92 32.79 8.96
C GLY A 1654 10.02 32.65 10.47
N VAL A 1655 10.44 33.75 11.11
CA VAL A 1655 10.58 33.78 12.55
C VAL A 1655 10.01 35.09 13.11
N LYS A 1656 9.71 35.06 14.40
CA LYS A 1656 9.28 36.23 15.16
C LYS A 1656 10.24 36.38 16.33
N SER A 1657 11.29 37.19 16.14
CA SER A 1657 12.34 37.36 17.12
C SER A 1657 12.36 38.80 17.61
N LEU A 1658 12.35 38.98 18.94
CA LEU A 1658 12.36 40.30 19.56
C LEU A 1658 11.19 41.16 19.05
N LEU A 1659 10.01 40.54 18.95
CA LEU A 1659 8.79 41.17 18.47
C LEU A 1659 8.91 41.63 17.02
N THR A 1660 9.89 41.13 16.28
CA THR A 1660 10.07 41.46 14.87
C THR A 1660 9.76 40.23 14.04
N SER A 1661 8.82 40.36 13.10
CA SER A 1661 8.42 39.27 12.22
C SER A 1661 9.28 39.35 10.96
N MET A 1662 10.35 38.55 10.93
CA MET A 1662 11.28 38.53 9.81
C MET A 1662 11.07 37.27 9.01
N TYR A 1663 10.85 37.41 7.69
CA TYR A 1663 10.56 36.24 6.88
C TYR A 1663 10.78 36.56 5.41
N VAL A 1664 11.21 35.55 4.65
CA VAL A 1664 11.38 35.70 3.21
C VAL A 1664 10.03 35.52 2.53
N LYS A 1665 9.67 36.48 1.67
CA LYS A 1665 8.39 36.43 0.97
C LYS A 1665 8.52 35.90 -0.46
N GLU A 1666 9.70 36.02 -1.07
CA GLU A 1666 9.95 35.45 -2.39
C GLU A 1666 11.39 34.99 -2.47
N PHE A 1667 11.61 33.85 -3.11
CA PHE A 1667 12.93 33.27 -3.23
C PHE A 1667 13.00 32.41 -4.48
N LEU A 1668 14.22 32.07 -4.88
CA LEU A 1668 14.47 31.17 -5.99
C LEU A 1668 15.36 30.03 -5.50
N ILE A 1669 15.42 28.96 -6.30
CA ILE A 1669 16.12 27.74 -5.91
C ILE A 1669 17.12 27.37 -7.00
N SER A 1670 18.31 26.99 -6.58
CA SER A 1670 19.37 26.53 -7.48
C SER A 1670 19.86 25.16 -7.03
N SER A 1671 20.39 24.41 -7.99
CA SER A 1671 20.84 23.04 -7.73
C SER A 1671 22.24 22.83 -8.29
N SER A 1672 22.96 21.91 -7.65
CA SER A 1672 24.29 21.53 -8.11
C SER A 1672 24.55 20.08 -7.74
N GLN A 1673 25.48 19.46 -8.47
CA GLN A 1673 25.85 18.07 -8.24
C GLN A 1673 27.21 17.91 -7.56
N ASP A 1674 28.09 18.90 -7.67
CA ASP A 1674 29.40 18.85 -7.05
C ASP A 1674 29.67 20.01 -6.09
N GLY A 1675 28.82 21.04 -6.08
CA GLY A 1675 28.97 22.17 -5.20
C GLY A 1675 29.54 23.42 -5.82
N HIS A 1676 30.09 23.33 -7.03
CA HIS A 1676 30.69 24.48 -7.69
C HIS A 1676 30.14 24.72 -9.09
N GLN A 1677 29.17 23.93 -9.55
CA GLN A 1677 28.51 24.14 -10.83
C GLN A 1677 27.01 24.20 -10.57
N TRP A 1678 26.48 25.41 -10.43
CA TRP A 1678 25.10 25.61 -10.03
C TRP A 1678 24.25 26.01 -11.22
N THR A 1679 22.96 25.69 -11.12
CA THR A 1679 22.01 26.08 -12.14
C THR A 1679 20.69 26.45 -11.47
N LEU A 1680 20.08 27.54 -11.92
CA LEU A 1680 18.82 27.98 -11.36
C LEU A 1680 17.68 27.08 -11.81
N PHE A 1681 16.74 26.83 -10.91
CA PHE A 1681 15.58 26.01 -11.23
C PHE A 1681 14.58 26.81 -12.06
N PHE A 1682 14.75 26.80 -13.37
CA PHE A 1682 13.86 27.54 -14.25
C PHE A 1682 12.62 26.71 -14.58
N GLN A 1683 11.49 27.41 -14.71
CA GLN A 1683 10.21 26.79 -15.03
C GLN A 1683 9.60 27.50 -16.23
N ASN A 1684 9.15 26.71 -17.20
CA ASN A 1684 8.55 27.24 -18.43
C ASN A 1684 9.48 28.20 -19.16
N GLY A 1685 10.78 27.87 -19.16
CA GLY A 1685 11.76 28.60 -19.92
C GLY A 1685 12.45 29.73 -19.17
N LYS A 1686 11.94 30.14 -18.02
CA LYS A 1686 12.55 31.21 -17.25
C LYS A 1686 12.58 30.80 -15.77
N VAL A 1687 13.37 31.55 -15.00
CA VAL A 1687 13.58 31.20 -13.59
C VAL A 1687 12.27 31.33 -12.82
N LYS A 1688 11.99 30.31 -12.00
CA LYS A 1688 10.79 30.29 -11.18
C LYS A 1688 11.03 31.09 -9.89
N VAL A 1689 10.08 31.96 -9.57
CA VAL A 1689 10.11 32.72 -8.32
C VAL A 1689 9.11 32.09 -7.38
N PHE A 1690 9.58 31.66 -6.21
CA PHE A 1690 8.74 30.94 -5.27
C PHE A 1690 8.12 31.90 -4.26
N GLN A 1691 6.79 31.84 -4.13
CA GLN A 1691 6.09 32.70 -3.19
C GLN A 1691 6.30 32.20 -1.77
N GLY A 1692 6.93 33.03 -0.94
CA GLY A 1692 7.23 32.65 0.43
C GLY A 1692 6.06 32.78 1.37
N ASN A 1693 6.33 33.22 2.59
CA ASN A 1693 5.32 33.28 3.64
C ASN A 1693 4.61 34.62 3.62
N GLN A 1694 3.36 34.61 4.11
CA GLN A 1694 2.63 35.83 4.41
C GLN A 1694 2.76 36.24 5.88
N ASP A 1695 2.96 35.27 6.77
CA ASP A 1695 3.25 35.54 8.17
C ASP A 1695 4.35 34.59 8.62
N SER A 1696 5.05 34.98 9.69
CA SER A 1696 6.29 34.29 10.04
C SER A 1696 6.06 32.90 10.60
N PHE A 1697 4.85 32.61 11.10
CA PHE A 1697 4.63 31.35 11.82
C PHE A 1697 4.04 30.25 10.96
N THR A 1698 3.26 30.56 9.94
CA THR A 1698 2.72 29.51 9.09
C THR A 1698 3.73 29.12 8.01
N PRO A 1699 4.16 27.87 7.96
CA PRO A 1699 5.02 27.42 6.86
C PRO A 1699 4.25 27.32 5.56
N VAL A 1700 4.97 27.53 4.46
CA VAL A 1700 4.41 27.41 3.12
C VAL A 1700 5.32 26.51 2.29
N VAL A 1701 4.71 25.55 1.60
CA VAL A 1701 5.44 24.55 0.83
C VAL A 1701 5.24 24.85 -0.66
N ASN A 1702 6.35 25.04 -1.37
CA ASN A 1702 6.34 25.21 -2.81
C ASN A 1702 6.84 23.91 -3.44
N SER A 1703 5.98 23.26 -4.22
CA SER A 1703 6.28 21.96 -4.79
C SER A 1703 6.78 22.12 -6.22
N LEU A 1704 7.89 21.46 -6.52
CA LEU A 1704 8.50 21.49 -7.85
C LEU A 1704 7.76 20.48 -8.73
N ASP A 1705 6.99 20.99 -9.70
CA ASP A 1705 6.29 20.10 -10.62
C ASP A 1705 7.25 19.18 -11.38
N PRO A 1706 8.38 19.65 -11.90
CA PRO A 1706 9.43 18.71 -12.31
C PRO A 1706 10.34 18.38 -11.14
N PRO A 1707 10.51 17.10 -10.81
CA PRO A 1707 11.39 16.74 -9.70
C PRO A 1707 12.83 17.15 -9.97
N LEU A 1708 13.55 17.48 -8.90
CA LEU A 1708 14.91 17.95 -9.00
C LEU A 1708 15.85 16.88 -8.45
N LEU A 1709 16.59 16.22 -9.33
CA LEU A 1709 17.56 15.21 -8.92
C LEU A 1709 18.88 15.92 -8.66
N THR A 1710 19.26 16.05 -7.39
CA THR A 1710 20.41 16.87 -7.02
C THR A 1710 21.02 16.37 -5.72
N ARG A 1711 22.23 16.85 -5.45
CA ARG A 1711 22.90 16.65 -4.17
C ARG A 1711 23.06 17.92 -3.38
N TYR A 1712 23.26 19.06 -4.04
CA TYR A 1712 23.45 20.35 -3.39
C TYR A 1712 22.28 21.25 -3.75
N LEU A 1713 21.60 21.78 -2.73
CA LEU A 1713 20.47 22.68 -2.92
C LEU A 1713 20.81 24.05 -2.35
N ARG A 1714 20.36 25.10 -3.03
CA ARG A 1714 20.58 26.46 -2.57
C ARG A 1714 19.29 27.25 -2.69
N ILE A 1715 18.99 28.03 -1.66
CA ILE A 1715 17.84 28.93 -1.64
C ILE A 1715 18.36 30.36 -1.64
N HIS A 1716 18.00 31.13 -2.66
CA HIS A 1716 18.39 32.52 -2.75
C HIS A 1716 17.16 33.39 -2.46
N PRO A 1717 17.09 34.07 -1.32
CA PRO A 1717 15.95 34.95 -1.06
C PRO A 1717 16.02 36.22 -1.89
N GLN A 1718 14.87 36.61 -2.43
CA GLN A 1718 14.76 37.82 -3.25
C GLN A 1718 14.11 38.98 -2.51
N SER A 1719 12.98 38.75 -1.85
CA SER A 1719 12.32 39.78 -1.07
C SER A 1719 12.19 39.29 0.36
N TRP A 1720 12.56 40.15 1.32
CA TRP A 1720 12.56 39.79 2.72
C TRP A 1720 11.84 40.86 3.53
N VAL A 1721 11.20 40.44 4.61
CA VAL A 1721 10.42 41.31 5.48
C VAL A 1721 11.13 41.38 6.82
N HIS A 1722 11.65 42.57 7.13
CA HIS A 1722 12.21 42.97 8.42
C HIS A 1722 13.57 42.36 8.70
N GLN A 1723 13.98 41.38 7.89
CA GLN A 1723 15.32 40.80 7.87
C GLN A 1723 15.30 39.67 6.84
N ILE A 1724 16.47 39.08 6.59
CA ILE A 1724 16.57 37.87 5.80
C ILE A 1724 16.65 36.71 6.78
N ALA A 1725 15.50 36.10 7.06
CA ALA A 1725 15.41 34.94 7.94
C ALA A 1725 14.55 33.88 7.28
N LEU A 1726 14.93 32.62 7.47
CA LEU A 1726 14.25 31.53 6.77
C LEU A 1726 14.46 30.23 7.55
N ARG A 1727 13.37 29.53 7.84
CA ARG A 1727 13.41 28.17 8.35
C ARG A 1727 12.85 27.25 7.27
N MET A 1728 13.67 26.29 6.83
CA MET A 1728 13.37 25.51 5.65
C MET A 1728 13.20 24.03 6.00
N GLU A 1729 12.40 23.35 5.18
CA GLU A 1729 12.21 21.90 5.26
C GLU A 1729 12.10 21.36 3.84
N VAL A 1730 12.98 20.44 3.49
CA VAL A 1730 13.05 19.90 2.14
C VAL A 1730 12.19 18.64 2.06
N LEU A 1731 11.31 18.58 1.07
CA LEU A 1731 10.48 17.41 0.83
C LEU A 1731 11.01 16.64 -0.37
N GLY A 1732 11.14 15.33 -0.21
CA GLY A 1732 11.70 14.52 -1.28
C GLY A 1732 11.91 13.07 -0.92
N CYS A 1733 12.85 12.42 -1.61
CA CYS A 1733 13.10 11.00 -1.44
C CYS A 1733 14.53 10.71 -1.89
N GLU A 1734 14.93 9.45 -1.76
CA GLU A 1734 16.28 9.05 -2.13
C GLU A 1734 16.30 8.60 -3.60
N ALA A 1735 17.51 8.57 -4.15
CA ALA A 1735 17.72 8.15 -5.53
C ALA A 1735 19.15 7.61 -5.65
N GLN A 1736 19.61 7.43 -6.87
CA GLN A 1736 20.95 6.92 -7.10
C GLN A 1736 21.89 8.03 -7.57
N SER B 764 -18.71 -16.52 1.62
CA SER B 764 -17.56 -15.66 1.93
C SER B 764 -17.88 -14.68 3.04
N LEU B 765 -19.17 -14.51 3.34
CA LEU B 765 -19.61 -13.69 4.47
C LEU B 765 -19.57 -14.52 5.75
N SER B 766 -18.34 -14.81 6.18
CA SER B 766 -18.11 -15.63 7.37
C SER B 766 -18.03 -14.70 8.57
N CYS B 767 -19.16 -14.53 9.25
CA CYS B 767 -19.22 -13.72 10.46
C CYS B 767 -18.93 -14.61 11.67
N ARG B 768 -17.78 -14.40 12.30
CA ARG B 768 -17.40 -15.21 13.45
C ARG B 768 -18.32 -14.89 14.62
N PRO B 769 -18.88 -15.91 15.28
CA PRO B 769 -19.87 -15.67 16.33
C PRO B 769 -19.25 -14.90 17.50
N PRO B 770 -20.08 -14.21 18.31
CA PRO B 770 -21.54 -14.15 18.21
C PRO B 770 -22.07 -13.03 17.32
N MET B 771 -21.31 -12.63 16.31
CA MET B 771 -21.71 -11.55 15.42
C MET B 771 -22.77 -12.06 14.44
N VAL B 772 -23.91 -11.38 14.40
CA VAL B 772 -25.02 -11.80 13.54
C VAL B 772 -24.76 -11.29 12.12
N LYS B 773 -24.90 -12.19 11.15
CA LYS B 773 -24.76 -11.82 9.75
C LYS B 773 -26.09 -11.30 9.21
N LEU B 774 -26.03 -10.19 8.48
CA LEU B 774 -27.20 -9.60 7.84
C LEU B 774 -26.93 -9.53 6.34
N VAL B 775 -27.83 -10.09 5.55
CA VAL B 775 -27.72 -10.11 4.10
C VAL B 775 -28.90 -9.34 3.51
N CYS B 776 -28.61 -8.49 2.54
CA CYS B 776 -29.64 -7.66 1.94
C CYS B 776 -30.62 -8.52 1.15
N PRO B 777 -31.93 -8.30 1.30
CA PRO B 777 -32.89 -9.07 0.51
C PRO B 777 -32.76 -8.86 -0.98
N ALA B 778 -32.15 -7.74 -1.39
CA ALA B 778 -31.93 -7.38 -2.79
C ALA B 778 -33.23 -7.15 -3.53
N ASP B 779 -34.35 -7.24 -2.82
CA ASP B 779 -35.65 -6.98 -3.44
C ASP B 779 -36.31 -5.75 -2.83
N ASN B 780 -36.32 -5.66 -1.49
CA ASN B 780 -36.93 -4.51 -0.84
C ASN B 780 -36.19 -3.22 -1.17
N LEU B 781 -34.85 -3.28 -1.18
CA LEU B 781 -34.00 -2.12 -1.48
C LEU B 781 -34.24 -0.97 -0.49
N ARG B 782 -34.75 -1.30 0.70
CA ARG B 782 -35.03 -0.31 1.72
C ARG B 782 -34.55 -0.75 3.11
N ALA B 783 -34.17 -2.01 3.27
CA ALA B 783 -33.74 -2.50 4.57
C ALA B 783 -32.41 -1.88 4.96
N GLU B 784 -32.26 -1.59 6.26
CA GLU B 784 -31.01 -1.07 6.77
C GLU B 784 -30.03 -2.22 7.00
N GLY B 785 -28.83 -2.08 6.48
CA GLY B 785 -27.87 -3.15 6.67
C GLY B 785 -26.76 -2.77 7.62
N LEU B 786 -25.57 -3.01 7.14
CA LEU B 786 -24.33 -2.73 7.87
C LEU B 786 -24.05 -1.24 7.99
N GLU B 787 -24.47 -0.42 7.03
CA GLU B 787 -24.25 1.02 7.08
C GLU B 787 -24.89 1.61 8.33
N CYS B 788 -26.05 1.11 8.71
CA CYS B 788 -26.71 1.60 9.89
C CYS B 788 -26.18 0.95 11.18
N THR B 789 -24.90 0.62 11.22
CA THR B 789 -24.30 0.07 12.43
C THR B 789 -24.57 0.97 13.62
N LYS B 790 -25.09 0.40 14.69
CA LYS B 790 -25.29 1.14 15.93
C LYS B 790 -23.96 1.25 16.68
N THR B 791 -23.77 2.39 17.34
CA THR B 791 -22.52 2.69 18.01
C THR B 791 -22.85 3.57 19.21
N CYS B 792 -21.95 3.57 20.21
CA CYS B 792 -22.09 4.51 21.31
C CYS B 792 -22.03 5.95 20.83
N GLN B 793 -21.30 6.19 19.73
CA GLN B 793 -21.25 7.53 19.16
C GLN B 793 -22.60 7.96 18.61
N ASN B 794 -23.27 7.07 17.89
CA ASN B 794 -24.45 7.44 17.10
C ASN B 794 -25.63 6.53 17.44
N TYR B 795 -25.87 6.33 18.74
CA TYR B 795 -27.04 5.55 19.12
C TYR B 795 -28.31 6.35 18.96
N ASP B 796 -28.25 7.66 19.15
CA ASP B 796 -29.42 8.53 19.11
C ASP B 796 -29.63 9.19 17.76
N LEU B 797 -28.83 8.82 16.76
CA LEU B 797 -28.83 9.51 15.48
C LEU B 797 -29.48 8.64 14.41
N GLU B 798 -30.28 9.27 13.55
CA GLU B 798 -30.96 8.58 12.47
C GLU B 798 -29.97 8.19 11.38
N CYS B 799 -30.18 7.02 10.79
CA CYS B 799 -29.31 6.51 9.75
C CYS B 799 -29.74 7.05 8.40
N MET B 800 -28.76 7.47 7.60
CA MET B 800 -28.99 7.96 6.25
C MET B 800 -28.35 6.96 5.32
N SER B 801 -29.11 5.92 4.94
CA SER B 801 -28.57 4.87 4.10
C SER B 801 -28.93 5.01 2.63
N MET B 802 -27.92 4.92 1.77
CA MET B 802 -28.13 5.00 0.34
C MET B 802 -28.89 3.76 -0.08
N GLY B 803 -28.46 2.61 0.44
CA GLY B 803 -29.07 1.34 0.14
C GLY B 803 -28.54 0.30 1.10
N CYS B 804 -29.22 -0.84 1.22
CA CYS B 804 -28.78 -1.89 2.14
C CYS B 804 -27.34 -2.40 1.85
N VAL B 805 -26.54 -2.55 2.91
CA VAL B 805 -25.20 -3.15 2.89
C VAL B 805 -25.20 -4.47 3.68
N SER B 806 -24.61 -5.53 3.17
CA SER B 806 -24.56 -6.79 3.94
C SER B 806 -23.29 -6.91 4.79
N GLY B 807 -23.35 -7.54 5.96
CA GLY B 807 -22.15 -7.68 6.76
C GLY B 807 -22.47 -8.20 8.15
N CYS B 808 -21.47 -8.16 9.02
CA CYS B 808 -21.58 -8.65 10.38
C CYS B 808 -21.94 -7.51 11.33
N LEU B 809 -22.76 -7.82 12.32
CA LEU B 809 -23.22 -6.85 13.30
C LEU B 809 -23.10 -7.43 14.70
N CYS B 810 -23.03 -6.54 15.69
CA CYS B 810 -23.08 -6.98 17.07
C CYS B 810 -24.46 -7.55 17.38
N PRO B 811 -24.57 -8.46 18.35
CA PRO B 811 -25.88 -9.02 18.72
C PRO B 811 -26.84 -7.94 19.15
N PRO B 812 -28.15 -8.20 19.08
CA PRO B 812 -29.13 -7.11 19.29
C PRO B 812 -29.01 -6.40 20.63
N GLY B 813 -28.59 -7.09 21.68
CA GLY B 813 -28.47 -6.45 22.97
C GLY B 813 -27.23 -5.61 23.15
N MET B 814 -26.35 -5.55 22.14
CA MET B 814 -25.09 -4.84 22.26
C MET B 814 -24.92 -3.89 21.08
N VAL B 815 -24.07 -2.88 21.27
CA VAL B 815 -23.69 -1.95 20.22
C VAL B 815 -22.20 -2.12 19.97
N ARG B 816 -21.70 -1.42 18.95
CA ARG B 816 -20.28 -1.60 18.56
C ARG B 816 -19.47 -0.39 19.01
N HIS B 817 -18.26 -0.62 19.52
CA HIS B 817 -17.43 0.48 20.02
C HIS B 817 -16.00 0.27 19.48
N GLU B 818 -15.59 1.05 18.49
CA GLU B 818 -14.26 0.83 17.85
C GLU B 818 -14.24 -0.58 17.25
N ASN B 819 -13.35 -1.43 17.75
CA ASN B 819 -13.25 -2.81 17.29
C ASN B 819 -13.78 -3.80 18.31
N ARG B 820 -14.89 -3.48 18.97
CA ARG B 820 -15.46 -4.39 19.96
C ARG B 820 -16.93 -4.11 20.20
N CYS B 821 -17.65 -5.12 20.67
CA CYS B 821 -19.07 -4.95 20.96
C CYS B 821 -19.20 -4.83 22.45
N VAL B 822 -19.97 -3.86 22.88
CA VAL B 822 -20.19 -3.58 24.29
C VAL B 822 -21.68 -3.44 24.56
N ALA B 823 -22.07 -3.72 25.80
CA ALA B 823 -23.46 -3.57 26.19
C ALA B 823 -23.87 -2.10 26.18
N LEU B 824 -25.15 -1.86 25.94
CA LEU B 824 -25.65 -0.48 25.88
C LEU B 824 -25.52 0.21 27.23
N GLU B 825 -25.59 -0.55 28.33
CA GLU B 825 -25.42 0.03 29.66
C GLU B 825 -23.99 0.43 29.94
N ARG B 826 -23.03 -0.01 29.13
CA ARG B 826 -21.61 0.30 29.35
C ARG B 826 -21.03 1.16 28.24
N CYS B 827 -21.87 1.90 27.53
CA CYS B 827 -21.38 2.84 26.53
C CYS B 827 -20.71 4.02 27.22
N PRO B 828 -19.46 4.35 26.90
CA PRO B 828 -18.80 5.48 27.54
C PRO B 828 -19.28 6.82 26.99
N CYS B 829 -19.34 7.80 27.88
CA CYS B 829 -19.52 9.18 27.46
C CYS B 829 -18.19 9.74 26.94
N PHE B 830 -18.29 10.74 26.07
CA PHE B 830 -17.13 11.29 25.40
C PHE B 830 -16.83 12.71 25.88
N HIS B 831 -15.55 13.01 26.00
CA HIS B 831 -15.07 14.36 26.28
C HIS B 831 -13.80 14.57 25.48
N GLN B 832 -13.14 15.71 25.68
CA GLN B 832 -12.03 16.11 24.82
C GLN B 832 -10.95 15.04 24.81
N GLY B 833 -10.82 14.34 23.69
CA GLY B 833 -9.85 13.28 23.52
C GLY B 833 -9.91 12.18 24.56
N LYS B 834 -11.07 11.94 25.15
CA LYS B 834 -11.14 10.98 26.25
C LYS B 834 -12.52 10.35 26.34
N GLU B 835 -12.57 9.16 26.94
CA GLU B 835 -13.80 8.44 27.21
C GLU B 835 -13.93 8.20 28.70
N TYR B 836 -15.17 8.24 29.19
CA TYR B 836 -15.47 8.01 30.60
C TYR B 836 -16.54 6.95 30.74
N ALA B 837 -16.35 6.05 31.70
CA ALA B 837 -17.33 5.01 31.96
C ALA B 837 -18.58 5.60 32.59
N PRO B 838 -19.74 4.96 32.41
CA PRO B 838 -20.97 5.48 33.02
C PRO B 838 -20.87 5.55 34.53
N GLY B 839 -21.44 6.61 35.10
CA GLY B 839 -21.36 6.87 36.52
C GLY B 839 -20.19 7.72 36.95
N GLU B 840 -19.21 7.92 36.07
CA GLU B 840 -18.04 8.74 36.38
C GLU B 840 -18.40 10.22 36.28
N THR B 841 -17.61 11.05 36.96
CA THR B 841 -17.85 12.49 37.01
C THR B 841 -16.65 13.23 36.42
N VAL B 842 -16.95 14.37 35.81
CA VAL B 842 -15.93 15.27 35.26
C VAL B 842 -16.27 16.69 35.67
N LYS B 843 -15.25 17.55 35.63
CA LYS B 843 -15.42 18.95 35.98
C LYS B 843 -14.70 19.80 34.93
N ILE B 844 -15.41 20.77 34.36
CA ILE B 844 -14.84 21.68 33.38
C ILE B 844 -15.34 23.09 33.67
N GLY B 845 -14.42 24.04 33.76
CA GLY B 845 -14.80 25.43 33.99
C GLY B 845 -15.56 25.57 35.29
N CYS B 846 -16.74 26.17 35.20
CA CYS B 846 -17.61 26.39 36.35
C CYS B 846 -18.59 25.24 36.58
N ASN B 847 -18.54 24.19 35.77
CA ASN B 847 -19.56 23.16 35.78
C ASN B 847 -18.96 21.80 36.09
N THR B 848 -19.79 20.92 36.66
CA THR B 848 -19.45 19.53 36.88
C THR B 848 -20.60 18.66 36.34
N CYS B 849 -20.25 17.52 35.77
CA CYS B 849 -21.20 16.64 35.12
C CYS B 849 -20.91 15.19 35.51
N VAL B 850 -21.93 14.35 35.35
CA VAL B 850 -21.81 12.93 35.61
C VAL B 850 -22.22 12.17 34.36
N CYS B 851 -21.56 11.03 34.14
CA CYS B 851 -21.83 10.19 32.98
C CYS B 851 -23.13 9.42 33.20
N ARG B 852 -24.13 9.68 32.37
CA ARG B 852 -25.44 9.05 32.52
C ARG B 852 -26.05 8.88 31.14
N ASP B 853 -26.25 7.63 30.74
CA ASP B 853 -26.87 7.29 29.46
C ASP B 853 -26.18 8.00 28.30
N ARG B 854 -24.85 7.86 28.26
CA ARG B 854 -24.03 8.43 27.19
C ARG B 854 -24.10 9.95 27.15
N LYS B 855 -24.68 10.56 28.19
CA LYS B 855 -24.81 12.01 28.27
C LYS B 855 -24.14 12.52 29.54
N TRP B 856 -24.06 13.84 29.64
CA TRP B 856 -23.50 14.52 30.80
C TRP B 856 -24.63 15.18 31.57
N ASN B 857 -25.03 14.57 32.67
CA ASN B 857 -26.01 15.17 33.58
C ASN B 857 -25.25 16.11 34.51
N CYS B 858 -25.45 17.41 34.33
CA CYS B 858 -24.58 18.41 34.94
C CYS B 858 -25.29 19.15 36.05
N THR B 859 -24.57 19.34 37.16
CA THR B 859 -24.99 20.21 38.25
C THR B 859 -24.08 21.43 38.17
N ASP B 860 -24.52 22.44 37.42
CA ASP B 860 -23.63 23.49 36.96
C ASP B 860 -24.03 24.84 37.52
N HIS B 861 -23.01 25.69 37.71
CA HIS B 861 -23.20 27.10 38.01
C HIS B 861 -23.10 27.88 36.71
N VAL B 862 -23.08 29.20 36.80
CA VAL B 862 -22.97 30.08 35.64
C VAL B 862 -21.52 30.45 35.45
N CYS B 863 -20.96 30.12 34.28
CA CYS B 863 -19.57 30.41 33.97
C CYS B 863 -19.38 31.89 33.69
N ASP B 864 -18.12 32.31 33.56
CA ASP B 864 -17.80 33.70 33.33
C ASP B 864 -16.46 33.79 32.61
N ALA B 865 -16.19 34.97 32.06
CA ALA B 865 -14.95 35.23 31.35
C ALA B 865 -14.42 36.60 31.76
N THR B 866 -13.12 36.79 31.58
CA THR B 866 -12.43 37.98 32.06
C THR B 866 -11.70 38.66 30.90
N CYS B 867 -11.99 39.94 30.71
CA CYS B 867 -11.24 40.79 29.78
C CYS B 867 -10.21 41.59 30.56
N SER B 868 -8.98 41.62 30.05
CA SER B 868 -7.86 42.14 30.81
C SER B 868 -7.18 43.28 30.07
N THR B 869 -6.72 44.27 30.84
CA THR B 869 -5.88 45.35 30.32
C THR B 869 -4.45 45.04 30.74
N ILE B 870 -3.77 44.29 29.90
CA ILE B 870 -2.42 43.81 30.19
C ILE B 870 -1.41 44.85 29.70
N GLY B 871 -0.45 45.17 30.57
CA GLY B 871 0.59 46.11 30.20
C GLY B 871 0.07 47.53 30.15
N MET B 872 0.90 48.39 29.53
CA MET B 872 0.54 49.80 29.41
C MET B 872 -0.64 49.98 28.46
N ALA B 873 -0.59 49.33 27.29
CA ALA B 873 -1.61 49.54 26.27
C ALA B 873 -1.99 48.24 25.56
N HIS B 874 -1.92 47.11 26.26
CA HIS B 874 -2.31 45.84 25.67
C HIS B 874 -3.69 45.43 26.19
N TYR B 875 -4.53 44.91 25.30
CA TYR B 875 -5.87 44.48 25.65
C TYR B 875 -6.08 43.04 25.24
N LEU B 876 -6.59 42.23 26.18
CA LEU B 876 -6.94 40.84 25.93
C LEU B 876 -8.45 40.71 26.11
N THR B 877 -9.14 40.34 25.03
CA THR B 877 -10.59 40.32 25.03
C THR B 877 -11.10 39.07 25.75
N PHE B 878 -12.44 38.97 25.84
CA PHE B 878 -13.06 37.81 26.47
C PHE B 878 -12.82 36.54 25.66
N ASP B 879 -12.60 36.67 24.35
CA ASP B 879 -12.41 35.53 23.47
C ASP B 879 -10.94 35.20 23.25
N GLY B 880 -10.05 35.77 24.05
CA GLY B 880 -8.64 35.43 23.99
C GLY B 880 -7.83 36.18 22.95
N LEU B 881 -8.37 37.22 22.35
CA LEU B 881 -7.63 38.00 21.37
C LEU B 881 -6.85 39.11 22.07
N LYS B 882 -5.54 39.13 21.82
CA LYS B 882 -4.64 40.12 22.40
C LYS B 882 -4.20 41.09 21.32
N TYR B 883 -4.21 42.39 21.64
CA TYR B 883 -3.77 43.40 20.70
C TYR B 883 -3.15 44.57 21.44
N LEU B 884 -2.37 45.36 20.70
CA LEU B 884 -1.70 46.53 21.23
C LEU B 884 -2.33 47.79 20.65
N PHE B 885 -2.63 48.76 21.50
CA PHE B 885 -3.27 50.00 21.08
C PHE B 885 -2.88 51.11 22.03
N PRO B 886 -1.84 51.89 21.69
CA PRO B 886 -1.39 52.99 22.55
C PRO B 886 -2.24 54.26 22.38
N GLY B 887 -3.52 54.15 22.73
CA GLY B 887 -4.41 55.29 22.64
C GLY B 887 -4.40 56.14 23.90
N GLU B 888 -4.26 57.44 23.71
CA GLU B 888 -4.28 58.40 24.81
C GLU B 888 -5.67 58.98 25.08
N CYS B 889 -6.66 58.62 24.28
CA CYS B 889 -8.03 59.07 24.49
C CYS B 889 -8.69 58.25 25.60
N GLN B 890 -9.97 58.54 25.83
CA GLN B 890 -10.82 57.71 26.69
C GLN B 890 -11.68 56.84 25.80
N TYR B 891 -11.60 55.53 25.99
CA TYR B 891 -12.28 54.57 25.12
C TYR B 891 -13.27 53.73 25.93
N VAL B 892 -14.22 53.15 25.20
CA VAL B 892 -15.22 52.29 25.81
C VAL B 892 -14.61 50.92 26.06
N LEU B 893 -14.30 50.61 27.32
CA LEU B 893 -13.74 49.32 27.64
C LEU B 893 -14.75 48.20 27.40
N VAL B 894 -15.96 48.34 27.94
CA VAL B 894 -17.01 47.36 27.71
C VAL B 894 -18.38 47.99 27.94
N GLN B 895 -19.28 47.83 26.98
CA GLN B 895 -20.63 48.37 27.12
C GLN B 895 -21.62 47.39 26.51
N ASP B 896 -22.84 47.40 27.04
CA ASP B 896 -23.92 46.60 26.49
C ASP B 896 -24.69 47.33 25.40
N TYR B 897 -24.40 48.61 25.17
CA TYR B 897 -25.11 49.42 24.18
C TYR B 897 -24.62 49.01 22.79
N CYS B 898 -25.17 47.89 22.31
CA CYS B 898 -24.80 47.31 21.02
C CYS B 898 -26.08 47.01 20.25
N GLY B 899 -26.51 47.97 19.44
CA GLY B 899 -27.77 47.81 18.73
C GLY B 899 -28.92 47.71 19.71
N SER B 900 -29.71 46.64 19.60
CA SER B 900 -30.77 46.36 20.57
C SER B 900 -30.14 46.04 21.91
N ASN B 901 -30.25 46.96 22.86
CA ASN B 901 -29.54 46.85 24.12
C ASN B 901 -30.47 47.10 25.30
N PRO B 902 -30.21 46.47 26.44
CA PRO B 902 -30.99 46.76 27.64
C PRO B 902 -30.51 48.02 28.35
N GLY B 903 -29.23 48.36 28.17
CA GLY B 903 -28.66 49.53 28.80
C GLY B 903 -28.50 49.38 30.29
N THR B 904 -27.62 48.49 30.74
CA THR B 904 -27.43 48.21 32.15
C THR B 904 -26.11 48.73 32.70
N PHE B 905 -24.99 48.54 31.99
CA PHE B 905 -23.69 48.96 32.50
C PHE B 905 -22.85 49.48 31.35
N ARG B 906 -21.85 50.30 31.72
CA ARG B 906 -20.93 50.85 30.73
C ARG B 906 -19.64 51.23 31.44
N ILE B 907 -18.54 50.61 31.04
CA ILE B 907 -17.23 50.84 31.65
C ILE B 907 -16.31 51.41 30.60
N LEU B 908 -15.72 52.57 30.89
CA LEU B 908 -14.80 53.26 30.01
C LEU B 908 -13.45 53.39 30.69
N VAL B 909 -12.39 53.38 29.87
CA VAL B 909 -11.02 53.46 30.36
C VAL B 909 -10.33 54.64 29.68
N GLY B 910 -9.66 55.47 30.47
CA GLY B 910 -8.89 56.58 29.94
C GLY B 910 -7.44 56.53 30.36
N ASN B 911 -6.54 56.57 29.40
CA ASN B 911 -5.10 56.47 29.65
C ASN B 911 -4.44 57.82 29.44
N LYS B 912 -3.63 58.25 30.40
CA LYS B 912 -2.89 59.50 30.32
C LYS B 912 -1.42 59.21 30.58
N GLY B 913 -0.60 59.35 29.54
CA GLY B 913 0.82 59.08 29.65
C GLY B 913 1.27 57.72 29.18
N CYS B 914 0.39 56.92 28.58
CA CYS B 914 0.75 55.60 28.09
C CYS B 914 1.31 55.61 26.69
N SER B 915 1.86 56.73 26.25
CA SER B 915 2.54 56.84 24.96
C SER B 915 3.94 56.23 25.10
N HIS B 916 4.81 56.52 24.14
CA HIS B 916 6.18 55.99 24.13
C HIS B 916 6.88 56.24 25.47
N PRO B 917 6.76 57.43 26.09
CA PRO B 917 7.21 57.56 27.49
C PRO B 917 6.16 57.06 28.49
N SER B 918 5.92 55.74 28.46
CA SER B 918 4.91 55.12 29.30
C SER B 918 5.38 54.87 30.73
N VAL B 919 6.48 55.49 31.15
CA VAL B 919 7.00 55.28 32.50
C VAL B 919 6.01 55.79 33.54
N LYS B 920 5.40 56.95 33.29
CA LYS B 920 4.53 57.61 34.25
C LYS B 920 3.07 57.62 33.77
N CYS B 921 2.63 56.53 33.14
CA CYS B 921 1.26 56.45 32.67
C CYS B 921 0.29 56.27 33.84
N LYS B 922 -0.94 56.71 33.61
CA LYS B 922 -2.02 56.55 34.58
C LYS B 922 -3.29 56.13 33.85
N LYS B 923 -4.15 55.41 34.56
CA LYS B 923 -5.39 54.90 34.00
C LYS B 923 -6.55 55.25 34.92
N ARG B 924 -7.65 55.69 34.33
CA ARG B 924 -8.86 56.02 35.06
C ARG B 924 -10.02 55.20 34.50
N VAL B 925 -10.77 54.55 35.39
CA VAL B 925 -11.90 53.71 35.02
C VAL B 925 -13.18 54.40 35.45
N THR B 926 -14.10 54.61 34.51
CA THR B 926 -15.39 55.22 34.80
C THR B 926 -16.47 54.18 34.51
N ILE B 927 -17.24 53.82 35.55
CA ILE B 927 -18.25 52.79 35.44
C ILE B 927 -19.60 53.42 35.76
N LEU B 928 -20.54 53.28 34.82
CA LEU B 928 -21.92 53.68 35.03
C LEU B 928 -22.78 52.42 35.07
N VAL B 929 -23.46 52.21 36.20
CA VAL B 929 -24.27 51.01 36.38
C VAL B 929 -25.43 51.34 37.31
N GLU B 930 -26.65 51.07 36.84
CA GLU B 930 -27.87 51.30 37.62
C GLU B 930 -27.96 52.75 38.09
N GLY B 931 -27.51 53.67 37.25
CA GLY B 931 -27.53 55.08 37.59
C GLY B 931 -26.42 55.54 38.50
N GLY B 932 -25.52 54.65 38.90
CA GLY B 932 -24.41 54.99 39.78
C GLY B 932 -23.10 55.10 39.01
N GLU B 933 -22.29 56.08 39.44
CA GLU B 933 -21.01 56.36 38.80
C GLU B 933 -19.88 56.04 39.77
N ILE B 934 -18.93 55.24 39.31
CA ILE B 934 -17.77 54.83 40.11
C ILE B 934 -16.51 55.13 39.33
N GLU B 935 -15.57 55.83 39.96
CA GLU B 935 -14.29 56.17 39.35
C GLU B 935 -13.18 55.44 40.09
N LEU B 936 -12.39 54.67 39.35
CA LEU B 936 -11.20 54.00 39.87
C LEU B 936 -10.00 54.74 39.33
N PHE B 937 -9.24 55.36 40.24
CA PHE B 937 -8.09 56.17 39.84
C PHE B 937 -7.16 56.32 41.02
N ASP B 938 -5.85 56.36 40.73
CA ASP B 938 -4.81 56.57 41.75
C ASP B 938 -4.89 55.53 42.86
N GLY B 939 -5.23 54.31 42.49
CA GLY B 939 -5.36 53.25 43.47
C GLY B 939 -6.51 53.41 44.43
N GLU B 940 -7.49 54.23 44.08
CA GLU B 940 -8.63 54.49 44.97
C GLU B 940 -9.92 54.41 44.17
N VAL B 941 -11.02 54.14 44.88
CA VAL B 941 -12.34 54.01 44.30
C VAL B 941 -13.24 55.07 44.92
N ASN B 942 -13.87 55.88 44.06
CA ASN B 942 -14.76 56.95 44.50
C ASN B 942 -16.13 56.74 43.86
N VAL B 943 -17.16 56.62 44.71
CA VAL B 943 -18.53 56.46 44.23
C VAL B 943 -19.13 57.87 44.14
N LYS B 944 -19.09 58.45 42.94
CA LYS B 944 -19.60 59.81 42.77
C LYS B 944 -21.11 59.86 42.99
N ARG B 945 -21.84 58.87 42.46
CA ARG B 945 -23.28 58.80 42.63
C ARG B 945 -23.64 57.38 43.08
N PRO B 946 -24.34 57.24 44.20
CA PRO B 946 -24.70 55.90 44.66
C PRO B 946 -25.65 55.20 43.69
N MET B 947 -25.50 53.88 43.61
CA MET B 947 -26.37 53.09 42.76
C MET B 947 -27.77 53.01 43.35
N LYS B 948 -28.75 52.78 42.46
CA LYS B 948 -30.14 52.67 42.91
C LYS B 948 -30.33 51.48 43.82
N ASP B 949 -29.72 50.35 43.50
CA ASP B 949 -29.77 49.14 44.33
C ASP B 949 -28.36 48.83 44.80
N GLU B 950 -28.10 49.04 46.09
CA GLU B 950 -26.80 48.81 46.69
C GLU B 950 -26.69 47.46 47.39
N THR B 951 -27.73 46.61 47.28
CA THR B 951 -27.70 45.31 47.93
C THR B 951 -26.57 44.45 47.39
N HIS B 952 -26.39 44.43 46.07
CA HIS B 952 -25.36 43.63 45.43
C HIS B 952 -24.13 44.44 45.05
N PHE B 953 -24.06 45.70 45.47
CA PHE B 953 -22.89 46.54 45.21
C PHE B 953 -21.91 46.42 46.37
N GLU B 954 -20.74 45.85 46.09
CA GLU B 954 -19.74 45.63 47.13
C GLU B 954 -18.36 45.99 46.59
N VAL B 955 -17.51 46.51 47.49
CA VAL B 955 -16.13 46.83 47.17
C VAL B 955 -15.26 46.22 48.27
N VAL B 956 -14.38 45.29 47.92
CA VAL B 956 -13.52 44.61 48.87
C VAL B 956 -12.08 44.84 48.47
N GLU B 957 -11.22 45.07 49.47
CA GLU B 957 -9.78 45.23 49.26
C GLU B 957 -9.06 44.05 49.88
N SER B 958 -8.46 43.20 49.04
CA SER B 958 -7.79 41.99 49.51
C SER B 958 -6.39 41.96 48.93
N GLY B 959 -5.39 41.95 49.80
CA GLY B 959 -4.01 41.88 49.35
C GLY B 959 -3.66 43.04 48.44
N ARG B 960 -3.12 42.71 47.27
CA ARG B 960 -2.74 43.72 46.29
C ARG B 960 -3.90 44.13 45.38
N TYR B 961 -5.07 43.55 45.55
CA TYR B 961 -6.15 43.72 44.59
C TYR B 961 -7.40 44.31 45.26
N ILE B 962 -8.23 44.92 44.41
CA ILE B 962 -9.54 45.43 44.80
C ILE B 962 -10.57 44.79 43.88
N ILE B 963 -11.61 44.22 44.47
CA ILE B 963 -12.68 43.54 43.74
C ILE B 963 -13.98 44.29 43.99
N LEU B 964 -14.62 44.72 42.91
CA LEU B 964 -15.87 45.44 42.96
C LEU B 964 -16.94 44.58 42.30
N LEU B 965 -17.90 44.12 43.08
CA LEU B 965 -19.07 43.42 42.57
C LEU B 965 -20.18 44.43 42.33
N LEU B 966 -20.57 44.62 41.07
CA LEU B 966 -21.56 45.62 40.69
C LEU B 966 -22.84 44.98 40.18
N GLY B 967 -23.18 43.81 40.70
CA GLY B 967 -24.35 43.08 40.29
C GLY B 967 -24.09 41.59 40.33
N LYS B 968 -24.99 40.83 39.72
CA LYS B 968 -24.85 39.38 39.71
C LYS B 968 -23.73 38.93 38.78
N ALA B 969 -23.55 39.59 37.64
CA ALA B 969 -22.63 39.14 36.61
C ALA B 969 -21.61 40.21 36.22
N LEU B 970 -21.32 41.15 37.11
CA LEU B 970 -20.37 42.23 36.82
C LEU B 970 -19.35 42.32 37.94
N SER B 971 -18.09 42.01 37.62
CA SER B 971 -17.01 42.11 38.59
C SER B 971 -15.86 42.90 37.99
N VAL B 972 -15.17 43.66 38.84
CA VAL B 972 -14.03 44.46 38.44
C VAL B 972 -12.86 44.13 39.37
N VAL B 973 -11.72 43.78 38.80
CA VAL B 973 -10.51 43.46 39.55
C VAL B 973 -9.44 44.47 39.17
N TRP B 974 -8.86 45.12 40.19
CA TRP B 974 -7.84 46.13 39.96
C TRP B 974 -6.62 45.84 40.83
N ASP B 975 -5.43 45.87 40.22
CA ASP B 975 -4.18 45.75 40.96
C ASP B 975 -3.72 47.08 41.53
N ARG B 976 -4.54 48.13 41.41
CA ARG B 976 -4.31 49.47 41.92
C ARG B 976 -3.26 50.23 41.11
N HIS B 977 -2.57 49.57 40.18
CA HIS B 977 -1.59 50.25 39.35
C HIS B 977 -1.94 50.23 37.86
N LEU B 978 -2.02 49.05 37.25
CA LEU B 978 -2.22 48.97 35.80
C LEU B 978 -3.17 47.88 35.34
N SER B 979 -3.51 46.89 36.16
CA SER B 979 -4.27 45.74 35.70
C SER B 979 -5.76 45.96 35.97
N ILE B 980 -6.54 46.06 34.91
CA ILE B 980 -8.00 46.20 35.00
C ILE B 980 -8.61 44.98 34.36
N SER B 981 -9.40 44.23 35.13
CA SER B 981 -10.02 43.00 34.67
C SER B 981 -11.52 43.11 34.85
N VAL B 982 -12.27 42.89 33.78
CA VAL B 982 -13.73 42.89 33.82
C VAL B 982 -14.21 41.45 33.69
N VAL B 983 -14.93 40.97 34.70
CA VAL B 983 -15.44 39.61 34.74
C VAL B 983 -16.93 39.65 34.49
N LEU B 984 -17.38 39.01 33.42
CA LEU B 984 -18.78 38.96 33.04
C LEU B 984 -19.20 37.52 32.84
N LYS B 985 -20.38 37.18 33.33
CA LYS B 985 -20.89 35.83 33.14
C LYS B 985 -21.29 35.61 31.69
N GLN B 986 -21.57 34.35 31.36
CA GLN B 986 -21.91 33.97 29.98
C GLN B 986 -23.28 34.49 29.55
N THR B 987 -24.08 35.04 30.47
CA THR B 987 -25.36 35.63 30.08
C THR B 987 -25.20 36.81 29.14
N TYR B 988 -24.03 37.45 29.14
CA TYR B 988 -23.72 38.55 28.24
C TYR B 988 -22.92 38.10 27.02
N GLN B 989 -23.16 36.86 26.57
CA GLN B 989 -22.41 36.32 25.43
C GLN B 989 -22.69 37.09 24.15
N GLU B 990 -23.88 37.67 24.04
CA GLU B 990 -24.27 38.37 22.79
C GLU B 990 -24.87 39.74 23.12
N LYS B 991 -24.43 40.36 24.22
CA LYS B 991 -24.96 41.66 24.61
C LYS B 991 -23.91 42.75 24.76
N VAL B 992 -22.64 42.39 24.91
CA VAL B 992 -21.59 43.36 25.18
C VAL B 992 -20.80 43.62 23.91
N CYS B 993 -20.13 44.77 23.87
CA CYS B 993 -19.28 45.15 22.75
C CYS B 993 -18.27 46.19 23.23
N GLY B 994 -17.24 46.40 22.43
CA GLY B 994 -16.23 47.37 22.75
C GLY B 994 -14.82 46.85 22.55
N LEU B 995 -13.87 47.40 23.32
CA LEU B 995 -12.49 46.94 23.24
C LEU B 995 -12.33 45.50 23.71
N CYS B 996 -13.29 44.99 24.47
CA CYS B 996 -13.25 43.63 24.98
C CYS B 996 -13.96 42.62 24.08
N GLY B 997 -14.44 43.06 22.92
CA GLY B 997 -15.10 42.16 22.00
C GLY B 997 -16.57 41.96 22.30
N ASN B 998 -17.18 41.10 21.48
CA ASN B 998 -18.60 40.82 21.57
C ASN B 998 -18.93 39.58 22.39
N PHE B 999 -17.92 38.93 22.97
CA PHE B 999 -18.10 37.78 23.85
C PHE B 999 -18.83 36.63 23.18
N ASP B 1000 -18.69 36.49 21.85
CA ASP B 1000 -19.36 35.41 21.13
C ASP B 1000 -18.57 34.11 21.17
N GLY B 1001 -17.40 34.09 21.79
CA GLY B 1001 -16.55 32.91 21.82
C GLY B 1001 -15.60 32.78 20.67
N ILE B 1002 -15.66 33.68 19.69
CA ILE B 1002 -14.79 33.63 18.52
C ILE B 1002 -13.68 34.66 18.68
N GLN B 1003 -12.43 34.21 18.56
CA GLN B 1003 -11.29 35.07 18.80
C GLN B 1003 -11.05 36.04 17.64
N ASN B 1004 -11.19 35.58 16.40
CA ASN B 1004 -10.74 36.35 15.25
C ASN B 1004 -11.64 37.53 14.90
N ASN B 1005 -12.87 37.57 15.43
CA ASN B 1005 -13.80 38.64 15.08
C ASN B 1005 -13.99 39.64 16.22
N ASP B 1006 -13.06 39.70 17.16
CA ASP B 1006 -13.13 40.70 18.23
C ASP B 1006 -12.77 42.10 17.74
N LEU B 1007 -12.23 42.23 16.53
CA LEU B 1007 -11.83 43.52 15.98
C LEU B 1007 -12.98 44.24 15.29
N THR B 1008 -14.22 43.89 15.60
CA THR B 1008 -15.37 44.55 15.01
C THR B 1008 -15.52 45.95 15.58
N SER B 1009 -15.63 46.95 14.71
CA SER B 1009 -15.74 48.33 15.15
C SER B 1009 -17.14 48.60 15.71
N SER B 1010 -17.34 49.82 16.20
CA SER B 1010 -18.64 50.21 16.72
C SER B 1010 -19.71 50.24 15.63
N ASN B 1011 -19.31 50.39 14.37
CA ASN B 1011 -20.25 50.40 13.24
C ASN B 1011 -20.44 49.01 12.64
N LEU B 1012 -20.24 47.96 13.43
CA LEU B 1012 -20.46 46.57 13.00
C LEU B 1012 -19.61 46.19 11.80
N GLN B 1013 -18.37 46.68 11.75
CA GLN B 1013 -17.43 46.33 10.70
C GLN B 1013 -16.13 45.84 11.34
N VAL B 1014 -15.63 44.71 10.86
CA VAL B 1014 -14.37 44.18 11.37
C VAL B 1014 -13.21 44.98 10.80
N GLU B 1015 -12.33 45.44 11.68
CA GLU B 1015 -11.17 46.24 11.28
C GLU B 1015 -9.92 45.37 11.28
N GLU B 1016 -9.22 45.37 10.15
CA GLU B 1016 -7.99 44.59 10.04
C GLU B 1016 -6.87 45.17 10.89
N ASP B 1017 -6.78 46.50 10.99
CA ASP B 1017 -5.77 47.16 11.78
C ASP B 1017 -6.31 47.42 13.19
N PRO B 1018 -5.64 46.94 14.23
CA PRO B 1018 -6.14 47.18 15.60
C PRO B 1018 -6.21 48.65 15.97
N VAL B 1019 -5.41 49.51 15.34
CA VAL B 1019 -5.47 50.94 15.64
C VAL B 1019 -6.84 51.50 15.27
N ASP B 1020 -7.36 51.14 14.10
CA ASP B 1020 -8.69 51.59 13.70
C ASP B 1020 -9.76 51.04 14.63
N PHE B 1021 -9.64 49.78 15.04
CA PHE B 1021 -10.59 49.19 15.97
C PHE B 1021 -10.60 49.95 17.29
N GLY B 1022 -9.42 50.31 17.80
CA GLY B 1022 -9.37 51.08 19.03
C GLY B 1022 -9.92 52.48 18.87
N ASN B 1023 -9.63 53.12 17.73
CA ASN B 1023 -10.13 54.48 17.51
C ASN B 1023 -11.64 54.51 17.32
N SER B 1024 -12.22 53.41 16.83
CA SER B 1024 -13.66 53.38 16.58
C SER B 1024 -14.47 53.48 17.86
N TRP B 1025 -13.89 53.16 19.03
CA TRP B 1025 -14.59 53.20 20.30
C TRP B 1025 -14.20 54.41 21.13
N LYS B 1026 -13.81 55.51 20.48
CA LYS B 1026 -13.47 56.73 21.19
C LYS B 1026 -14.73 57.35 21.81
N VAL B 1027 -14.59 57.85 23.03
CA VAL B 1027 -15.73 58.44 23.73
C VAL B 1027 -15.85 59.92 23.39
N SER B 1028 -14.83 60.71 23.72
CA SER B 1028 -14.85 62.15 23.50
C SER B 1028 -14.11 62.48 22.22
N SER B 1029 -14.74 63.29 21.37
CA SER B 1029 -14.14 63.69 20.10
C SER B 1029 -13.13 64.83 20.25
N GLN B 1030 -13.02 65.43 21.43
CA GLN B 1030 -12.07 66.52 21.63
C GLN B 1030 -10.63 66.02 21.48
N CYS B 1031 -10.33 64.86 22.05
CA CYS B 1031 -9.00 64.30 21.96
C CYS B 1031 -8.69 63.87 20.53
N ALA B 1032 -7.42 63.99 20.14
CA ALA B 1032 -7.01 63.60 18.81
C ALA B 1032 -6.97 62.09 18.68
N ASP B 1033 -7.35 61.59 17.51
CA ASP B 1033 -7.35 60.17 17.25
C ASP B 1033 -5.92 59.65 17.13
N THR B 1034 -5.74 58.38 17.51
CA THR B 1034 -4.42 57.75 17.46
C THR B 1034 -4.08 57.40 16.02
N ARG B 1035 -3.01 57.99 15.50
CA ARG B 1035 -2.58 57.74 14.13
C ARG B 1035 -1.75 56.46 14.07
N LYS B 1036 -1.73 55.85 12.88
CA LYS B 1036 -0.96 54.62 12.69
C LYS B 1036 0.53 54.91 12.74
N VAL B 1037 1.25 54.15 13.55
CA VAL B 1037 2.69 54.30 13.70
C VAL B 1037 3.34 52.95 13.44
N PRO B 1038 4.44 52.87 12.70
CA PRO B 1038 5.13 51.60 12.50
C PRO B 1038 5.53 50.98 13.83
N LEU B 1039 5.36 49.66 13.92
CA LEU B 1039 5.63 48.95 15.18
C LEU B 1039 7.11 48.97 15.51
N ASP B 1040 7.49 49.70 16.55
CA ASP B 1040 8.87 49.74 17.01
C ASP B 1040 9.13 48.56 17.94
N SER B 1041 9.82 47.54 17.42
CA SER B 1041 10.11 46.36 18.23
C SER B 1041 11.02 46.71 19.41
N SER B 1042 12.02 47.56 19.18
CA SER B 1042 12.96 47.95 20.22
C SER B 1042 12.77 49.43 20.54
N PRO B 1043 12.12 49.76 21.67
CA PRO B 1043 11.97 51.18 22.04
C PRO B 1043 13.28 51.79 22.52
N ALA B 1044 13.21 53.02 23.01
CA ALA B 1044 14.38 53.83 23.33
C ALA B 1044 15.47 53.06 24.08
N THR B 1045 15.12 52.44 25.21
CA THR B 1045 16.12 51.73 25.99
C THR B 1045 16.67 50.52 25.23
N CYS B 1046 15.80 49.79 24.55
CA CYS B 1046 16.22 48.61 23.80
C CYS B 1046 16.68 48.91 22.38
N HIS B 1047 16.57 50.16 21.93
CA HIS B 1047 16.99 50.50 20.58
C HIS B 1047 18.51 50.56 20.51
N ASN B 1048 19.08 49.79 19.57
CA ASN B 1048 20.53 49.74 19.37
C ASN B 1048 21.27 49.37 20.64
N ASN B 1049 20.70 48.43 21.41
CA ASN B 1049 21.31 47.95 22.65
C ASN B 1049 21.02 46.46 22.74
N ILE B 1050 21.97 45.64 22.28
CA ILE B 1050 21.80 44.19 22.30
C ILE B 1050 21.77 43.67 23.72
N MET B 1051 22.60 44.23 24.60
CA MET B 1051 22.66 43.74 25.98
C MET B 1051 21.35 43.99 26.71
N LYS B 1052 20.74 45.16 26.52
CA LYS B 1052 19.47 45.46 27.18
C LYS B 1052 18.37 44.52 26.68
N GLN B 1053 18.33 44.26 25.38
CA GLN B 1053 17.35 43.32 24.84
C GLN B 1053 17.56 41.92 25.39
N THR B 1054 18.82 41.50 25.51
CA THR B 1054 19.12 40.19 26.09
C THR B 1054 18.65 40.12 27.54
N MET B 1055 18.89 41.18 28.31
CA MET B 1055 18.44 41.21 29.70
C MET B 1055 16.92 41.16 29.79
N VAL B 1056 16.24 41.89 28.91
CA VAL B 1056 14.77 41.88 28.91
C VAL B 1056 14.26 40.48 28.59
N ASP B 1057 14.84 39.83 27.58
CA ASP B 1057 14.41 38.49 27.21
C ASP B 1057 14.66 37.50 28.35
N SER B 1058 15.82 37.59 29.00
CA SER B 1058 16.11 36.71 30.13
C SER B 1058 15.15 36.94 31.28
N SER B 1059 14.82 38.20 31.56
CA SER B 1059 13.90 38.50 32.65
C SER B 1059 12.50 37.98 32.35
N CYS B 1060 12.05 38.10 31.10
CA CYS B 1060 10.71 37.61 30.75
C CYS B 1060 10.67 36.11 30.49
N ARG B 1061 11.83 35.46 30.38
CA ARG B 1061 11.84 34.00 30.21
C ARG B 1061 11.29 33.27 31.43
N ILE B 1062 11.17 33.96 32.58
CA ILE B 1062 10.68 33.33 33.79
C ILE B 1062 9.25 32.84 33.63
N LEU B 1063 8.48 33.43 32.71
CA LEU B 1063 7.10 33.00 32.50
C LEU B 1063 7.01 31.58 31.95
N THR B 1064 8.11 31.05 31.42
CA THR B 1064 8.16 29.68 30.92
C THR B 1064 9.15 28.83 31.70
N SER B 1065 9.46 29.22 32.93
CA SER B 1065 10.44 28.50 33.75
C SER B 1065 9.74 27.35 34.48
N ASP B 1066 10.46 26.74 35.44
CA ASP B 1066 9.93 25.59 36.16
C ASP B 1066 8.76 25.98 37.06
N VAL B 1067 8.79 27.17 37.66
CA VAL B 1067 7.71 27.58 38.55
C VAL B 1067 6.40 27.74 37.78
N PHE B 1068 6.47 28.21 36.53
CA PHE B 1068 5.30 28.36 35.68
C PHE B 1068 5.14 27.19 34.71
N GLN B 1069 5.83 26.07 34.95
CA GLN B 1069 5.71 24.92 34.06
C GLN B 1069 4.29 24.36 34.09
N ASP B 1070 3.67 24.30 35.26
CA ASP B 1070 2.31 23.79 35.37
C ASP B 1070 1.29 24.69 34.69
N CYS B 1071 1.65 25.94 34.40
CA CYS B 1071 0.72 26.87 33.77
C CYS B 1071 0.87 26.91 32.25
N ASN B 1072 1.99 26.44 31.71
CA ASN B 1072 2.20 26.49 30.26
C ASN B 1072 1.20 25.64 29.50
N LYS B 1073 0.57 24.65 30.17
CA LYS B 1073 -0.40 23.78 29.53
C LYS B 1073 -1.83 24.31 29.63
N LEU B 1074 -2.06 25.39 30.38
CA LEU B 1074 -3.39 25.93 30.58
C LEU B 1074 -3.56 27.34 30.02
N VAL B 1075 -2.62 28.24 30.31
CA VAL B 1075 -2.71 29.63 29.89
C VAL B 1075 -1.68 29.88 28.80
N ASP B 1076 -2.11 30.56 27.74
CA ASP B 1076 -1.21 30.85 26.62
C ASP B 1076 -0.13 31.82 27.07
N PRO B 1077 1.15 31.45 26.99
CA PRO B 1077 2.22 32.34 27.46
C PRO B 1077 2.73 33.33 26.43
N GLU B 1078 2.39 33.16 25.15
CA GLU B 1078 2.91 34.06 24.13
C GLU B 1078 2.47 35.51 24.33
N PRO B 1079 1.17 35.82 24.52
CA PRO B 1079 0.82 37.24 24.70
C PRO B 1079 1.40 37.85 25.96
N TYR B 1080 1.41 37.11 27.07
CA TYR B 1080 1.98 37.63 28.30
C TYR B 1080 3.48 37.87 28.15
N LEU B 1081 4.18 36.97 27.47
CA LEU B 1081 5.61 37.16 27.22
C LEU B 1081 5.86 38.37 26.34
N ASP B 1082 5.04 38.56 25.30
CA ASP B 1082 5.20 39.73 24.45
C ASP B 1082 4.97 41.01 25.22
N VAL B 1083 3.93 41.05 26.06
CA VAL B 1083 3.67 42.23 26.88
C VAL B 1083 4.82 42.48 27.84
N CYS B 1084 5.34 41.42 28.45
CA CYS B 1084 6.48 41.55 29.36
C CYS B 1084 7.67 42.16 28.65
N ILE B 1085 8.00 41.65 27.47
CA ILE B 1085 9.14 42.17 26.73
C ILE B 1085 8.93 43.63 26.35
N TYR B 1086 7.74 43.96 25.87
CA TYR B 1086 7.46 45.33 25.44
C TYR B 1086 7.53 46.30 26.61
N ASP B 1087 7.01 45.91 27.77
CA ASP B 1087 7.06 46.79 28.94
C ASP B 1087 8.45 46.89 29.54
N THR B 1088 9.21 45.79 29.59
CA THR B 1088 10.55 45.83 30.16
C THR B 1088 11.53 46.56 29.25
N CYS B 1089 11.26 46.58 27.94
CA CYS B 1089 12.11 47.34 27.04
C CYS B 1089 11.90 48.85 27.15
N SER B 1090 10.88 49.30 27.89
CA SER B 1090 10.70 50.71 28.17
C SER B 1090 11.23 51.11 29.54
N CYS B 1091 11.61 50.15 30.38
CA CYS B 1091 12.15 50.45 31.69
C CYS B 1091 13.65 50.68 31.64
N GLU B 1092 14.13 51.58 32.49
CA GLU B 1092 15.56 51.82 32.59
C GLU B 1092 16.28 50.70 33.30
N SER B 1093 15.70 50.18 34.38
CA SER B 1093 16.25 49.06 35.12
C SER B 1093 15.17 48.03 35.37
N ILE B 1094 15.59 46.76 35.40
CA ILE B 1094 14.63 45.67 35.57
C ILE B 1094 14.23 45.50 37.03
N GLY B 1095 15.12 45.84 37.97
CA GLY B 1095 14.82 45.64 39.37
C GLY B 1095 13.67 46.49 39.88
N ASP B 1096 13.61 47.75 39.45
CA ASP B 1096 12.56 48.67 39.88
C ASP B 1096 11.46 48.84 38.84
N CYS B 1097 11.44 48.00 37.80
CA CYS B 1097 10.44 48.11 36.75
C CYS B 1097 9.08 47.68 37.29
N ALA B 1098 8.19 48.65 37.50
CA ALA B 1098 6.87 48.34 38.03
C ALA B 1098 6.04 47.53 37.04
N ALA B 1099 6.13 47.86 35.75
CA ALA B 1099 5.36 47.14 34.74
C ALA B 1099 5.74 45.67 34.67
N PHE B 1100 7.04 45.37 34.80
CA PHE B 1100 7.51 43.99 34.77
C PHE B 1100 6.87 43.17 35.89
N CYS B 1101 6.96 43.68 37.12
CA CYS B 1101 6.38 42.99 38.26
C CYS B 1101 4.87 42.89 38.15
N ASP B 1102 4.21 43.95 37.66
CA ASP B 1102 2.76 43.92 37.51
C ASP B 1102 2.33 42.87 36.48
N THR B 1103 3.05 42.79 35.36
CA THR B 1103 2.72 41.80 34.35
C THR B 1103 2.92 40.38 34.88
N ILE B 1104 4.02 40.15 35.60
CA ILE B 1104 4.26 38.82 36.16
C ILE B 1104 3.19 38.48 37.19
N ALA B 1105 2.79 39.45 38.01
CA ALA B 1105 1.75 39.21 38.99
C ALA B 1105 0.41 38.89 38.33
N ALA B 1106 0.08 39.61 37.25
CA ALA B 1106 -1.15 39.32 36.53
C ALA B 1106 -1.12 37.92 35.92
N TYR B 1107 0.02 37.54 35.33
CA TYR B 1107 0.14 36.19 34.77
C TYR B 1107 0.01 35.13 35.86
N ALA B 1108 0.63 35.35 37.02
CA ALA B 1108 0.51 34.41 38.12
C ALA B 1108 -0.92 34.32 38.63
N HIS B 1109 -1.62 35.45 38.68
CA HIS B 1109 -3.03 35.43 39.09
C HIS B 1109 -3.87 34.63 38.10
N VAL B 1110 -3.62 34.82 36.80
CA VAL B 1110 -4.35 34.06 35.78
C VAL B 1110 -4.06 32.56 35.92
N CYS B 1111 -2.80 32.21 36.17
CA CYS B 1111 -2.44 30.81 36.36
C CYS B 1111 -3.14 30.23 37.59
N ALA B 1112 -3.17 30.99 38.69
CA ALA B 1112 -3.80 30.49 39.91
C ALA B 1112 -5.31 30.40 39.79
N GLN B 1113 -5.91 31.20 38.89
CA GLN B 1113 -7.35 31.08 38.67
C GLN B 1113 -7.73 29.72 38.12
N HIS B 1114 -6.80 29.03 37.47
CA HIS B 1114 -7.01 27.67 36.98
C HIS B 1114 -6.65 26.61 38.00
N GLY B 1115 -6.22 27.01 39.20
CA GLY B 1115 -5.88 26.08 40.25
C GLY B 1115 -4.40 25.88 40.47
N LYS B 1116 -3.55 26.40 39.58
CA LYS B 1116 -2.10 26.23 39.68
C LYS B 1116 -1.51 27.52 40.27
N VAL B 1117 -1.39 27.55 41.59
CA VAL B 1117 -0.81 28.69 42.28
C VAL B 1117 0.70 28.60 42.18
N VAL B 1118 1.34 29.71 41.80
CA VAL B 1118 2.79 29.78 41.63
C VAL B 1118 3.34 30.82 42.60
N THR B 1119 4.34 30.41 43.39
CA THR B 1119 5.02 31.30 44.33
C THR B 1119 6.31 31.78 43.69
N TRP B 1120 6.20 32.82 42.87
CA TRP B 1120 7.33 33.33 42.11
C TRP B 1120 8.05 34.48 42.79
N ARG B 1121 7.38 35.23 43.66
CA ARG B 1121 8.00 36.41 44.26
C ARG B 1121 9.14 36.01 45.19
N THR B 1122 10.17 36.84 45.19
CA THR B 1122 11.35 36.62 46.03
C THR B 1122 12.02 37.97 46.27
N ALA B 1123 12.91 37.99 47.25
CA ALA B 1123 13.62 39.22 47.59
C ALA B 1123 14.50 39.72 46.44
N THR B 1124 14.98 38.82 45.58
CA THR B 1124 15.81 39.22 44.45
C THR B 1124 15.01 39.82 43.31
N LEU B 1125 13.81 39.32 43.05
CA LEU B 1125 13.00 39.76 41.92
C LEU B 1125 11.62 40.15 42.44
N CYS B 1126 11.29 41.44 42.35
CA CYS B 1126 10.01 41.99 42.80
C CYS B 1126 9.73 41.60 44.26
N PRO B 1127 10.52 42.10 45.22
CA PRO B 1127 10.29 41.72 46.61
C PRO B 1127 9.03 42.35 47.17
N GLN B 1128 8.35 41.60 48.04
CA GLN B 1128 7.17 42.09 48.74
C GLN B 1128 7.17 41.54 50.15
N SER B 1129 6.79 42.38 51.11
CA SER B 1129 6.73 41.98 52.51
C SER B 1129 5.59 42.73 53.19
N CYS B 1130 5.09 42.14 54.27
CA CYS B 1130 4.00 42.72 55.05
C CYS B 1130 4.48 43.31 56.37
N GLU B 1131 5.78 43.45 56.56
CA GLU B 1131 6.32 43.99 57.80
C GLU B 1131 5.99 45.48 57.98
N GLU B 1132 5.68 46.18 56.89
CA GLU B 1132 5.35 47.60 57.00
C GLU B 1132 4.01 47.81 57.70
N ARG B 1133 3.07 46.88 57.54
CA ARG B 1133 1.77 46.98 58.16
C ARG B 1133 1.59 46.04 59.35
N ASN B 1134 2.59 45.21 59.66
CA ASN B 1134 2.52 44.27 60.77
C ASN B 1134 2.92 44.99 62.06
N LEU B 1135 2.02 45.87 62.51
CA LEU B 1135 2.25 46.65 63.73
C LEU B 1135 1.63 45.93 64.93
N ARG B 1136 2.23 44.78 65.25
CA ARG B 1136 1.76 43.99 66.39
C ARG B 1136 1.95 44.72 67.71
N GLU B 1137 3.08 45.43 67.86
CA GLU B 1137 3.37 46.16 69.10
C GLU B 1137 2.66 47.50 69.19
N ASN B 1138 1.95 47.91 68.14
CA ASN B 1138 1.25 49.19 68.13
C ASN B 1138 -0.24 49.03 68.45
N GLY B 1139 -0.62 47.92 69.07
CA GLY B 1139 -1.99 47.68 69.44
C GLY B 1139 -2.83 46.95 68.41
N TYR B 1140 -2.30 46.72 67.21
CA TYR B 1140 -3.03 45.98 66.18
C TYR B 1140 -2.84 44.50 66.41
N GLU B 1141 -3.91 43.82 66.79
CA GLU B 1141 -3.85 42.39 67.13
C GLU B 1141 -4.21 41.56 65.89
N ALA B 1142 -3.41 41.73 64.84
CA ALA B 1142 -3.59 41.00 63.59
C ALA B 1142 -2.23 40.55 63.09
N GLU B 1143 -2.22 39.45 62.35
CA GLU B 1143 -0.99 38.87 61.82
C GLU B 1143 -0.99 39.03 60.29
N TRP B 1144 -0.27 40.03 59.80
CA TRP B 1144 -0.22 40.28 58.36
C TRP B 1144 0.82 39.36 57.72
N ARG B 1145 0.36 38.46 56.84
CA ARG B 1145 1.22 37.50 56.19
C ARG B 1145 1.02 37.57 54.69
N TYR B 1146 2.11 37.39 53.94
CA TYR B 1146 2.04 37.37 52.49
C TYR B 1146 1.55 36.01 52.00
N ASN B 1147 0.67 36.02 51.00
CA ASN B 1147 0.14 34.81 50.41
C ASN B 1147 0.07 34.97 48.90
N SER B 1148 0.50 33.94 48.18
CA SER B 1148 0.44 33.97 46.73
C SER B 1148 -0.98 33.80 46.20
N CYS B 1149 -1.85 33.11 46.95
CA CYS B 1149 -3.24 32.98 46.57
C CYS B 1149 -4.05 32.72 47.83
N ALA B 1150 -4.73 33.76 48.32
CA ALA B 1150 -5.58 33.68 49.50
C ALA B 1150 -6.97 34.22 49.17
N PRO B 1151 -8.01 33.70 49.83
CA PRO B 1151 -9.38 34.11 49.48
C PRO B 1151 -9.59 35.61 49.64
N ALA B 1152 -10.29 36.20 48.68
CA ALA B 1152 -10.52 37.63 48.66
C ALA B 1152 -11.86 38.03 49.28
N CYS B 1153 -12.68 37.06 49.69
CA CYS B 1153 -13.98 37.33 50.28
C CYS B 1153 -14.04 36.84 51.72
N GLN B 1154 -12.96 37.04 52.47
CA GLN B 1154 -12.94 36.69 53.87
C GLN B 1154 -13.89 37.59 54.65
N VAL B 1155 -14.54 37.03 55.67
CA VAL B 1155 -15.51 37.77 56.46
C VAL B 1155 -14.79 38.79 57.33
N THR B 1156 -15.22 40.04 57.25
CA THR B 1156 -14.66 41.14 58.03
C THR B 1156 -15.80 41.93 58.66
N CYS B 1157 -15.45 42.96 59.43
CA CYS B 1157 -16.47 43.84 59.99
C CYS B 1157 -17.23 44.56 58.89
N GLN B 1158 -16.53 45.02 57.86
CA GLN B 1158 -17.17 45.73 56.75
C GLN B 1158 -17.93 44.79 55.82
N HIS B 1159 -17.51 43.53 55.73
CA HIS B 1159 -18.16 42.52 54.89
C HIS B 1159 -18.42 41.27 55.73
N PRO B 1160 -19.41 41.31 56.62
CA PRO B 1160 -19.69 40.14 57.46
C PRO B 1160 -20.37 39.02 56.69
N GLU B 1161 -21.19 39.38 55.71
CA GLU B 1161 -21.91 38.40 54.91
C GLU B 1161 -21.01 37.87 53.80
N PRO B 1162 -20.91 36.55 53.65
CA PRO B 1162 -20.09 35.98 52.57
C PRO B 1162 -20.59 36.45 51.21
N LEU B 1163 -19.64 36.70 50.32
CA LEU B 1163 -19.94 37.23 48.99
C LEU B 1163 -19.44 36.26 47.93
N ALA B 1164 -20.10 36.28 46.78
CA ALA B 1164 -19.70 35.44 45.65
C ALA B 1164 -18.43 35.99 45.01
N CYS B 1165 -17.29 35.46 45.42
CA CYS B 1165 -16.02 35.97 44.90
C CYS B 1165 -15.85 35.56 43.44
N PRO B 1166 -15.61 36.52 42.53
CA PRO B 1166 -15.38 36.15 41.13
C PRO B 1166 -14.10 35.36 40.92
N VAL B 1167 -13.11 35.50 41.80
CA VAL B 1167 -11.85 34.78 41.70
C VAL B 1167 -11.72 33.89 42.93
N GLN B 1168 -11.01 32.77 42.75
CA GLN B 1168 -10.83 31.81 43.84
C GLN B 1168 -9.97 32.40 44.95
N CYS B 1169 -8.85 33.02 44.58
CA CYS B 1169 -7.95 33.61 45.56
C CYS B 1169 -7.09 34.66 44.88
N VAL B 1170 -6.48 35.53 45.70
CA VAL B 1170 -5.66 36.63 45.22
C VAL B 1170 -4.35 36.65 46.00
N GLU B 1171 -3.38 37.37 45.44
CA GLU B 1171 -2.05 37.50 46.03
C GLU B 1171 -1.92 38.82 46.78
N GLY B 1172 -1.22 38.77 47.91
CA GLY B 1172 -0.94 39.96 48.68
C GLY B 1172 -0.87 39.65 50.16
N CYS B 1173 -0.93 40.71 50.96
CA CYS B 1173 -0.87 40.59 52.41
C CYS B 1173 -2.28 40.44 52.98
N HIS B 1174 -2.49 39.39 53.77
CA HIS B 1174 -3.75 39.12 54.41
C HIS B 1174 -3.54 39.06 55.93
N ALA B 1175 -4.53 39.55 56.67
CA ALA B 1175 -4.43 39.64 58.13
C ALA B 1175 -5.12 38.43 58.75
N HIS B 1176 -4.32 37.42 59.10
CA HIS B 1176 -4.82 36.29 59.86
C HIS B 1176 -5.14 36.74 61.28
N CYS B 1177 -6.19 36.14 61.84
CA CYS B 1177 -6.72 36.47 63.16
C CYS B 1177 -6.77 35.22 64.03
N PRO B 1178 -6.73 35.38 65.35
CA PRO B 1178 -6.95 34.24 66.24
C PRO B 1178 -8.34 33.67 66.03
N PRO B 1179 -8.52 32.36 66.25
CA PRO B 1179 -9.83 31.75 66.01
C PRO B 1179 -10.91 32.40 66.84
N GLY B 1180 -12.09 32.58 66.23
CA GLY B 1180 -13.20 33.24 66.86
C GLY B 1180 -13.22 34.75 66.71
N LYS B 1181 -12.24 35.34 66.04
CA LYS B 1181 -12.16 36.77 65.85
C LYS B 1181 -12.44 37.14 64.39
N ILE B 1182 -12.73 38.42 64.17
CA ILE B 1182 -13.06 38.96 62.86
C ILE B 1182 -12.22 40.20 62.62
N LEU B 1183 -11.66 40.29 61.41
CA LEU B 1183 -10.83 41.44 61.07
C LEU B 1183 -11.68 42.68 60.81
N ASP B 1184 -11.15 43.84 61.19
CA ASP B 1184 -11.77 45.13 60.91
C ASP B 1184 -10.75 45.99 60.18
N GLU B 1185 -11.13 46.46 58.99
CA GLU B 1185 -10.25 47.29 58.18
C GLU B 1185 -10.18 48.72 58.69
N LEU B 1186 -11.27 49.25 59.25
CA LEU B 1186 -11.23 50.60 59.80
C LEU B 1186 -10.26 50.70 60.97
N LEU B 1187 -10.25 49.69 61.84
CA LEU B 1187 -9.27 49.61 62.91
C LEU B 1187 -8.06 48.75 62.55
N GLN B 1188 -8.11 48.03 61.42
CA GLN B 1188 -7.01 47.20 60.96
C GLN B 1188 -6.59 46.18 62.02
N THR B 1189 -7.56 45.59 62.71
CA THR B 1189 -7.24 44.69 63.81
C THR B 1189 -8.34 43.67 63.97
N CYS B 1190 -8.01 42.57 64.67
CA CYS B 1190 -8.96 41.50 64.92
C CYS B 1190 -9.73 41.79 66.20
N VAL B 1191 -11.06 41.77 66.12
CA VAL B 1191 -11.93 42.04 67.25
C VAL B 1191 -12.95 40.91 67.38
N ASP B 1192 -13.84 41.04 68.34
CA ASP B 1192 -14.90 40.05 68.52
C ASP B 1192 -15.93 40.17 67.40
N PRO B 1193 -16.59 39.07 67.05
CA PRO B 1193 -17.61 39.14 66.00
C PRO B 1193 -18.75 40.09 66.32
N GLU B 1194 -19.11 40.24 67.59
CA GLU B 1194 -20.19 41.14 67.99
C GLU B 1194 -19.74 42.60 68.05
N ASP B 1195 -18.43 42.86 67.97
CA ASP B 1195 -17.94 44.22 68.05
C ASP B 1195 -18.04 44.97 66.73
N CYS B 1196 -18.28 44.27 65.63
CA CYS B 1196 -18.43 44.95 64.34
C CYS B 1196 -19.73 45.76 64.33
N PRO B 1197 -19.70 46.98 63.79
CA PRO B 1197 -20.96 47.74 63.65
C PRO B 1197 -21.80 47.19 62.51
N VAL B 1198 -22.46 46.06 62.74
CA VAL B 1198 -23.17 45.33 61.71
C VAL B 1198 -24.62 45.11 62.15
N CYS B 1199 -25.55 45.44 61.26
CA CYS B 1199 -26.96 45.12 61.45
C CYS B 1199 -27.30 43.83 60.70
N GLU B 1200 -28.44 43.24 61.06
CA GLU B 1200 -28.89 42.01 60.44
C GLU B 1200 -30.36 42.14 60.05
N VAL B 1201 -30.66 41.82 58.80
CA VAL B 1201 -32.03 41.86 58.30
C VAL B 1201 -32.23 40.72 57.31
N ALA B 1202 -33.33 39.98 57.49
CA ALA B 1202 -33.70 38.88 56.60
C ALA B 1202 -32.58 37.84 56.48
N GLY B 1203 -31.85 37.63 57.58
CA GLY B 1203 -30.76 36.68 57.60
C GLY B 1203 -29.47 37.17 56.99
N ARG B 1204 -29.41 38.40 56.50
CA ARG B 1204 -28.21 38.96 55.90
C ARG B 1204 -27.62 40.03 56.83
N ARG B 1205 -26.33 39.94 57.07
CA ARG B 1205 -25.63 40.89 57.93
C ARG B 1205 -24.83 41.88 57.09
N PHE B 1206 -24.99 43.16 57.39
CA PHE B 1206 -24.31 44.22 56.63
C PHE B 1206 -23.78 45.26 57.60
N ALA B 1207 -22.60 45.79 57.28
CA ALA B 1207 -21.93 46.74 58.15
C ALA B 1207 -22.68 48.06 58.19
N SER B 1208 -22.21 48.95 59.06
CA SER B 1208 -22.84 50.27 59.22
C SER B 1208 -22.63 51.11 57.97
N GLY B 1209 -23.64 51.93 57.66
CA GLY B 1209 -23.60 52.80 56.51
C GLY B 1209 -24.04 52.18 55.21
N LYS B 1210 -24.35 50.89 55.20
CA LYS B 1210 -24.78 50.22 53.97
C LYS B 1210 -26.30 50.25 53.84
N LYS B 1211 -26.76 50.30 52.60
CA LYS B 1211 -28.19 50.31 52.28
C LYS B 1211 -28.59 48.94 51.74
N VAL B 1212 -29.64 48.36 52.30
CA VAL B 1212 -30.14 47.05 51.90
C VAL B 1212 -31.55 47.21 51.36
N THR B 1213 -31.80 46.68 50.18
CA THR B 1213 -33.10 46.77 49.52
C THR B 1213 -33.81 45.43 49.61
N LEU B 1214 -35.03 45.44 50.11
CA LEU B 1214 -35.87 44.25 50.23
C LEU B 1214 -37.08 44.39 49.33
N ASN B 1215 -37.35 43.36 48.51
CA ASN B 1215 -38.41 43.34 47.52
C ASN B 1215 -38.30 44.53 46.58
N PRO B 1216 -37.25 44.60 45.74
CA PRO B 1216 -37.13 45.74 44.82
C PRO B 1216 -38.28 45.83 43.84
N SER B 1217 -38.83 44.70 43.41
CA SER B 1217 -39.89 44.68 42.40
C SER B 1217 -41.28 44.69 43.02
N ASP B 1218 -41.39 44.76 44.33
CA ASP B 1218 -42.69 44.77 45.02
C ASP B 1218 -42.85 46.10 45.74
N PRO B 1219 -43.59 47.06 45.18
CA PRO B 1219 -43.78 48.34 45.88
C PRO B 1219 -44.44 48.21 47.24
N GLU B 1220 -45.33 47.24 47.42
CA GLU B 1220 -46.01 47.04 48.69
C GLU B 1220 -45.10 46.43 49.76
N HIS B 1221 -43.96 45.85 49.36
CA HIS B 1221 -43.03 45.25 50.31
C HIS B 1221 -41.61 45.77 50.15
N CYS B 1222 -41.40 46.79 49.31
CA CYS B 1222 -40.07 47.37 49.15
C CYS B 1222 -39.67 48.09 50.42
N GLN B 1223 -38.46 47.81 50.92
CA GLN B 1223 -37.95 48.45 52.12
C GLN B 1223 -36.47 48.74 51.95
N ILE B 1224 -36.05 49.94 52.34
CA ILE B 1224 -34.64 50.33 52.35
C ILE B 1224 -34.19 50.40 53.80
N CYS B 1225 -33.19 49.59 54.15
CA CYS B 1225 -32.71 49.48 55.51
C CYS B 1225 -31.29 50.01 55.61
N HIS B 1226 -31.04 50.77 56.67
CA HIS B 1226 -29.74 51.37 56.95
C HIS B 1226 -29.29 51.00 58.36
N CYS B 1227 -27.98 51.01 58.56
CA CYS B 1227 -27.35 50.70 59.84
C CYS B 1227 -26.51 51.89 60.26
N ASP B 1228 -26.94 52.58 61.32
CA ASP B 1228 -26.17 53.73 61.80
C ASP B 1228 -24.91 53.27 62.50
N VAL B 1229 -25.07 52.51 63.58
CA VAL B 1229 -23.95 51.82 64.22
C VAL B 1229 -24.35 50.37 64.44
N VAL B 1230 -25.32 50.16 65.33
CA VAL B 1230 -25.88 48.84 65.57
C VAL B 1230 -27.39 48.80 65.39
N ASN B 1231 -28.07 49.93 65.48
CA ASN B 1231 -29.52 49.97 65.28
C ASN B 1231 -29.84 49.90 63.79
N LEU B 1232 -30.89 49.17 63.45
CA LEU B 1232 -31.35 49.01 62.07
C LEU B 1232 -32.60 49.85 61.85
N THR B 1233 -32.60 50.66 60.80
CA THR B 1233 -33.73 51.51 60.47
C THR B 1233 -34.18 51.23 59.05
N CYS B 1234 -35.41 50.75 58.89
CA CYS B 1234 -35.96 50.42 57.58
C CYS B 1234 -37.11 51.37 57.27
N GLU B 1235 -37.15 51.85 56.03
CA GLU B 1235 -38.17 52.78 55.58
C GLU B 1235 -38.77 52.30 54.26
N ALA B 1236 -40.04 52.64 54.06
CA ALA B 1236 -40.73 52.25 52.83
C ALA B 1236 -40.16 53.02 51.63
N CYS B 1237 -40.05 52.32 50.51
CA CYS B 1237 -39.52 52.94 49.30
C CYS B 1237 -40.52 53.94 48.73
N GLN B 1238 -40.00 55.06 48.24
CA GLN B 1238 -40.84 56.11 47.68
C GLN B 1238 -41.19 55.78 46.23
N GLU B 1239 -42.48 55.82 45.91
CA GLU B 1239 -42.93 55.55 44.56
C GLU B 1239 -42.71 56.77 43.68
N PRO B 1240 -42.00 56.64 42.55
CA PRO B 1240 -41.78 57.80 41.68
C PRO B 1240 -43.06 58.35 41.06
N GLY B 1241 -44.11 57.54 40.95
CA GLY B 1241 -45.36 58.00 40.37
C GLY B 1241 -46.23 56.86 39.88
C1 NAG C . -5.87 -3.82 7.18
C2 NAG C . -5.43 -3.04 8.42
C3 NAG C . -3.93 -2.78 8.38
C4 NAG C . -3.16 -4.06 8.13
C5 NAG C . -3.71 -4.78 6.91
C6 NAG C . -3.09 -6.15 6.68
C7 NAG C . -7.40 -1.70 9.03
C8 NAG C . -7.99 -0.32 9.08
N2 NAG C . -6.16 -1.78 8.54
O3 NAG C . -3.53 -2.20 9.62
O4 NAG C . -1.80 -3.72 7.89
O5 NAG C . -5.12 -5.01 7.07
O6 NAG C . -3.96 -7.18 7.10
O7 NAG C . -8.02 -2.68 9.43
C1 NAG C . -0.88 -4.48 8.74
C2 NAG C . 0.53 -4.13 8.27
C3 NAG C . 1.55 -4.90 9.10
C4 NAG C . 1.33 -4.63 10.58
C5 NAG C . -0.12 -4.89 10.98
C6 NAG C . -0.43 -4.47 12.39
C7 NAG C . 0.31 -3.58 5.89
C8 NAG C . 0.55 -4.04 4.49
N2 NAG C . 0.69 -4.43 6.86
O3 NAG C . 2.86 -4.50 8.72
O4 NAG C . 2.17 -5.49 11.35
O5 NAG C . -1.02 -4.15 10.13
O6 NAG C . -1.25 -5.44 13.06
O7 NAG C . -0.21 -2.50 6.14
C1 BMA C . 3.28 -4.76 11.93
C2 BMA C . 3.67 -5.47 13.24
C3 BMA C . 4.95 -4.89 13.81
C4 BMA C . 6.05 -4.80 12.73
C5 BMA C . 5.53 -4.01 11.53
C6 BMA C . 6.56 -3.89 10.42
O2 BMA C . 3.93 -6.85 12.98
O3 BMA C . 5.42 -5.64 14.92
O4 BMA C . 7.19 -4.15 13.26
O5 BMA C . 4.38 -4.69 11.01
O6 BMA C . 7.00 -5.19 10.08
C1 NAG D . 22.59 -25.95 -42.24
C2 NAG D . 22.72 -25.21 -43.57
C3 NAG D . 21.40 -25.23 -44.32
C4 NAG D . 20.89 -26.65 -44.46
C5 NAG D . 20.82 -27.33 -43.09
C6 NAG D . 20.45 -28.78 -43.17
C7 NAG D . 22.55 -22.90 -42.69
C8 NAG D . 23.22 -21.56 -42.63
N2 NAG D . 23.20 -23.85 -43.38
O3 NAG D . 21.57 -24.64 -45.61
O4 NAG D . 19.59 -26.66 -45.05
O5 NAG D . 22.12 -27.28 -42.47
O6 NAG D . 21.44 -29.61 -42.58
O7 NAG D . 21.47 -23.11 -42.15
C1 NAG E . -33.80 -19.41 -16.48
C2 NAG E . -34.61 -19.59 -17.77
C3 NAG E . -34.82 -18.23 -18.45
C4 NAG E . -35.44 -17.25 -17.47
C5 NAG E . -34.60 -17.16 -16.20
C6 NAG E . -35.22 -16.29 -15.13
C7 NAG E . -34.38 -21.76 -18.89
C8 NAG E . -35.61 -22.18 -18.13
N2 NAG E . -33.96 -20.52 -18.68
O3 NAG E . -35.66 -18.40 -19.59
O4 NAG E . -35.51 -15.96 -18.07
O5 NAG E . -34.45 -18.47 -15.63
O6 NAG E . -34.86 -16.72 -13.83
O7 NAG E . -33.80 -22.52 -19.65
CA CA F . 13.05 4.47 -16.39
ZN ZN G . 14.83 -27.06 -31.24
CU CU H . 3.82 -15.27 -23.27
C1 NAG I . -29.50 14.20 36.95
C2 NAG I . -30.82 13.58 36.50
C3 NAG I . -31.94 13.96 37.47
C4 NAG I . -31.56 13.62 38.91
C5 NAG I . -30.21 14.25 39.25
C6 NAG I . -29.71 13.85 40.62
C7 NAG I . -31.38 15.21 34.73
C8 NAG I . -31.72 15.38 33.28
N2 NAG I . -31.16 13.96 35.14
O3 NAG I . -33.14 13.28 37.11
O4 NAG I . -32.55 14.11 39.80
O5 NAG I . -29.21 13.82 38.31
O6 NAG I . -29.07 12.58 40.59
O7 NAG I . -31.31 16.17 35.49
CA CA J . -15.46 37.84 19.14
#